data_3NB2
#
_entry.id   3NB2
#
_cell.length_a   177.013
_cell.length_b   124.203
_cell.length_c   154.900
_cell.angle_alpha   90.00
_cell.angle_beta   107.60
_cell.angle_gamma   90.00
#
_symmetry.space_group_name_H-M   'C 1 2 1'
#
loop_
_entity.id
_entity.type
_entity.pdbx_description
1 polymer 'secreted effector protein'
2 non-polymer GLYCEROL
3 non-polymer '2-(N-MORPHOLINO)-ETHANESULFONIC ACID'
4 non-polymer 'SULFATE ION'
5 non-polymer 2,3-DIHYDROXY-1,4-DITHIOBUTANE
6 water water
#
_entity_poly.entity_id   1
_entity_poly.type   'polypeptide(L)'
_entity_poly.pdbx_seq_one_letter_code
;SQGRACLSKAELTADLIWLSANRTGEESAEELNYSGCDLSGLSLVGLNLSSVNFSGAVLDDTDLRMSDLSQAVLENCSFK
NSILNECNFCYANLSNCIIRALFENSNFSNSNLKNASFKGSSYIQYPPILNEADLTGAIIIPGMVLSGAILGDVKELFSE
KSNTINLGGCYIDLSDIQENILSVLDNYTKSNKSILLTMNTSDDKYNHDKVRAAEELIKKISLDELAAFRPYVKMSLADS
FSIHPYLNNANIQQWLEPICDDFFDTIMSWFNNSIMMYMENGSLLQAGMYFERHPGAMVSYNSSFIQIVMNGSRRDGMQE
RFRELYEVYLKNEKVYPVTQQSDFGLCDGSGKPDWDDDSDLAYNWVLLSSQDDGMAMMCSLSHMVDMLSPNTSTNWMSFF
LYKDGEVQNTFGYSLSNLFSESFPIFSIPYHKAFSQNFVSGILDILISDNELKERFIEALNSNKSDYKMIADDQQRKLAC
VWNPFLDGWELNAQHVDMIMGSHVLKDMPLRKQAEILFCLGGVFCKYSSSDMFGTEYDSPEILRRYANGLIEQAYKTDPQ
VFGSVYYYNDILDRLQGRNNVFTCTAVLTDMLTEHAKESFPEIFSLYYPVAWR
;
_entity_poly.pdbx_strand_id   A,B,C,D
#
loop_
_chem_comp.id
_chem_comp.type
_chem_comp.name
_chem_comp.formula
DTT non-polymer 2,3-DIHYDROXY-1,4-DITHIOBUTANE 'C4 H10 O2 S2'
GOL non-polymer GLYCEROL 'C3 H8 O3'
MES non-polymer '2-(N-MORPHOLINO)-ETHANESULFONIC ACID' 'C6 H13 N O4 S'
SO4 non-polymer 'SULFATE ION' 'O4 S -2'
#
# COMPACT_ATOMS: atom_id res chain seq x y z
N GLN A 2 -13.79 29.79 -62.64
CA GLN A 2 -12.96 29.60 -63.82
C GLN A 2 -13.36 28.43 -64.75
N GLY A 3 -14.00 27.38 -64.22
CA GLY A 3 -14.31 27.26 -62.80
C GLY A 3 -15.77 27.01 -62.50
N ARG A 4 -16.56 26.74 -63.54
CA ARG A 4 -17.97 26.43 -63.33
C ARG A 4 -18.16 24.93 -63.12
N ALA A 5 -19.11 24.57 -62.27
CA ALA A 5 -19.35 23.18 -61.90
C ALA A 5 -19.44 22.26 -63.11
N CYS A 6 -20.23 22.65 -64.11
CA CYS A 6 -20.47 21.81 -65.27
C CYS A 6 -19.62 22.18 -66.48
N LEU A 7 -18.49 21.49 -66.62
CA LEU A 7 -17.68 21.55 -67.83
C LEU A 7 -16.99 20.21 -68.01
N SER A 8 -16.37 20.02 -69.18
CA SER A 8 -15.55 18.85 -69.38
C SER A 8 -14.31 18.97 -68.53
N LYS A 9 -13.79 17.83 -68.09
CA LYS A 9 -12.58 17.80 -67.28
C LYS A 9 -11.38 18.27 -68.10
N ALA A 10 -11.46 18.13 -69.42
CA ALA A 10 -10.38 18.54 -70.31
C ALA A 10 -10.23 20.06 -70.31
N GLU A 11 -11.35 20.76 -70.17
CA GLU A 11 -11.34 22.22 -70.09
C GLU A 11 -10.89 22.70 -68.71
N LEU A 12 -11.51 22.15 -67.67
CA LEU A 12 -11.01 22.36 -66.31
C LEU A 12 -9.51 22.14 -66.27
N THR A 13 -9.05 21.14 -67.02
CA THR A 13 -7.63 20.78 -67.04
C THR A 13 -6.80 21.90 -67.66
N ALA A 14 -7.12 22.24 -68.92
CA ALA A 14 -6.45 23.34 -69.61
C ALA A 14 -6.55 24.62 -68.78
N ASP A 15 -7.74 24.89 -68.24
CA ASP A 15 -7.92 26.07 -67.43
C ASP A 15 -6.91 26.09 -66.30
N LEU A 16 -6.87 25.00 -65.53
CA LEU A 16 -5.99 24.90 -64.36
C LEU A 16 -4.52 24.94 -64.75
N ILE A 17 -4.15 24.29 -65.85
CA ILE A 17 -2.74 24.26 -66.23
C ILE A 17 -2.29 25.65 -66.64
N TRP A 18 -3.22 26.43 -67.17
CA TRP A 18 -2.88 27.80 -67.56
C TRP A 18 -3.03 28.78 -66.40
N LEU A 19 -4.10 28.65 -65.62
CA LEU A 19 -4.16 29.33 -64.35
C LEU A 19 -2.80 29.22 -63.67
N SER A 20 -2.29 28.00 -63.57
CA SER A 20 -1.00 27.76 -62.96
C SER A 20 0.12 28.46 -63.74
N ALA A 21 0.03 28.41 -65.07
CA ALA A 21 1.05 29.01 -65.93
C ALA A 21 1.16 30.54 -65.78
N ASN A 22 0.05 31.19 -65.42
CA ASN A 22 0.09 32.64 -65.19
C ASN A 22 -0.63 33.09 -63.92
N ARG A 23 -0.20 32.59 -62.75
CA ARG A 23 -0.79 33.04 -61.49
C ARG A 23 -0.41 34.49 -61.22
N THR A 24 -1.36 35.28 -60.72
CA THR A 24 -1.10 36.68 -60.40
C THR A 24 -0.82 36.84 -58.91
N GLY A 25 -1.56 36.09 -58.10
CA GLY A 25 -1.51 36.24 -56.65
C GLY A 25 -2.67 37.10 -56.19
N GLU A 26 -3.13 37.97 -57.07
CA GLU A 26 -4.27 38.84 -56.78
C GLU A 26 -5.52 38.39 -57.53
N GLU A 27 -5.64 37.08 -57.76
CA GLU A 27 -6.79 36.53 -58.49
C GLU A 27 -8.12 36.87 -57.80
N SER A 28 -9.20 36.82 -58.59
CA SER A 28 -10.52 37.15 -58.07
C SER A 28 -11.18 35.94 -57.45
N ALA A 29 -12.28 36.17 -56.73
CA ALA A 29 -13.04 35.09 -56.10
C ALA A 29 -13.62 34.15 -57.14
N GLU A 30 -13.95 34.68 -58.31
CA GLU A 30 -14.56 33.90 -59.38
C GLU A 30 -13.54 33.07 -60.15
N GLU A 31 -12.37 33.66 -60.40
CA GLU A 31 -11.30 32.97 -61.09
C GLU A 31 -10.75 31.82 -60.25
N LEU A 32 -10.87 31.96 -58.94
CA LEU A 32 -10.37 30.96 -57.99
C LEU A 32 -11.43 29.91 -57.67
N ASN A 33 -12.63 30.10 -58.19
CA ASN A 33 -13.70 29.17 -57.86
C ASN A 33 -13.75 27.93 -58.73
N TYR A 34 -13.40 26.78 -58.16
CA TYR A 34 -13.64 25.50 -58.79
C TYR A 34 -14.42 24.59 -57.85
N SER A 35 -15.35 25.16 -57.11
CA SER A 35 -16.09 24.41 -56.08
C SER A 35 -17.10 23.43 -56.66
N GLY A 36 -17.34 22.33 -55.94
CA GLY A 36 -18.23 21.28 -56.42
C GLY A 36 -17.79 20.59 -57.70
N CYS A 37 -16.66 21.02 -58.27
CA CYS A 37 -16.16 20.44 -59.52
C CYS A 37 -15.74 19.00 -59.38
N ASP A 38 -15.98 18.21 -60.43
CA ASP A 38 -15.49 16.85 -60.47
C ASP A 38 -14.15 16.85 -61.20
N LEU A 39 -13.07 16.62 -60.46
CA LEU A 39 -11.75 16.59 -61.07
C LEU A 39 -11.14 15.20 -61.00
N SER A 40 -12.00 14.20 -60.82
CA SER A 40 -11.54 12.83 -60.66
C SER A 40 -10.78 12.29 -61.89
N GLY A 41 -9.86 11.36 -61.65
CA GLY A 41 -9.15 10.69 -62.71
C GLY A 41 -8.09 11.55 -63.37
N LEU A 42 -7.84 12.73 -62.80
CA LEU A 42 -6.99 13.71 -63.48
C LEU A 42 -5.52 13.63 -63.12
N SER A 43 -4.71 14.39 -63.86
CA SER A 43 -3.31 14.53 -63.51
C SER A 43 -2.94 16.01 -63.32
N LEU A 44 -3.14 16.48 -62.09
CA LEU A 44 -2.86 17.86 -61.74
C LEU A 44 -1.51 17.93 -61.06
N VAL A 45 -0.48 17.55 -61.79
CA VAL A 45 0.85 17.39 -61.21
C VAL A 45 1.67 18.64 -61.40
N GLY A 46 2.36 19.05 -60.34
CA GLY A 46 3.21 20.22 -60.38
C GLY A 46 2.48 21.50 -60.76
N LEU A 47 1.21 21.60 -60.40
CA LEU A 47 0.40 22.79 -60.69
C LEU A 47 0.38 23.77 -59.51
N ASN A 48 0.60 25.05 -59.81
CA ASN A 48 0.56 26.10 -58.80
C ASN A 48 -0.85 26.54 -58.48
N LEU A 49 -1.52 25.85 -57.57
CA LEU A 49 -2.93 26.12 -57.26
C LEU A 49 -3.16 26.70 -55.88
N SER A 50 -2.23 27.52 -55.42
CA SER A 50 -2.38 28.15 -54.12
C SER A 50 -3.60 29.06 -54.07
N SER A 51 -4.38 28.94 -53.00
CA SER A 51 -5.55 29.80 -52.76
C SER A 51 -6.79 29.39 -53.55
N VAL A 52 -6.71 28.28 -54.26
CA VAL A 52 -7.86 27.80 -55.05
C VAL A 52 -8.96 27.32 -54.13
N ASN A 53 -10.20 27.37 -54.61
CA ASN A 53 -11.32 26.99 -53.76
C ASN A 53 -12.04 25.75 -54.29
N PHE A 54 -11.51 24.58 -53.98
CA PHE A 54 -12.08 23.32 -54.46
C PHE A 54 -13.12 22.81 -53.49
N SER A 55 -13.80 23.71 -52.79
CA SER A 55 -14.73 23.30 -51.75
C SER A 55 -15.78 22.28 -52.21
N GLY A 56 -16.01 21.25 -51.41
CA GLY A 56 -17.04 20.27 -51.69
C GLY A 56 -16.86 19.50 -52.98
N ALA A 57 -15.72 19.69 -53.63
CA ALA A 57 -15.41 19.06 -54.90
C ALA A 57 -15.01 17.58 -54.76
N VAL A 58 -14.48 17.03 -55.85
CA VAL A 58 -14.10 15.62 -55.89
C VAL A 58 -12.79 15.41 -56.64
N LEU A 59 -11.78 14.93 -55.91
CA LEU A 59 -10.46 14.74 -56.51
C LEU A 59 -9.97 13.30 -56.42
N ASP A 60 -10.92 12.38 -56.24
CA ASP A 60 -10.65 10.95 -56.31
C ASP A 60 -9.77 10.58 -57.51
N ASP A 61 -8.87 9.63 -57.29
CA ASP A 61 -8.08 9.03 -58.34
C ASP A 61 -7.24 10.06 -59.08
N THR A 62 -7.04 11.21 -58.45
CA THR A 62 -6.28 12.27 -59.08
C THR A 62 -4.84 12.28 -58.61
N ASP A 63 -3.93 12.50 -59.54
CA ASP A 63 -2.51 12.62 -59.23
C ASP A 63 -2.20 14.09 -58.96
N LEU A 64 -2.03 14.44 -57.69
CA LEU A 64 -1.79 15.82 -57.29
C LEU A 64 -0.33 16.10 -56.92
N ARG A 65 0.54 15.14 -57.22
CA ARG A 65 1.93 15.18 -56.77
C ARG A 65 2.71 16.44 -57.12
N MET A 66 3.39 16.96 -56.11
CA MET A 66 4.27 18.11 -56.26
C MET A 66 3.48 19.38 -56.53
N SER A 67 2.17 19.28 -56.48
CA SER A 67 1.32 20.46 -56.64
C SER A 67 1.34 21.36 -55.39
N ASP A 68 0.99 22.62 -55.58
CA ASP A 68 0.94 23.60 -54.51
C ASP A 68 -0.51 23.94 -54.26
N LEU A 69 -1.06 23.40 -53.18
CA LEU A 69 -2.40 23.73 -52.75
C LEU A 69 -2.39 24.50 -51.44
N SER A 70 -1.33 25.26 -51.18
CA SER A 70 -1.28 26.06 -49.95
C SER A 70 -2.40 27.08 -49.91
N GLN A 71 -2.96 27.26 -48.71
CA GLN A 71 -4.06 28.22 -48.51
C GLN A 71 -5.31 27.86 -49.30
N ALA A 72 -5.29 26.75 -50.04
CA ALA A 72 -6.48 26.30 -50.77
C ALA A 72 -7.63 26.02 -49.83
N VAL A 73 -8.85 26.21 -50.32
CA VAL A 73 -10.03 25.89 -49.54
C VAL A 73 -10.57 24.55 -50.01
N LEU A 74 -10.22 23.49 -49.28
CA LEU A 74 -10.45 22.14 -49.75
C LEU A 74 -11.51 21.46 -48.91
N GLU A 75 -12.25 22.26 -48.16
CA GLU A 75 -13.21 21.74 -47.19
C GLU A 75 -14.32 20.89 -47.82
N ASN A 76 -14.59 19.77 -47.17
CA ASN A 76 -15.65 18.86 -47.58
C ASN A 76 -15.33 18.11 -48.87
N CYS A 77 -14.07 18.20 -49.29
CA CYS A 77 -13.61 17.49 -50.47
C CYS A 77 -13.55 15.97 -50.31
N SER A 78 -13.17 15.32 -51.40
CA SER A 78 -12.96 13.88 -51.39
C SER A 78 -11.67 13.60 -52.13
N PHE A 79 -10.79 12.85 -51.50
CA PHE A 79 -9.57 12.41 -52.15
C PHE A 79 -9.47 10.89 -51.99
N LYS A 80 -10.52 10.17 -52.39
CA LYS A 80 -10.44 8.72 -52.37
C LYS A 80 -9.50 8.20 -53.45
N ASN A 81 -8.51 7.41 -53.03
CA ASN A 81 -7.53 6.84 -53.94
C ASN A 81 -6.77 7.91 -54.70
N SER A 82 -6.66 9.08 -54.09
CA SER A 82 -5.83 10.13 -54.68
C SER A 82 -4.37 9.84 -54.37
N ILE A 83 -3.49 10.53 -55.09
CA ILE A 83 -2.06 10.47 -54.80
C ILE A 83 -1.59 11.86 -54.41
N LEU A 84 -1.30 12.04 -53.11
CA LEU A 84 -0.98 13.37 -52.59
C LEU A 84 0.51 13.60 -52.34
N ASN A 85 1.33 12.64 -52.77
CA ASN A 85 2.77 12.66 -52.48
C ASN A 85 3.44 13.98 -52.81
N GLU A 86 4.02 14.62 -51.80
CA GLU A 86 4.82 15.82 -52.01
C GLU A 86 3.98 17.05 -52.41
N CYS A 87 2.68 16.97 -52.20
CA CYS A 87 1.81 18.14 -52.32
C CYS A 87 2.02 19.10 -51.17
N ASN A 88 1.94 20.39 -51.47
CA ASN A 88 1.94 21.43 -50.45
C ASN A 88 0.51 21.78 -50.03
N PHE A 89 0.16 21.46 -48.79
CA PHE A 89 -1.12 21.85 -48.21
C PHE A 89 -0.96 22.86 -47.06
N CYS A 90 0.16 23.58 -47.03
CA CYS A 90 0.39 24.46 -45.91
C CYS A 90 -0.67 25.54 -45.79
N TYR A 91 -1.28 25.60 -44.62
CA TYR A 91 -2.26 26.61 -44.28
C TYR A 91 -3.54 26.36 -45.06
N ALA A 92 -3.60 25.19 -45.69
CA ALA A 92 -4.76 24.78 -46.47
C ALA A 92 -5.90 24.42 -45.56
N ASN A 93 -7.13 24.57 -46.04
CA ASN A 93 -8.29 24.20 -45.24
C ASN A 93 -8.87 22.87 -45.72
N LEU A 94 -8.82 21.85 -44.86
CA LEU A 94 -9.23 20.52 -45.28
C LEU A 94 -10.20 19.89 -44.31
N SER A 95 -10.93 20.73 -43.57
CA SER A 95 -11.92 20.23 -42.62
C SER A 95 -12.88 19.25 -43.29
N ASN A 96 -13.22 18.20 -42.58
CA ASN A 96 -14.17 17.18 -43.02
C ASN A 96 -13.80 16.38 -44.27
N CYS A 97 -12.59 16.57 -44.77
CA CYS A 97 -12.18 15.87 -45.97
C CYS A 97 -12.05 14.35 -45.73
N ILE A 98 -12.23 13.58 -46.79
CA ILE A 98 -12.04 12.15 -46.73
C ILE A 98 -10.76 11.88 -47.49
N ILE A 99 -9.68 11.61 -46.76
CA ILE A 99 -8.40 11.37 -47.40
C ILE A 99 -8.04 9.89 -47.34
N ARG A 100 -8.16 9.23 -48.49
CA ARG A 100 -7.74 7.84 -48.64
C ARG A 100 -6.69 7.85 -49.72
N ALA A 101 -5.49 8.28 -49.35
CA ALA A 101 -4.50 8.58 -50.36
C ALA A 101 -3.13 8.08 -49.98
N LEU A 102 -2.24 8.04 -50.96
CA LEU A 102 -0.83 7.96 -50.71
C LEU A 102 -0.42 9.37 -50.32
N PHE A 103 0.16 9.53 -49.13
CA PHE A 103 0.53 10.87 -48.68
C PHE A 103 2.00 11.02 -48.28
N GLU A 104 2.88 10.44 -49.10
CA GLU A 104 4.32 10.48 -48.87
C GLU A 104 4.87 11.91 -48.89
N ASN A 105 5.34 12.39 -47.75
CA ASN A 105 5.94 13.71 -47.70
C ASN A 105 4.96 14.82 -48.07
N SER A 106 3.67 14.57 -47.90
CA SER A 106 2.65 15.60 -48.07
C SER A 106 2.74 16.61 -46.93
N ASN A 107 2.69 17.89 -47.24
CA ASN A 107 2.91 18.91 -46.22
C ASN A 107 1.65 19.57 -45.73
N PHE A 108 1.11 19.09 -44.60
CA PHE A 108 -0.08 19.66 -43.98
C PHE A 108 0.25 20.64 -42.85
N SER A 109 1.46 21.20 -42.89
CA SER A 109 1.82 22.24 -41.93
C SER A 109 0.73 23.27 -41.75
N ASN A 110 0.31 23.49 -40.49
CA ASN A 110 -0.64 24.56 -40.17
C ASN A 110 -1.98 24.44 -40.88
N SER A 111 -2.30 23.28 -41.41
CA SER A 111 -3.56 23.10 -42.12
C SER A 111 -4.70 22.90 -41.11
N ASN A 112 -5.92 23.14 -41.55
CA ASN A 112 -7.07 22.83 -40.73
C ASN A 112 -7.55 21.46 -41.17
N LEU A 113 -7.55 20.50 -40.25
CA LEU A 113 -7.91 19.13 -40.59
C LEU A 113 -8.98 18.62 -39.63
N LYS A 114 -9.75 19.54 -39.06
CA LYS A 114 -10.76 19.16 -38.08
C LYS A 114 -11.78 18.23 -38.73
N ASN A 115 -12.08 17.14 -38.02
CA ASN A 115 -13.06 16.16 -38.48
C ASN A 115 -12.71 15.47 -39.81
N ALA A 116 -11.48 15.65 -40.27
CA ALA A 116 -11.03 14.93 -41.46
C ALA A 116 -10.79 13.46 -41.13
N SER A 117 -10.69 12.62 -42.16
CA SER A 117 -10.40 11.20 -41.95
C SER A 117 -9.32 10.72 -42.89
N PHE A 118 -8.30 10.05 -42.35
CA PHE A 118 -7.23 9.52 -43.18
C PHE A 118 -7.35 8.01 -43.39
N LYS A 119 -8.46 7.41 -42.92
CA LYS A 119 -8.67 5.97 -43.09
C LYS A 119 -8.23 5.51 -44.48
N GLY A 120 -7.33 4.54 -44.54
CA GLY A 120 -6.97 3.92 -45.79
C GLY A 120 -5.77 4.57 -46.44
N SER A 121 -5.27 5.65 -45.86
CA SER A 121 -4.09 6.27 -46.44
C SER A 121 -2.85 5.45 -46.08
N SER A 122 -1.71 5.81 -46.66
CA SER A 122 -0.46 5.17 -46.33
C SER A 122 0.69 5.95 -46.93
N TYR A 123 1.87 5.73 -46.38
CA TYR A 123 3.12 6.15 -47.00
C TYR A 123 4.12 4.99 -46.90
N ILE A 124 5.22 5.10 -47.62
CA ILE A 124 6.18 4.02 -47.68
C ILE A 124 7.37 4.28 -46.74
N GLN A 125 7.93 5.48 -46.81
CA GLN A 125 9.12 5.79 -46.03
C GLN A 125 9.06 7.14 -45.30
N TYR A 126 8.60 8.17 -46.00
CA TYR A 126 8.56 9.52 -45.45
C TYR A 126 7.12 9.94 -45.10
N PRO A 127 6.82 10.14 -43.80
CA PRO A 127 5.43 10.43 -43.43
C PRO A 127 5.01 11.83 -43.87
N PRO A 128 3.70 12.07 -43.85
CA PRO A 128 3.19 13.43 -44.03
C PRO A 128 3.58 14.30 -42.83
N ILE A 129 3.63 15.61 -43.05
CA ILE A 129 4.06 16.57 -42.04
C ILE A 129 2.82 17.21 -41.46
N LEU A 130 2.62 17.10 -40.15
CA LEU A 130 1.41 17.64 -39.52
C LEU A 130 1.72 18.75 -38.53
N ASN A 131 2.92 19.31 -38.62
CA ASN A 131 3.34 20.34 -37.66
C ASN A 131 2.35 21.53 -37.60
N GLU A 132 1.76 21.71 -36.43
CA GLU A 132 0.77 22.76 -36.15
C GLU A 132 -0.52 22.61 -36.92
N ALA A 133 -0.74 21.44 -37.53
CA ALA A 133 -2.02 21.13 -38.16
C ALA A 133 -3.02 20.85 -37.06
N ASP A 134 -4.27 21.24 -37.28
CA ASP A 134 -5.33 21.02 -36.32
C ASP A 134 -6.09 19.74 -36.67
N LEU A 135 -5.96 18.72 -35.82
CA LEU A 135 -6.52 17.39 -36.09
C LEU A 135 -7.66 17.05 -35.13
N THR A 136 -8.18 18.07 -34.44
CA THR A 136 -9.30 17.90 -33.53
C THR A 136 -10.45 17.17 -34.23
N GLY A 137 -10.96 16.12 -33.60
CA GLY A 137 -12.00 15.29 -34.19
C GLY A 137 -11.60 14.46 -35.40
N ALA A 138 -10.35 14.56 -35.82
CA ALA A 138 -9.93 13.87 -37.03
C ALA A 138 -9.70 12.40 -36.76
N ILE A 139 -9.87 11.58 -37.79
CA ILE A 139 -9.53 10.18 -37.68
C ILE A 139 -8.18 9.97 -38.32
N ILE A 140 -7.23 9.47 -37.52
CA ILE A 140 -5.88 9.21 -38.00
C ILE A 140 -5.64 7.69 -38.04
N ILE A 141 -4.47 7.31 -38.53
CA ILE A 141 -4.10 5.90 -38.68
C ILE A 141 -2.68 5.66 -38.17
N PRO A 142 -2.39 4.41 -37.74
CA PRO A 142 -1.04 4.04 -37.29
C PRO A 142 0.02 4.37 -38.33
N GLY A 143 1.16 4.91 -37.89
CA GLY A 143 2.24 5.26 -38.78
C GLY A 143 2.35 6.77 -38.98
N MET A 144 1.25 7.49 -38.77
CA MET A 144 1.28 8.93 -38.91
C MET A 144 2.08 9.55 -37.76
N VAL A 145 2.94 10.48 -38.11
CA VAL A 145 3.82 11.14 -37.18
C VAL A 145 3.15 12.43 -36.68
N LEU A 146 2.96 12.55 -35.36
CA LEU A 146 2.15 13.64 -34.80
C LEU A 146 2.96 14.79 -34.22
N SER A 147 4.25 14.86 -34.52
CA SER A 147 5.09 15.93 -33.99
C SER A 147 4.43 17.29 -34.24
N GLY A 148 4.12 18.03 -33.18
CA GLY A 148 3.61 19.37 -33.32
C GLY A 148 2.16 19.50 -33.73
N ALA A 149 1.48 18.37 -33.95
CA ALA A 149 0.06 18.36 -34.29
C ALA A 149 -0.82 18.74 -33.11
N ILE A 150 -1.87 19.51 -33.38
CA ILE A 150 -2.86 19.84 -32.36
C ILE A 150 -3.95 18.77 -32.37
N LEU A 151 -4.12 18.08 -31.25
CA LEU A 151 -5.06 16.97 -31.23
C LEU A 151 -6.40 17.34 -30.64
N GLY A 152 -6.43 18.41 -29.85
CA GLY A 152 -7.63 18.78 -29.11
C GLY A 152 -7.62 18.05 -27.78
N ASP A 153 -8.38 18.56 -26.83
CA ASP A 153 -8.50 17.91 -25.53
C ASP A 153 -9.49 16.76 -25.63
N VAL A 154 -9.36 15.80 -24.73
CA VAL A 154 -10.21 14.63 -24.75
C VAL A 154 -11.67 15.00 -24.48
N LYS A 155 -12.57 14.47 -25.30
CA LYS A 155 -14.00 14.61 -25.05
C LYS A 155 -14.52 13.33 -24.42
N GLU A 156 -14.19 12.20 -25.04
CA GLU A 156 -14.49 10.89 -24.47
C GLU A 156 -13.20 10.17 -24.13
N LEU A 157 -13.02 9.80 -22.87
CA LEU A 157 -11.79 9.15 -22.42
C LEU A 157 -11.49 7.85 -23.16
N PHE A 158 -12.53 7.04 -23.40
CA PHE A 158 -12.36 5.74 -24.03
C PHE A 158 -13.34 5.52 -25.19
N SER A 159 -12.85 4.93 -26.27
CA SER A 159 -13.71 4.61 -27.40
C SER A 159 -14.54 3.37 -27.13
N GLU A 160 -15.70 3.29 -27.79
CA GLU A 160 -16.58 2.13 -27.68
C GLU A 160 -16.62 1.38 -29.00
N LYS A 161 -16.09 2.00 -30.04
CA LYS A 161 -15.90 1.34 -31.34
C LYS A 161 -14.68 0.43 -31.24
N SER A 162 -14.89 -0.86 -31.50
CA SER A 162 -13.81 -1.84 -31.32
C SER A 162 -12.53 -1.45 -32.07
N ASN A 163 -12.69 -0.89 -33.26
CA ASN A 163 -11.55 -0.61 -34.13
C ASN A 163 -10.96 0.79 -34.02
N THR A 164 -11.12 1.44 -32.87
CA THR A 164 -10.51 2.75 -32.73
C THR A 164 -9.97 3.00 -31.32
N ILE A 165 -8.90 3.79 -31.26
CA ILE A 165 -8.32 4.17 -29.99
C ILE A 165 -8.21 5.67 -29.93
N ASN A 166 -8.78 6.26 -28.87
CA ASN A 166 -8.73 7.69 -28.61
C ASN A 166 -7.33 8.20 -28.25
N LEU A 167 -6.91 9.25 -28.94
CA LEU A 167 -5.70 9.97 -28.56
C LEU A 167 -6.06 11.44 -28.50
N GLY A 168 -6.11 11.99 -27.31
CA GLY A 168 -6.55 13.37 -27.17
C GLY A 168 -7.92 13.52 -27.78
N GLY A 169 -8.10 14.56 -28.60
CA GLY A 169 -9.38 14.79 -29.24
C GLY A 169 -9.47 14.18 -30.63
N CYS A 170 -8.54 13.31 -30.98
CA CYS A 170 -8.61 12.61 -32.27
C CYS A 170 -8.73 11.09 -32.08
N TYR A 171 -8.84 10.37 -33.19
CA TYR A 171 -9.17 8.95 -33.12
C TYR A 171 -8.24 8.16 -34.02
N ILE A 172 -7.61 7.14 -33.47
CA ILE A 172 -6.76 6.27 -34.26
C ILE A 172 -7.58 5.07 -34.70
N ASP A 173 -7.70 4.90 -36.01
CA ASP A 173 -8.52 3.83 -36.55
C ASP A 173 -7.73 2.57 -36.87
N LEU A 174 -8.20 1.42 -36.37
CA LEU A 174 -7.52 0.16 -36.61
C LEU A 174 -8.27 -0.78 -37.58
N SER A 175 -8.88 -0.23 -38.62
CA SER A 175 -9.66 -1.07 -39.55
C SER A 175 -8.91 -1.43 -40.84
N ASP A 176 -7.70 -0.91 -40.99
CA ASP A 176 -6.92 -1.17 -42.18
C ASP A 176 -5.51 -1.63 -41.81
N ILE A 177 -5.44 -2.68 -40.99
CA ILE A 177 -4.15 -3.13 -40.49
C ILE A 177 -3.92 -4.61 -40.76
N GLN A 178 -4.47 -5.11 -41.86
CA GLN A 178 -4.31 -6.51 -42.25
C GLN A 178 -4.85 -7.45 -41.19
N GLU A 179 -5.88 -7.01 -40.49
CA GLU A 179 -6.48 -7.78 -39.39
C GLU A 179 -5.43 -8.44 -38.47
N ASN A 180 -4.31 -7.75 -38.28
CA ASN A 180 -3.23 -8.26 -37.44
C ASN A 180 -2.59 -7.14 -36.62
N ILE A 181 -2.89 -7.11 -35.33
CA ILE A 181 -2.43 -6.02 -34.48
C ILE A 181 -0.90 -5.94 -34.44
N LEU A 182 -0.23 -7.08 -34.65
CA LEU A 182 1.23 -7.11 -34.65
C LEU A 182 1.85 -6.22 -35.72
N SER A 183 1.09 -5.96 -36.79
CA SER A 183 1.62 -5.19 -37.91
C SER A 183 1.85 -3.73 -37.52
N VAL A 184 1.26 -3.29 -36.41
CA VAL A 184 1.37 -1.88 -36.00
C VAL A 184 2.30 -1.67 -34.80
N LEU A 185 3.08 -2.70 -34.46
CA LEU A 185 3.91 -2.64 -33.26
C LEU A 185 5.41 -2.82 -33.55
N ASP A 186 5.84 -2.44 -34.74
CA ASP A 186 7.21 -2.69 -35.13
C ASP A 186 7.82 -1.41 -35.67
N ASN A 187 8.54 -0.71 -34.79
CA ASN A 187 9.23 0.53 -35.12
C ASN A 187 10.45 0.35 -36.02
N TYR A 188 10.91 -0.88 -36.18
CA TYR A 188 12.21 -1.12 -36.81
C TYR A 188 12.08 -1.48 -38.27
N THR A 189 11.13 -2.36 -38.58
CA THR A 189 10.97 -2.83 -39.96
C THR A 189 9.63 -2.43 -40.57
N LYS A 190 8.70 -1.94 -39.74
CA LYS A 190 7.38 -1.46 -40.22
C LYS A 190 7.01 -0.11 -39.61
N SER A 191 7.98 0.79 -39.57
CA SER A 191 7.78 2.13 -39.05
C SER A 191 6.59 2.86 -39.67
N ASN A 192 6.42 2.73 -40.98
CA ASN A 192 5.34 3.43 -41.69
C ASN A 192 3.93 2.95 -41.29
N LYS A 193 3.87 1.91 -40.47
CA LYS A 193 2.61 1.32 -40.06
C LYS A 193 2.46 1.31 -38.52
N SER A 194 3.42 1.93 -37.83
CA SER A 194 3.53 1.76 -36.38
C SER A 194 2.65 2.68 -35.56
N ILE A 195 1.77 2.10 -34.74
CA ILE A 195 0.93 2.92 -33.88
C ILE A 195 1.75 3.43 -32.68
N LEU A 196 2.87 2.75 -32.39
CA LEU A 196 3.73 3.15 -31.28
C LEU A 196 4.43 4.46 -31.65
N LEU A 197 4.78 4.58 -32.93
CA LEU A 197 5.34 5.81 -33.47
C LEU A 197 4.32 6.94 -33.37
N THR A 198 3.10 6.64 -33.79
CA THR A 198 2.02 7.61 -33.71
C THR A 198 1.83 8.12 -32.29
N MET A 199 1.72 7.21 -31.34
CA MET A 199 1.48 7.62 -29.96
C MET A 199 2.64 8.47 -29.41
N ASN A 200 3.85 7.97 -29.60
CA ASN A 200 5.01 8.62 -28.99
C ASN A 200 5.52 9.88 -29.70
N THR A 201 5.01 10.16 -30.89
CA THR A 201 5.36 11.41 -31.54
C THR A 201 4.37 12.51 -31.21
N SER A 202 3.32 12.19 -30.47
CA SER A 202 2.37 13.25 -30.10
C SER A 202 3.06 14.10 -29.01
N ASP A 203 2.66 15.36 -28.86
CA ASP A 203 3.35 16.27 -27.94
C ASP A 203 3.14 15.92 -26.44
N ASP A 204 3.96 16.50 -25.57
CA ASP A 204 3.91 16.23 -24.12
C ASP A 204 2.54 16.42 -23.47
N LYS A 205 1.82 17.44 -23.91
CA LYS A 205 0.52 17.76 -23.30
C LYS A 205 -0.44 16.58 -23.46
N TYR A 206 -0.08 15.65 -24.34
CA TYR A 206 -0.93 14.48 -24.54
C TYR A 206 -0.46 13.27 -23.76
N ASN A 207 0.46 13.46 -22.84
CA ASN A 207 1.03 12.32 -22.12
C ASN A 207 -0.02 11.48 -21.37
N HIS A 208 -1.04 12.12 -20.80
CA HIS A 208 -2.10 11.34 -20.15
C HIS A 208 -2.92 10.55 -21.16
N ASP A 209 -3.06 11.10 -22.36
CA ASP A 209 -3.77 10.39 -23.41
C ASP A 209 -2.93 9.21 -23.93
N LYS A 210 -1.61 9.37 -23.97
CA LYS A 210 -0.74 8.27 -24.43
C LYS A 210 -0.92 7.07 -23.52
N VAL A 211 -0.92 7.33 -22.21
CA VAL A 211 -1.01 6.25 -21.25
C VAL A 211 -2.34 5.50 -21.43
N ARG A 212 -3.43 6.26 -21.57
CA ARG A 212 -4.75 5.67 -21.75
C ARG A 212 -4.80 4.87 -23.05
N ALA A 213 -4.24 5.46 -24.08
CA ALA A 213 -4.18 4.83 -25.38
C ALA A 213 -3.40 3.51 -25.28
N ALA A 214 -2.38 3.49 -24.44
CA ALA A 214 -1.54 2.30 -24.27
C ALA A 214 -2.29 1.18 -23.53
N GLU A 215 -2.99 1.55 -22.46
CA GLU A 215 -3.86 0.60 -21.76
C GLU A 215 -4.92 0.00 -22.66
N GLU A 216 -5.53 0.83 -23.52
CA GLU A 216 -6.48 0.31 -24.50
C GLU A 216 -5.78 -0.56 -25.55
N LEU A 217 -4.60 -0.14 -25.99
CA LEU A 217 -3.85 -0.93 -26.96
C LEU A 217 -3.52 -2.35 -26.43
N ILE A 218 -3.08 -2.45 -25.19
CA ILE A 218 -2.67 -3.77 -24.71
C ILE A 218 -3.83 -4.78 -24.60
N LYS A 219 -5.03 -4.27 -24.34
CA LYS A 219 -6.22 -5.11 -24.38
C LYS A 219 -6.42 -5.77 -25.75
N LYS A 220 -5.91 -5.17 -26.82
CA LYS A 220 -6.07 -5.74 -28.17
C LYS A 220 -4.97 -6.73 -28.57
N ILE A 221 -4.02 -6.94 -27.69
CA ILE A 221 -2.90 -7.82 -28.01
C ILE A 221 -3.05 -9.12 -27.23
N SER A 222 -3.18 -10.25 -27.93
CA SER A 222 -3.32 -11.52 -27.24
C SER A 222 -1.97 -12.09 -26.80
N LEU A 223 -1.95 -12.76 -25.67
CA LEU A 223 -0.72 -13.40 -25.20
C LEU A 223 -0.27 -14.49 -26.18
N ASP A 224 -1.23 -15.02 -26.93
CA ASP A 224 -0.95 -15.94 -28.02
C ASP A 224 0.00 -15.30 -29.04
N GLU A 225 -0.42 -14.16 -29.59
CA GLU A 225 0.35 -13.45 -30.59
C GLU A 225 1.77 -13.07 -30.12
N LEU A 226 1.95 -12.91 -28.82
CA LEU A 226 3.27 -12.56 -28.28
C LEU A 226 4.13 -13.76 -27.89
N ALA A 227 3.62 -14.97 -28.18
CA ALA A 227 4.34 -16.19 -27.80
C ALA A 227 5.56 -16.43 -28.68
N ALA A 228 5.41 -16.25 -29.99
CA ALA A 228 6.53 -16.35 -30.93
C ALA A 228 7.66 -15.39 -30.55
N PHE A 229 8.83 -15.54 -31.17
CA PHE A 229 9.96 -14.70 -30.79
C PHE A 229 9.69 -13.22 -31.06
N ARG A 230 9.22 -12.87 -32.25
CA ARG A 230 8.72 -11.52 -32.50
C ARG A 230 9.68 -10.43 -32.04
N PRO A 231 10.96 -10.55 -32.38
CA PRO A 231 11.99 -9.67 -31.80
C PRO A 231 11.82 -8.17 -32.06
N TYR A 232 11.43 -7.78 -33.26
CA TYR A 232 11.29 -6.35 -33.54
C TYR A 232 10.05 -5.77 -32.84
N VAL A 233 8.97 -6.54 -32.79
CA VAL A 233 7.81 -6.19 -31.99
C VAL A 233 8.18 -6.06 -30.51
N LYS A 234 8.88 -7.05 -29.97
CA LYS A 234 9.24 -7.01 -28.55
C LYS A 234 10.14 -5.83 -28.22
N MET A 235 11.14 -5.59 -29.04
CA MET A 235 12.04 -4.47 -28.85
C MET A 235 11.28 -3.13 -28.93
N SER A 236 10.36 -3.04 -29.88
CA SER A 236 9.54 -1.84 -30.08
C SER A 236 8.68 -1.57 -28.85
N LEU A 237 8.04 -2.60 -28.31
CA LEU A 237 7.24 -2.45 -27.06
C LEU A 237 8.12 -1.99 -25.88
N ALA A 238 9.27 -2.63 -25.71
CA ALA A 238 10.20 -2.22 -24.65
C ALA A 238 10.63 -0.75 -24.84
N ASP A 239 11.05 -0.43 -26.07
CA ASP A 239 11.44 0.95 -26.39
C ASP A 239 10.33 1.95 -26.12
N SER A 240 9.11 1.60 -26.49
CA SER A 240 8.04 2.60 -26.56
C SER A 240 7.36 2.75 -25.22
N PHE A 241 7.29 1.67 -24.45
CA PHE A 241 6.54 1.73 -23.19
C PHE A 241 7.37 1.71 -21.92
N SER A 242 8.70 1.62 -22.01
CA SER A 242 9.54 1.66 -20.79
C SER A 242 10.25 2.99 -20.66
N ILE A 243 9.52 4.06 -20.97
CA ILE A 243 10.03 5.41 -20.89
C ILE A 243 8.88 6.26 -20.35
N HIS A 244 9.19 7.45 -19.87
CA HIS A 244 8.19 8.44 -19.49
C HIS A 244 7.29 8.69 -20.69
N PRO A 245 5.96 8.76 -20.49
CA PRO A 245 5.21 8.77 -19.24
C PRO A 245 4.60 7.42 -18.85
N TYR A 246 5.03 6.32 -19.45
CA TYR A 246 4.44 5.02 -19.15
C TYR A 246 5.03 4.35 -17.92
N LEU A 247 6.21 4.80 -17.53
CA LEU A 247 6.99 4.17 -16.47
C LEU A 247 6.28 4.17 -15.11
N ASN A 248 5.48 5.18 -14.86
CA ASN A 248 4.74 5.28 -13.60
C ASN A 248 3.37 4.58 -13.64
N ASN A 249 3.08 3.89 -14.73
CA ASN A 249 1.83 3.15 -14.84
C ASN A 249 1.99 1.66 -14.54
N ALA A 250 1.49 1.25 -13.36
CA ALA A 250 1.67 -0.10 -12.86
C ALA A 250 1.14 -1.14 -13.83
N ASN A 251 -0.02 -0.84 -14.39
CA ASN A 251 -0.68 -1.73 -15.34
C ASN A 251 0.21 -2.02 -16.56
N ILE A 252 0.76 -0.98 -17.16
CA ILE A 252 1.53 -1.15 -18.37
C ILE A 252 2.83 -1.87 -18.05
N GLN A 253 3.44 -1.50 -16.93
CA GLN A 253 4.73 -2.06 -16.58
C GLN A 253 4.62 -3.55 -16.24
N GLN A 254 3.52 -3.96 -15.61
CA GLN A 254 3.35 -5.38 -15.25
C GLN A 254 3.06 -6.21 -16.48
N TRP A 255 2.44 -5.59 -17.48
CA TRP A 255 2.15 -6.30 -18.70
C TRP A 255 3.45 -6.54 -19.49
N LEU A 256 4.33 -5.56 -19.45
CA LEU A 256 5.60 -5.62 -20.16
C LEU A 256 6.51 -6.69 -19.58
N GLU A 257 6.57 -6.77 -18.26
CA GLU A 257 7.59 -7.59 -17.59
C GLU A 257 7.77 -9.00 -18.15
N PRO A 258 6.68 -9.79 -18.21
CA PRO A 258 6.86 -11.16 -18.70
C PRO A 258 7.36 -11.18 -20.14
N ILE A 259 6.91 -10.23 -20.95
CA ILE A 259 7.34 -10.16 -22.34
C ILE A 259 8.84 -9.85 -22.40
N CYS A 260 9.25 -8.83 -21.68
CA CYS A 260 10.62 -8.38 -21.74
C CYS A 260 11.60 -9.36 -21.10
N ASP A 261 11.17 -10.04 -20.06
CA ASP A 261 11.96 -11.03 -19.36
C ASP A 261 12.36 -12.13 -20.28
N ASP A 262 11.40 -12.70 -21.00
CA ASP A 262 11.67 -13.73 -21.97
C ASP A 262 12.51 -13.24 -23.14
N PHE A 263 12.16 -12.09 -23.70
CA PHE A 263 12.93 -11.53 -24.79
C PHE A 263 14.39 -11.20 -24.39
N PHE A 264 14.56 -10.48 -23.30
CA PHE A 264 15.93 -10.10 -22.91
C PHE A 264 16.77 -11.27 -22.42
N ASP A 265 16.12 -12.33 -21.92
CA ASP A 265 16.85 -13.54 -21.59
C ASP A 265 17.50 -14.11 -22.87
N THR A 266 16.68 -14.29 -23.91
CA THR A 266 17.15 -14.75 -25.22
C THR A 266 18.27 -13.87 -25.76
N ILE A 267 18.11 -12.55 -25.66
CA ILE A 267 19.10 -11.60 -26.17
C ILE A 267 20.43 -11.70 -25.43
N MET A 268 20.37 -11.69 -24.10
CA MET A 268 21.59 -11.76 -23.31
C MET A 268 22.38 -13.06 -23.55
N SER A 269 21.68 -14.20 -23.64
CA SER A 269 22.38 -15.45 -23.90
C SER A 269 22.88 -15.52 -25.33
N TRP A 270 22.07 -15.13 -26.31
CA TRP A 270 22.53 -15.20 -27.68
C TRP A 270 23.77 -14.33 -27.88
N PHE A 271 23.74 -13.13 -27.31
CA PHE A 271 24.82 -12.18 -27.52
C PHE A 271 26.09 -12.45 -26.72
N ASN A 272 26.01 -13.34 -25.73
CA ASN A 272 27.15 -13.54 -24.83
C ASN A 272 28.46 -13.89 -25.54
N ASN A 273 29.53 -13.19 -25.18
CA ASN A 273 30.82 -13.26 -25.85
C ASN A 273 30.92 -12.58 -27.23
N SER A 274 29.90 -11.82 -27.59
CA SER A 274 29.93 -10.96 -28.78
C SER A 274 29.68 -9.52 -28.38
N ILE A 275 30.02 -8.58 -29.25
CA ILE A 275 29.69 -7.21 -28.89
C ILE A 275 28.16 -6.99 -28.90
N MET A 276 27.69 -6.26 -27.91
CA MET A 276 26.26 -6.08 -27.66
C MET A 276 25.62 -5.08 -28.64
N MET A 277 24.43 -5.40 -29.14
CA MET A 277 23.67 -4.44 -29.94
C MET A 277 23.39 -3.14 -29.21
N TYR A 278 23.18 -2.06 -29.97
CA TYR A 278 22.79 -0.79 -29.40
C TYR A 278 21.32 -0.84 -28.99
N MET A 279 20.95 -0.17 -27.90
CA MET A 279 19.54 -0.16 -27.52
C MET A 279 19.06 1.25 -27.22
N GLU A 280 17.84 1.54 -27.67
CA GLU A 280 17.14 2.77 -27.27
C GLU A 280 16.88 2.68 -25.77
N ASN A 281 16.52 3.79 -25.15
CA ASN A 281 16.35 3.85 -23.70
C ASN A 281 15.43 2.80 -23.10
N GLY A 282 14.27 2.58 -23.68
CA GLY A 282 13.30 1.67 -23.09
C GLY A 282 13.86 0.24 -23.04
N SER A 283 14.41 -0.21 -24.15
CA SER A 283 15.04 -1.54 -24.16
C SER A 283 16.24 -1.64 -23.21
N LEU A 284 17.06 -0.61 -23.15
CA LEU A 284 18.24 -0.68 -22.28
C LEU A 284 17.78 -0.79 -20.83
N LEU A 285 16.78 0.00 -20.46
CA LEU A 285 16.27 -0.08 -19.10
C LEU A 285 15.74 -1.48 -18.81
N GLN A 286 14.98 -2.04 -19.75
CA GLN A 286 14.44 -3.40 -19.59
C GLN A 286 15.55 -4.45 -19.49
N ALA A 287 16.63 -4.27 -20.26
CA ALA A 287 17.80 -5.15 -20.14
C ALA A 287 18.34 -5.09 -18.70
N GLY A 288 18.43 -3.87 -18.14
CA GLY A 288 18.89 -3.69 -16.77
C GLY A 288 17.98 -4.38 -15.78
N MET A 289 16.68 -4.21 -15.97
CA MET A 289 15.71 -4.86 -15.08
C MET A 289 15.74 -6.38 -15.14
N TYR A 290 16.05 -6.92 -16.31
CA TYR A 290 16.25 -8.36 -16.43
C TYR A 290 17.35 -8.83 -15.47
N PHE A 291 18.48 -8.13 -15.44
CA PHE A 291 19.59 -8.51 -14.56
C PHE A 291 19.25 -8.28 -13.06
N GLU A 292 18.50 -7.22 -12.75
CA GLU A 292 17.96 -7.04 -11.41
C GLU A 292 17.19 -8.27 -10.96
N ARG A 293 16.35 -8.83 -11.84
CA ARG A 293 15.53 -9.98 -11.46
C ARG A 293 16.31 -11.29 -11.48
N HIS A 294 17.40 -11.32 -12.24
CA HIS A 294 18.14 -12.56 -12.41
C HIS A 294 19.62 -12.32 -12.18
N PRO A 295 20.02 -12.13 -10.91
CA PRO A 295 21.43 -11.85 -10.62
C PRO A 295 22.35 -12.96 -11.16
N GLY A 296 21.85 -14.19 -11.20
CA GLY A 296 22.64 -15.29 -11.74
C GLY A 296 23.13 -15.04 -13.17
N ALA A 297 22.33 -14.31 -13.95
CA ALA A 297 22.65 -14.03 -15.34
C ALA A 297 23.84 -13.08 -15.43
N MET A 298 24.10 -12.32 -14.37
CA MET A 298 25.25 -11.42 -14.37
C MET A 298 26.53 -12.21 -14.56
N VAL A 299 26.51 -13.44 -14.11
CA VAL A 299 27.67 -14.31 -14.20
C VAL A 299 27.59 -15.25 -15.40
N SER A 300 26.42 -15.85 -15.62
CA SER A 300 26.23 -16.76 -16.75
C SER A 300 26.43 -16.08 -18.12
N TYR A 301 25.96 -14.84 -18.23
CA TYR A 301 26.12 -14.08 -19.48
C TYR A 301 26.95 -12.84 -19.18
N ASN A 302 28.17 -13.07 -18.72
CA ASN A 302 28.98 -12.02 -18.13
C ASN A 302 29.32 -10.91 -19.11
N SER A 303 29.77 -11.25 -20.31
CA SER A 303 30.08 -10.18 -21.26
C SER A 303 28.84 -9.40 -21.75
N SER A 304 27.68 -10.05 -21.84
CA SER A 304 26.46 -9.30 -22.16
C SER A 304 26.17 -8.36 -21.02
N PHE A 305 26.22 -8.90 -19.80
CA PHE A 305 25.97 -8.08 -18.61
C PHE A 305 26.87 -6.85 -18.53
N ILE A 306 28.17 -7.05 -18.61
CA ILE A 306 29.11 -5.92 -18.51
C ILE A 306 28.88 -4.80 -19.57
N GLN A 307 28.65 -5.21 -20.82
CA GLN A 307 28.41 -4.22 -21.87
C GLN A 307 27.10 -3.47 -21.61
N ILE A 308 26.05 -4.19 -21.22
CA ILE A 308 24.76 -3.59 -20.85
C ILE A 308 24.94 -2.53 -19.74
N VAL A 309 25.67 -2.90 -18.69
CA VAL A 309 25.89 -1.99 -17.57
C VAL A 309 26.75 -0.78 -17.94
N MET A 310 27.80 -1.03 -18.71
CA MET A 310 28.60 0.05 -19.25
C MET A 310 27.69 1.01 -20.01
N ASN A 311 26.79 0.48 -20.84
CA ASN A 311 25.86 1.31 -21.60
C ASN A 311 24.91 2.08 -20.69
N GLY A 312 24.24 1.35 -19.80
CA GLY A 312 23.25 1.95 -18.92
C GLY A 312 23.84 2.93 -17.91
N SER A 313 25.05 2.66 -17.45
CA SER A 313 25.68 3.52 -16.44
C SER A 313 25.98 4.90 -17.04
N ARG A 314 25.89 5.00 -18.36
CA ARG A 314 26.19 6.25 -19.06
C ARG A 314 24.94 6.87 -19.72
N ARG A 315 23.79 6.22 -19.63
CA ARG A 315 22.60 6.66 -20.35
C ARG A 315 21.78 7.60 -19.47
N ASP A 316 21.69 8.86 -19.87
CA ASP A 316 21.05 9.89 -19.04
C ASP A 316 19.62 9.48 -18.69
N GLY A 317 19.28 9.51 -17.41
CA GLY A 317 17.95 9.08 -16.98
C GLY A 317 17.90 7.71 -16.32
N MET A 318 18.96 6.92 -16.45
CA MET A 318 18.99 5.62 -15.76
C MET A 318 20.35 5.27 -15.18
N GLN A 319 21.23 6.26 -15.10
CA GLN A 319 22.61 6.01 -14.65
C GLN A 319 22.70 5.42 -13.24
N GLU A 320 22.05 6.09 -12.30
CA GLU A 320 22.09 5.69 -10.90
C GLU A 320 21.59 4.27 -10.76
N ARG A 321 20.48 3.97 -11.42
CA ARG A 321 19.91 2.65 -11.36
C ARG A 321 20.89 1.56 -11.85
N PHE A 322 21.65 1.85 -12.90
CA PHE A 322 22.64 0.88 -13.40
C PHE A 322 23.90 0.83 -12.52
N ARG A 323 24.26 1.95 -11.93
CA ARG A 323 25.36 1.95 -10.98
C ARG A 323 25.05 1.07 -9.77
N GLU A 324 23.83 1.16 -9.26
CA GLU A 324 23.38 0.30 -8.17
C GLU A 324 23.32 -1.18 -8.60
N LEU A 325 22.92 -1.43 -9.85
CA LEU A 325 22.95 -2.79 -10.37
C LEU A 325 24.37 -3.36 -10.38
N TYR A 326 25.31 -2.57 -10.89
CA TYR A 326 26.70 -3.00 -10.96
C TYR A 326 27.26 -3.29 -9.55
N GLU A 327 26.88 -2.46 -8.60
CA GLU A 327 27.40 -2.62 -7.24
C GLU A 327 26.86 -3.88 -6.57
N VAL A 328 25.71 -4.38 -7.02
CA VAL A 328 25.25 -5.70 -6.57
C VAL A 328 26.16 -6.81 -7.13
N TYR A 329 26.58 -6.67 -8.37
CA TYR A 329 27.48 -7.61 -9.02
C TYR A 329 28.86 -7.64 -8.31
N LEU A 330 29.31 -6.48 -7.88
CA LEU A 330 30.58 -6.38 -7.16
C LEU A 330 30.61 -7.26 -5.90
N LYS A 331 29.44 -7.55 -5.32
CA LYS A 331 29.38 -8.41 -4.12
C LYS A 331 29.57 -9.90 -4.45
N ASN A 332 29.40 -10.29 -5.70
CA ASN A 332 29.61 -11.69 -6.09
C ASN A 332 30.97 -12.23 -5.60
N GLU A 333 30.98 -13.49 -5.18
CA GLU A 333 32.18 -14.14 -4.62
C GLU A 333 33.40 -14.09 -5.54
N LYS A 334 33.18 -14.30 -6.83
CA LYS A 334 34.28 -14.26 -7.79
C LYS A 334 34.76 -12.83 -8.02
N VAL A 335 33.84 -11.88 -7.96
CA VAL A 335 34.18 -10.48 -8.27
C VAL A 335 34.84 -9.73 -7.09
N TYR A 336 34.33 -9.99 -5.90
CA TYR A 336 34.73 -9.22 -4.71
C TYR A 336 36.23 -9.02 -4.53
N PRO A 337 37.01 -10.12 -4.64
CA PRO A 337 38.46 -10.04 -4.41
C PRO A 337 39.14 -9.01 -5.32
N VAL A 338 38.63 -8.89 -6.54
CA VAL A 338 39.19 -7.93 -7.49
C VAL A 338 38.93 -6.51 -7.01
N THR A 339 37.75 -6.29 -6.43
CA THR A 339 37.40 -4.97 -5.92
C THR A 339 38.26 -4.57 -4.73
N GLN A 340 38.82 -5.57 -4.06
CA GLN A 340 39.70 -5.34 -2.91
C GLN A 340 41.14 -5.20 -3.39
N GLN A 341 41.33 -4.37 -4.42
CA GLN A 341 42.67 -4.12 -4.92
C GLN A 341 42.90 -2.63 -4.87
N SER A 342 44.16 -2.27 -4.68
CA SER A 342 44.59 -0.90 -4.60
C SER A 342 44.16 -0.10 -5.82
N ASP A 343 44.23 -0.74 -6.98
CA ASP A 343 43.96 -0.04 -8.23
C ASP A 343 42.49 -0.05 -8.66
N PHE A 344 41.62 -0.67 -7.88
CA PHE A 344 40.21 -0.71 -8.27
C PHE A 344 39.49 0.62 -8.07
N GLY A 345 38.66 0.97 -9.05
CA GLY A 345 37.71 2.05 -8.87
C GLY A 345 38.28 3.36 -8.34
N LEU A 346 37.81 3.76 -7.17
CA LEU A 346 38.22 5.01 -6.54
C LEU A 346 39.66 4.95 -6.00
N CYS A 347 40.23 3.73 -5.92
CA CYS A 347 41.58 3.53 -5.42
C CYS A 347 41.73 3.86 -3.92
N ASP A 348 40.65 3.67 -3.17
CA ASP A 348 40.68 3.94 -1.75
C ASP A 348 40.35 2.71 -0.93
N GLY A 349 40.35 1.53 -1.54
CA GLY A 349 40.08 0.30 -0.81
C GLY A 349 38.64 0.10 -0.37
N SER A 350 37.77 1.03 -0.73
CA SER A 350 36.37 0.95 -0.36
C SER A 350 35.57 -0.05 -1.21
N GLY A 351 36.19 -0.63 -2.23
CA GLY A 351 35.52 -1.56 -3.11
C GLY A 351 34.46 -0.91 -4.00
N LYS A 352 34.57 0.40 -4.21
CA LYS A 352 33.58 1.17 -4.94
C LYS A 352 34.16 1.73 -6.24
N PRO A 353 33.37 1.69 -7.34
CA PRO A 353 33.83 2.24 -8.61
C PRO A 353 34.03 3.74 -8.52
N ASP A 354 34.83 4.28 -9.43
CA ASP A 354 34.91 5.72 -9.58
C ASP A 354 33.93 6.12 -10.68
N TRP A 355 32.71 6.50 -10.29
CA TRP A 355 31.70 6.86 -11.26
C TRP A 355 31.83 8.29 -11.81
N ASP A 356 32.87 9.01 -11.38
CA ASP A 356 32.99 10.41 -11.74
C ASP A 356 34.32 10.73 -12.42
N ASP A 357 34.81 9.77 -13.22
CA ASP A 357 36.06 9.96 -13.95
C ASP A 357 35.79 10.34 -15.40
N ASP A 358 35.95 11.63 -15.69
CA ASP A 358 35.68 12.15 -17.02
C ASP A 358 36.53 11.45 -18.09
N SER A 359 37.71 11.00 -17.70
CA SER A 359 38.64 10.35 -18.63
C SER A 359 38.30 8.88 -18.95
N ASP A 360 37.38 8.31 -18.18
CA ASP A 360 37.01 6.88 -18.32
C ASP A 360 38.23 5.96 -18.21
N LEU A 361 39.21 6.37 -17.41
CA LEU A 361 40.43 5.62 -17.21
C LEU A 361 40.37 4.78 -15.94
N ALA A 362 39.36 5.04 -15.11
CA ALA A 362 39.18 4.29 -13.86
C ALA A 362 39.02 2.79 -14.11
N TYR A 363 39.74 1.98 -13.37
CA TYR A 363 39.58 0.54 -13.45
C TYR A 363 38.31 0.05 -12.72
N ASN A 364 37.16 0.24 -13.36
CA ASN A 364 35.86 -0.03 -12.74
C ASN A 364 35.34 -1.41 -13.07
N TRP A 365 35.78 -1.93 -14.22
CA TRP A 365 35.08 -3.04 -14.87
C TRP A 365 35.77 -4.40 -14.68
N VAL A 366 35.00 -5.36 -14.17
CA VAL A 366 35.54 -6.69 -13.87
C VAL A 366 34.85 -7.74 -14.72
N LEU A 367 35.64 -8.39 -15.56
CA LEU A 367 35.14 -9.44 -16.44
C LEU A 367 35.59 -10.79 -15.92
N LEU A 368 34.67 -11.76 -15.86
CA LEU A 368 34.98 -13.09 -15.38
C LEU A 368 35.35 -14.00 -16.53
N SER A 369 36.16 -15.00 -16.23
CA SER A 369 36.56 -15.98 -17.23
C SER A 369 35.39 -16.82 -17.70
N SER A 370 35.40 -17.17 -18.97
CA SER A 370 34.40 -18.04 -19.56
C SER A 370 34.63 -19.52 -19.24
N GLN A 371 35.79 -19.85 -18.67
CA GLN A 371 36.02 -21.21 -18.22
C GLN A 371 36.24 -21.23 -16.72
N ASP A 372 36.29 -22.43 -16.15
CA ASP A 372 36.44 -22.61 -14.71
C ASP A 372 37.91 -22.60 -14.31
N ASP A 373 38.58 -21.47 -14.53
CA ASP A 373 40.01 -21.35 -14.26
C ASP A 373 40.34 -20.25 -13.25
N GLY A 374 39.30 -19.61 -12.72
CA GLY A 374 39.48 -18.57 -11.72
C GLY A 374 40.08 -17.26 -12.21
N MET A 375 40.09 -17.04 -13.52
CA MET A 375 40.65 -15.82 -14.09
C MET A 375 39.63 -14.69 -14.09
N ALA A 376 40.11 -13.48 -13.84
CA ALA A 376 39.29 -12.30 -13.97
C ALA A 376 40.15 -11.18 -14.55
N MET A 377 39.51 -10.25 -15.24
CA MET A 377 40.20 -9.11 -15.81
C MET A 377 39.61 -7.84 -15.20
N MET A 378 40.47 -6.89 -14.90
CA MET A 378 40.03 -5.59 -14.40
C MET A 378 40.47 -4.53 -15.41
N CYS A 379 39.51 -3.78 -15.94
CA CYS A 379 39.88 -2.78 -16.95
C CYS A 379 39.04 -1.51 -16.93
N SER A 380 39.45 -0.53 -17.71
CA SER A 380 38.74 0.74 -17.78
C SER A 380 37.80 0.73 -18.96
N LEU A 381 36.79 1.61 -18.90
CA LEU A 381 35.84 1.73 -20.01
C LEU A 381 36.56 2.14 -21.28
N SER A 382 37.46 3.09 -21.17
CA SER A 382 38.19 3.56 -22.34
C SER A 382 38.89 2.40 -23.05
N HIS A 383 39.66 1.61 -22.32
CA HIS A 383 40.42 0.53 -22.95
C HIS A 383 39.53 -0.62 -23.44
N MET A 384 38.44 -0.88 -22.74
CA MET A 384 37.50 -1.92 -23.15
C MET A 384 36.85 -1.62 -24.51
N VAL A 385 36.44 -0.37 -24.69
CA VAL A 385 35.84 0.08 -25.95
C VAL A 385 36.83 -0.05 -27.10
N ASP A 386 38.05 0.44 -26.87
CA ASP A 386 39.17 0.28 -27.80
C ASP A 386 39.38 -1.19 -28.19
N MET A 387 39.40 -2.10 -27.21
CA MET A 387 39.71 -3.50 -27.50
C MET A 387 38.59 -4.20 -28.24
N LEU A 388 37.37 -3.74 -28.02
CA LEU A 388 36.22 -4.33 -28.69
C LEU A 388 36.15 -3.88 -30.16
N SER A 389 36.60 -2.65 -30.44
CA SER A 389 36.64 -2.12 -31.81
C SER A 389 38.01 -1.55 -32.12
N PRO A 390 38.99 -2.41 -32.24
CA PRO A 390 40.38 -1.95 -32.25
C PRO A 390 40.81 -1.35 -33.57
N ASN A 391 41.88 -0.57 -33.51
CA ASN A 391 42.57 -0.21 -34.73
C ASN A 391 44.03 -0.56 -34.60
N THR A 392 44.83 0.00 -35.48
CA THR A 392 46.23 -0.36 -35.55
C THR A 392 47.02 0.10 -34.31
N SER A 393 46.49 1.10 -33.59
CA SER A 393 47.18 1.64 -32.43
C SER A 393 46.65 1.12 -31.10
N THR A 394 45.77 0.12 -31.14
CA THR A 394 45.13 -0.37 -29.91
C THR A 394 46.13 -0.94 -28.91
N ASN A 395 46.05 -0.47 -27.68
CA ASN A 395 46.85 -1.02 -26.59
C ASN A 395 46.16 -2.26 -26.01
N TRP A 396 46.72 -3.45 -26.25
CA TRP A 396 46.08 -4.70 -25.85
C TRP A 396 46.43 -5.22 -24.45
N MET A 397 47.28 -4.49 -23.73
CA MET A 397 47.78 -4.95 -22.42
C MET A 397 47.42 -3.98 -21.30
N SER A 398 46.33 -3.24 -21.43
CA SER A 398 46.01 -2.18 -20.49
C SER A 398 44.98 -2.62 -19.47
N PHE A 399 45.08 -3.87 -19.04
CA PHE A 399 44.18 -4.40 -18.04
C PHE A 399 45.01 -5.10 -16.97
N PHE A 400 44.41 -5.29 -15.79
CA PHE A 400 45.01 -6.11 -14.75
C PHE A 400 44.39 -7.50 -14.81
N LEU A 401 45.23 -8.52 -14.63
CA LEU A 401 44.76 -9.89 -14.65
C LEU A 401 44.82 -10.49 -13.23
N TYR A 402 43.79 -11.27 -12.88
CA TYR A 402 43.78 -11.94 -11.59
C TYR A 402 43.51 -13.42 -11.76
N LYS A 403 44.07 -14.21 -10.85
CA LYS A 403 43.78 -15.63 -10.82
C LYS A 403 43.40 -15.93 -9.38
N ASP A 404 42.21 -16.48 -9.20
CA ASP A 404 41.65 -16.69 -7.87
C ASP A 404 41.86 -15.48 -6.98
N GLY A 405 41.62 -14.29 -7.53
CA GLY A 405 41.69 -13.07 -6.75
C GLY A 405 43.09 -12.53 -6.51
N GLU A 406 44.09 -13.16 -7.11
CA GLU A 406 45.48 -12.75 -6.91
C GLU A 406 46.08 -12.12 -8.16
N VAL A 407 46.67 -10.93 -8.03
CA VAL A 407 47.19 -10.21 -9.19
C VAL A 407 48.29 -11.00 -9.91
N GLN A 408 48.26 -10.99 -11.25
CA GLN A 408 49.21 -11.76 -12.05
C GLN A 408 50.18 -10.86 -12.81
N ASN A 409 51.36 -11.39 -13.06
CA ASN A 409 52.27 -10.76 -14.00
C ASN A 409 51.77 -11.05 -15.41
N THR A 410 51.28 -10.02 -16.09
CA THR A 410 50.75 -10.16 -17.46
C THR A 410 51.89 -10.10 -18.45
N PHE A 411 52.81 -11.04 -18.32
CA PHE A 411 53.95 -11.16 -19.22
C PHE A 411 54.25 -12.63 -19.43
N GLY A 412 53.90 -13.44 -18.44
CA GLY A 412 54.01 -14.88 -18.58
C GLY A 412 52.86 -15.43 -19.42
N TYR A 413 51.90 -14.57 -19.74
CA TYR A 413 50.72 -14.98 -20.49
C TYR A 413 50.85 -14.80 -22.00
N SER A 414 50.03 -15.51 -22.76
CA SER A 414 49.87 -15.25 -24.18
C SER A 414 48.52 -14.56 -24.39
N LEU A 415 48.53 -13.35 -24.94
CA LEU A 415 47.27 -12.67 -25.22
C LEU A 415 46.37 -13.56 -26.06
N SER A 416 46.94 -14.21 -27.08
CA SER A 416 46.12 -15.03 -27.96
C SER A 416 45.36 -16.06 -27.13
N ASN A 417 46.09 -16.78 -26.27
CA ASN A 417 45.50 -17.82 -25.44
C ASN A 417 44.60 -17.29 -24.34
N LEU A 418 45.00 -16.19 -23.71
CA LEU A 418 44.18 -15.65 -22.64
C LEU A 418 42.81 -15.29 -23.21
N PHE A 419 42.82 -14.59 -24.35
CA PHE A 419 41.57 -14.17 -24.99
C PHE A 419 40.77 -15.37 -25.47
N SER A 420 41.39 -16.30 -26.20
CA SER A 420 40.58 -17.38 -26.80
C SER A 420 40.02 -18.37 -25.79
N GLU A 421 40.75 -18.61 -24.72
CA GLU A 421 40.32 -19.57 -23.72
C GLU A 421 39.47 -18.94 -22.61
N SER A 422 39.85 -17.75 -22.16
CA SER A 422 39.26 -17.21 -20.93
C SER A 422 38.34 -15.99 -21.12
N PHE A 423 38.67 -15.13 -22.09
CA PHE A 423 37.88 -13.92 -22.37
C PHE A 423 37.60 -13.81 -23.86
N PRO A 424 36.73 -14.71 -24.35
CA PRO A 424 36.42 -14.85 -25.78
C PRO A 424 35.91 -13.53 -26.37
N ILE A 425 35.25 -12.71 -25.56
CA ILE A 425 34.72 -11.42 -26.04
C ILE A 425 35.81 -10.64 -26.75
N PHE A 426 37.05 -10.83 -26.34
CA PHE A 426 38.15 -10.11 -26.96
C PHE A 426 38.81 -10.87 -28.11
N SER A 427 38.49 -12.15 -28.24
CA SER A 427 39.26 -13.02 -29.12
C SER A 427 39.11 -12.70 -30.62
N ILE A 428 37.87 -12.59 -31.09
CA ILE A 428 37.68 -12.25 -32.48
C ILE A 428 38.25 -10.87 -32.86
N PRO A 429 37.88 -9.81 -32.10
CA PRO A 429 38.46 -8.48 -32.33
C PRO A 429 39.98 -8.52 -32.39
N TYR A 430 40.61 -9.20 -31.44
CA TYR A 430 42.07 -9.31 -31.38
C TYR A 430 42.62 -10.03 -32.61
N HIS A 431 42.10 -11.22 -32.87
CA HIS A 431 42.67 -11.99 -33.96
C HIS A 431 42.36 -11.33 -35.31
N LYS A 432 41.22 -10.66 -35.38
CA LYS A 432 40.85 -9.91 -36.58
C LYS A 432 41.80 -8.75 -36.83
N ALA A 433 42.12 -7.99 -35.79
CA ALA A 433 43.03 -6.86 -35.93
C ALA A 433 44.41 -7.36 -36.35
N PHE A 434 44.84 -8.48 -35.77
CA PHE A 434 46.19 -8.96 -36.03
C PHE A 434 46.37 -9.51 -37.45
N SER A 435 45.26 -9.93 -38.08
CA SER A 435 45.29 -10.51 -39.41
C SER A 435 45.11 -9.46 -40.53
N GLN A 436 44.74 -8.24 -40.16
CA GLN A 436 44.50 -7.18 -41.12
C GLN A 436 45.73 -6.91 -42.01
N ASN A 437 45.51 -6.82 -43.31
CA ASN A 437 46.62 -6.55 -44.21
C ASN A 437 47.78 -7.52 -44.04
N PHE A 438 47.50 -8.75 -43.62
CA PHE A 438 48.60 -9.70 -43.45
C PHE A 438 49.35 -10.01 -44.76
N VAL A 439 48.63 -10.42 -45.80
CA VAL A 439 49.37 -10.73 -47.02
C VAL A 439 49.89 -9.49 -47.72
N SER A 440 49.15 -8.39 -47.60
CA SER A 440 49.60 -7.09 -48.07
C SER A 440 50.95 -6.70 -47.45
N GLY A 441 51.09 -6.93 -46.14
CA GLY A 441 52.34 -6.66 -45.47
C GLY A 441 53.51 -7.49 -46.01
N ILE A 442 53.24 -8.76 -46.28
CA ILE A 442 54.26 -9.64 -46.89
C ILE A 442 54.66 -9.11 -48.28
N LEU A 443 53.67 -8.75 -49.08
CA LEU A 443 53.91 -8.21 -50.41
C LEU A 443 54.79 -6.94 -50.34
N ASP A 444 54.55 -6.09 -49.35
CA ASP A 444 55.31 -4.85 -49.17
C ASP A 444 56.80 -5.12 -49.00
N ILE A 445 57.10 -6.21 -48.32
CA ILE A 445 58.46 -6.66 -48.12
C ILE A 445 59.02 -7.33 -49.37
N LEU A 446 58.20 -8.09 -50.10
CA LEU A 446 58.74 -8.84 -51.24
C LEU A 446 58.98 -8.00 -52.49
N ILE A 447 58.12 -7.03 -52.73
CA ILE A 447 58.09 -6.37 -54.03
C ILE A 447 58.27 -4.87 -53.89
N SER A 448 59.48 -4.38 -54.12
CA SER A 448 59.74 -2.95 -54.02
C SER A 448 59.14 -2.21 -55.22
N ASP A 449 59.00 -2.92 -56.34
CA ASP A 449 58.43 -2.30 -57.53
C ASP A 449 56.95 -2.03 -57.36
N ASN A 450 56.57 -0.76 -57.35
CA ASN A 450 55.17 -0.39 -57.11
C ASN A 450 54.17 -0.93 -58.12
N GLU A 451 54.52 -0.92 -59.40
CA GLU A 451 53.56 -1.36 -60.40
C GLU A 451 53.24 -2.84 -60.24
N LEU A 452 54.28 -3.65 -60.04
CA LEU A 452 54.09 -5.08 -59.85
C LEU A 452 53.37 -5.34 -58.54
N LYS A 453 53.80 -4.71 -57.46
CA LYS A 453 53.14 -4.93 -56.17
C LYS A 453 51.64 -4.68 -56.29
N GLU A 454 51.29 -3.63 -57.04
CA GLU A 454 49.88 -3.31 -57.25
C GLU A 454 49.08 -4.41 -57.96
N ARG A 455 49.71 -5.09 -58.93
CA ARG A 455 49.08 -6.25 -59.57
C ARG A 455 48.74 -7.32 -58.51
N PHE A 456 49.67 -7.58 -57.59
CA PHE A 456 49.43 -8.60 -56.56
C PHE A 456 48.36 -8.15 -55.59
N ILE A 457 48.47 -6.90 -55.14
CA ILE A 457 47.51 -6.39 -54.17
C ILE A 457 46.10 -6.31 -54.74
N GLU A 458 45.97 -5.79 -55.95
CA GLU A 458 44.68 -5.70 -56.61
C GLU A 458 44.01 -7.06 -56.80
N ALA A 459 44.80 -8.09 -57.10
CA ALA A 459 44.27 -9.44 -57.35
C ALA A 459 43.63 -10.03 -56.11
N LEU A 460 44.06 -9.57 -54.93
CA LEU A 460 43.42 -9.98 -53.68
C LEU A 460 41.89 -9.77 -53.68
N ASN A 461 41.42 -8.82 -54.48
CA ASN A 461 40.02 -8.39 -54.45
C ASN A 461 39.13 -9.16 -55.41
N SER A 462 39.71 -10.02 -56.23
CA SER A 462 38.92 -10.81 -57.15
C SER A 462 39.37 -12.24 -57.15
N ASN A 463 38.47 -13.14 -57.52
CA ASN A 463 38.79 -14.56 -57.61
C ASN A 463 39.47 -14.95 -58.93
N LYS A 464 39.59 -14.01 -59.87
CA LYS A 464 40.21 -14.28 -61.17
C LYS A 464 41.04 -13.11 -61.63
N SER A 465 42.07 -13.38 -62.43
CA SER A 465 42.82 -12.33 -63.09
C SER A 465 43.03 -12.63 -64.57
N ASP A 466 43.04 -11.58 -65.37
CA ASP A 466 43.32 -11.67 -66.80
C ASP A 466 44.80 -11.42 -67.03
N TYR A 467 45.42 -10.74 -66.08
CA TYR A 467 46.86 -10.52 -66.13
C TYR A 467 47.55 -11.83 -65.82
N LYS A 468 48.51 -12.22 -66.65
CA LYS A 468 49.18 -13.51 -66.50
C LYS A 468 50.68 -13.31 -66.42
N MET A 469 51.34 -14.25 -65.75
CA MET A 469 52.79 -14.16 -65.58
C MET A 469 53.52 -15.46 -65.91
N ILE A 470 53.14 -16.11 -67.02
CA ILE A 470 53.84 -17.31 -67.46
C ILE A 470 54.80 -17.07 -68.63
N ALA A 471 54.67 -15.95 -69.32
CA ALA A 471 55.59 -15.60 -70.40
C ALA A 471 57.02 -15.41 -69.90
N ASP A 472 57.98 -15.70 -70.78
CA ASP A 472 59.40 -15.66 -70.45
C ASP A 472 59.81 -14.37 -69.74
N ASP A 473 59.37 -13.23 -70.26
CA ASP A 473 59.78 -11.96 -69.67
C ASP A 473 59.11 -11.74 -68.31
N GLN A 474 57.90 -12.26 -68.18
CA GLN A 474 57.17 -12.17 -66.93
C GLN A 474 57.87 -13.00 -65.85
N GLN A 475 58.27 -14.22 -66.19
CA GLN A 475 58.96 -15.06 -65.20
C GLN A 475 60.36 -14.53 -64.86
N ARG A 476 60.96 -13.81 -65.81
CA ARG A 476 62.25 -13.20 -65.57
C ARG A 476 62.09 -12.06 -64.55
N LYS A 477 61.04 -11.27 -64.72
CA LYS A 477 60.70 -10.25 -63.75
C LYS A 477 60.49 -10.90 -62.37
N LEU A 478 59.69 -11.95 -62.31
CA LEU A 478 59.49 -12.67 -61.05
C LEU A 478 60.80 -13.14 -60.42
N ALA A 479 61.69 -13.70 -61.24
CA ALA A 479 62.94 -14.23 -60.71
C ALA A 479 63.79 -13.14 -60.05
N CYS A 480 63.79 -11.93 -60.64
CA CYS A 480 64.59 -10.83 -60.09
C CYS A 480 64.05 -10.40 -58.73
N VAL A 481 62.73 -10.39 -58.61
CA VAL A 481 62.07 -10.01 -57.38
C VAL A 481 62.29 -11.04 -56.25
N TRP A 482 62.00 -12.30 -56.54
CA TRP A 482 61.97 -13.33 -55.50
C TRP A 482 63.30 -14.02 -55.17
N ASN A 483 64.24 -14.04 -56.13
CA ASN A 483 65.48 -14.81 -55.91
C ASN A 483 66.23 -14.46 -54.62
N PRO A 484 66.27 -13.19 -54.24
CA PRO A 484 66.88 -12.80 -52.96
C PRO A 484 66.22 -13.45 -51.73
N PHE A 485 65.01 -13.97 -51.90
CA PHE A 485 64.28 -14.51 -50.76
C PHE A 485 64.25 -16.04 -50.75
N LEU A 486 64.86 -16.64 -51.76
CA LEU A 486 64.83 -18.08 -51.93
C LEU A 486 66.21 -18.70 -51.90
N ASP A 487 66.30 -19.88 -51.27
CA ASP A 487 67.46 -20.76 -51.38
C ASP A 487 66.95 -22.06 -52.03
N GLY A 488 66.90 -22.07 -53.37
CA GLY A 488 66.30 -23.18 -54.08
C GLY A 488 64.79 -23.21 -53.90
N TRP A 489 64.30 -24.25 -53.23
CA TRP A 489 62.87 -24.42 -53.01
C TRP A 489 62.53 -24.08 -51.56
N GLU A 490 63.50 -23.54 -50.85
CA GLU A 490 63.33 -23.22 -49.44
C GLU A 490 63.46 -21.73 -49.28
N LEU A 491 62.87 -21.20 -48.23
CA LEU A 491 63.00 -19.77 -47.98
C LEU A 491 64.39 -19.45 -47.44
N ASN A 492 64.94 -18.36 -47.92
CA ASN A 492 66.18 -17.82 -47.39
C ASN A 492 66.09 -17.62 -45.86
N ALA A 493 67.14 -17.98 -45.13
CA ALA A 493 67.10 -18.00 -43.67
C ALA A 493 66.84 -16.65 -43.01
N GLN A 494 67.32 -15.58 -43.64
CA GLN A 494 67.09 -14.23 -43.13
C GLN A 494 65.66 -13.75 -43.39
N HIS A 495 65.11 -14.16 -44.53
CA HIS A 495 63.72 -13.85 -44.83
C HIS A 495 62.80 -14.52 -43.81
N VAL A 496 63.11 -15.78 -43.48
CA VAL A 496 62.34 -16.48 -42.45
C VAL A 496 62.35 -15.71 -41.12
N ASP A 497 63.53 -15.28 -40.69
CA ASP A 497 63.65 -14.59 -39.41
C ASP A 497 62.82 -13.33 -39.43
N MET A 498 62.81 -12.64 -40.56
CA MET A 498 62.03 -11.43 -40.65
C MET A 498 60.51 -11.73 -40.52
N ILE A 499 60.05 -12.83 -41.11
CA ILE A 499 58.63 -13.21 -41.00
C ILE A 499 58.27 -13.67 -39.58
N MET A 500 59.06 -14.56 -39.03
CA MET A 500 58.72 -15.12 -37.73
C MET A 500 58.78 -14.06 -36.62
N GLY A 501 59.53 -12.98 -36.83
CA GLY A 501 59.75 -11.99 -35.80
C GLY A 501 58.72 -10.86 -35.74
N SER A 502 57.81 -10.86 -36.69
CA SER A 502 56.84 -9.78 -36.79
C SER A 502 55.93 -9.69 -35.58
N HIS A 503 55.41 -8.48 -35.36
CA HIS A 503 54.48 -8.21 -34.27
C HIS A 503 53.22 -9.08 -34.39
N VAL A 504 52.90 -9.44 -35.63
CA VAL A 504 51.65 -10.13 -35.93
C VAL A 504 51.76 -11.63 -35.67
N LEU A 505 52.99 -12.12 -35.61
CA LEU A 505 53.19 -13.56 -35.60
C LEU A 505 53.91 -14.02 -34.38
N LYS A 506 54.83 -13.20 -33.85
CA LYS A 506 55.78 -13.68 -32.86
C LYS A 506 55.11 -14.09 -31.56
N ASP A 507 53.98 -13.48 -31.22
CA ASP A 507 53.28 -13.85 -29.98
C ASP A 507 52.16 -14.88 -30.15
N MET A 508 51.91 -15.32 -31.38
CA MET A 508 50.94 -16.37 -31.61
C MET A 508 51.49 -17.70 -31.10
N PRO A 509 50.63 -18.57 -30.59
CA PRO A 509 51.11 -19.92 -30.29
C PRO A 509 51.69 -20.58 -31.55
N LEU A 510 52.67 -21.46 -31.38
CA LEU A 510 53.30 -22.22 -32.45
C LEU A 510 52.30 -22.80 -33.46
N ARG A 511 51.30 -23.51 -32.95
CA ARG A 511 50.28 -24.07 -33.80
C ARG A 511 49.63 -23.06 -34.74
N LYS A 512 49.29 -21.89 -34.21
CA LYS A 512 48.63 -20.85 -35.00
C LYS A 512 49.61 -20.24 -35.97
N GLN A 513 50.86 -20.11 -35.55
CA GLN A 513 51.91 -19.67 -36.46
C GLN A 513 51.98 -20.60 -37.66
N ALA A 514 51.90 -21.90 -37.41
CA ALA A 514 52.01 -22.88 -38.50
C ALA A 514 50.81 -22.79 -39.44
N GLU A 515 49.62 -22.55 -38.89
CA GLU A 515 48.39 -22.46 -39.68
C GLU A 515 48.39 -21.22 -40.57
N ILE A 516 48.87 -20.12 -40.01
CA ILE A 516 48.99 -18.88 -40.76
C ILE A 516 50.02 -19.02 -41.91
N LEU A 517 51.13 -19.69 -41.64
CA LEU A 517 52.13 -19.94 -42.67
C LEU A 517 51.56 -20.86 -43.76
N PHE A 518 50.79 -21.85 -43.33
CA PHE A 518 50.12 -22.77 -44.25
C PHE A 518 49.21 -21.95 -45.17
N CYS A 519 48.41 -21.07 -44.57
CA CYS A 519 47.52 -20.20 -45.34
C CYS A 519 48.28 -19.30 -46.31
N LEU A 520 49.37 -18.71 -45.85
CA LEU A 520 50.23 -17.90 -46.72
C LEU A 520 50.79 -18.77 -47.86
N GLY A 521 51.16 -20.01 -47.55
CA GLY A 521 51.60 -20.94 -48.59
C GLY A 521 50.49 -21.14 -49.61
N GLY A 522 49.25 -21.21 -49.12
CA GLY A 522 48.10 -21.38 -49.98
C GLY A 522 47.85 -20.16 -50.85
N VAL A 523 48.11 -18.99 -50.29
CA VAL A 523 47.95 -17.74 -51.02
C VAL A 523 48.83 -17.70 -52.27
N PHE A 524 50.08 -18.11 -52.13
CA PHE A 524 51.00 -18.00 -53.25
C PHE A 524 50.80 -19.15 -54.28
N CYS A 525 50.28 -20.27 -53.80
CA CYS A 525 49.77 -21.30 -54.68
C CYS A 525 48.56 -20.77 -55.50
N LYS A 526 47.65 -20.07 -54.85
CA LYS A 526 46.55 -19.42 -55.57
C LYS A 526 47.05 -18.41 -56.61
N TYR A 527 47.98 -17.55 -56.22
CA TYR A 527 48.57 -16.62 -57.17
C TYR A 527 49.11 -17.35 -58.43
N SER A 528 49.67 -18.53 -58.24
CA SER A 528 50.26 -19.28 -59.34
C SER A 528 49.25 -20.07 -60.20
N SER A 529 48.00 -20.15 -59.75
CA SER A 529 47.03 -21.03 -60.40
C SER A 529 46.36 -20.41 -61.64
N SER A 530 45.58 -21.23 -62.34
CA SER A 530 44.94 -20.83 -63.59
C SER A 530 43.98 -19.66 -63.39
N ASP A 531 43.43 -19.56 -62.20
CA ASP A 531 42.54 -18.46 -61.88
C ASP A 531 43.27 -17.12 -61.82
N MET A 532 44.52 -17.12 -61.37
CA MET A 532 45.26 -15.88 -61.18
C MET A 532 46.29 -15.61 -62.26
N PHE A 533 47.56 -15.73 -61.90
CA PHE A 533 48.65 -15.36 -62.78
C PHE A 533 49.18 -16.53 -63.62
N GLY A 534 48.65 -17.73 -63.38
CA GLY A 534 49.07 -18.89 -64.14
C GLY A 534 47.99 -19.19 -65.17
N THR A 535 48.14 -20.31 -65.86
CA THR A 535 47.19 -20.71 -66.89
C THR A 535 46.63 -22.10 -66.61
N GLU A 536 45.78 -22.57 -67.53
CA GLU A 536 45.18 -23.89 -67.43
C GLU A 536 46.24 -24.98 -67.41
N TYR A 537 47.40 -24.68 -67.97
CA TYR A 537 48.39 -25.70 -68.26
C TYR A 537 49.74 -25.44 -67.57
N ASP A 538 49.94 -24.23 -67.03
CA ASP A 538 51.21 -23.95 -66.38
C ASP A 538 51.10 -22.87 -65.30
N SER A 539 52.15 -22.74 -64.49
CA SER A 539 52.20 -21.78 -63.40
C SER A 539 53.63 -21.26 -63.25
N PRO A 540 53.79 -20.00 -62.84
CA PRO A 540 55.13 -19.42 -62.68
C PRO A 540 55.92 -20.20 -61.63
N GLU A 541 57.10 -20.67 -62.01
CA GLU A 541 57.87 -21.51 -61.11
C GLU A 541 58.28 -20.76 -59.83
N ILE A 542 58.61 -19.48 -59.97
CA ILE A 542 59.02 -18.67 -58.81
C ILE A 542 57.96 -18.70 -57.71
N LEU A 543 56.71 -18.59 -58.10
CA LEU A 543 55.65 -18.56 -57.12
C LEU A 543 55.45 -19.95 -56.49
N ARG A 544 55.64 -21.02 -57.26
CA ARG A 544 55.61 -22.37 -56.67
C ARG A 544 56.72 -22.54 -55.64
N ARG A 545 57.92 -22.04 -55.95
CA ARG A 545 59.04 -22.13 -55.03
C ARG A 545 58.79 -21.42 -53.71
N TYR A 546 58.23 -20.23 -53.78
CA TYR A 546 57.95 -19.46 -52.58
C TYR A 546 56.85 -20.17 -51.77
N ALA A 547 55.80 -20.63 -52.45
CA ALA A 547 54.77 -21.40 -51.77
C ALA A 547 55.37 -22.64 -51.09
N ASN A 548 56.28 -23.29 -51.78
CA ASN A 548 56.94 -24.45 -51.24
C ASN A 548 57.77 -24.10 -49.99
N GLY A 549 58.52 -23.02 -50.06
CA GLY A 549 59.31 -22.58 -48.91
C GLY A 549 58.44 -22.29 -47.69
N LEU A 550 57.29 -21.66 -47.92
CA LEU A 550 56.32 -21.36 -46.87
C LEU A 550 55.77 -22.62 -46.23
N ILE A 551 55.39 -23.59 -47.06
CA ILE A 551 54.92 -24.86 -46.58
C ILE A 551 55.95 -25.61 -45.74
N GLU A 552 57.18 -25.66 -46.20
CA GLU A 552 58.24 -26.27 -45.42
C GLU A 552 58.46 -25.53 -44.09
N GLN A 553 58.42 -24.21 -44.12
CA GLN A 553 58.48 -23.47 -42.90
C GLN A 553 57.32 -23.76 -41.97
N ALA A 554 56.11 -23.86 -42.47
CA ALA A 554 54.96 -24.24 -41.63
C ALA A 554 55.18 -25.59 -40.97
N TYR A 555 55.70 -26.54 -41.73
CA TYR A 555 55.93 -27.89 -41.21
C TYR A 555 57.01 -27.91 -40.11
N LYS A 556 58.06 -27.12 -40.26
CA LYS A 556 59.06 -27.00 -39.21
C LYS A 556 58.48 -26.35 -37.95
N THR A 557 57.52 -25.44 -38.14
CA THR A 557 56.96 -24.69 -37.03
C THR A 557 56.02 -25.55 -36.21
N ASP A 558 55.15 -26.28 -36.89
CA ASP A 558 54.30 -27.25 -36.22
C ASP A 558 53.70 -28.25 -37.21
N PRO A 559 54.32 -29.43 -37.31
CA PRO A 559 53.99 -30.40 -38.35
C PRO A 559 52.58 -30.94 -38.19
N GLN A 560 51.96 -30.80 -37.03
CA GLN A 560 50.63 -31.40 -36.83
C GLN A 560 49.53 -30.67 -37.60
N VAL A 561 49.81 -29.46 -38.06
CA VAL A 561 48.82 -28.72 -38.83
C VAL A 561 48.51 -29.41 -40.18
N PHE A 562 49.37 -30.33 -40.58
CA PHE A 562 49.23 -31.07 -41.84
C PHE A 562 48.47 -32.39 -41.69
N GLY A 563 48.21 -32.78 -40.43
CA GLY A 563 47.50 -34.02 -40.16
C GLY A 563 48.39 -35.25 -40.29
N SER A 564 49.30 -35.24 -41.25
CA SER A 564 50.23 -36.36 -41.45
C SER A 564 51.33 -35.99 -42.43
N VAL A 565 52.45 -36.68 -42.34
CA VAL A 565 53.59 -36.38 -43.14
C VAL A 565 53.30 -36.67 -44.61
N TYR A 566 52.38 -37.59 -44.88
CA TYR A 566 52.04 -37.98 -46.25
C TYR A 566 51.37 -36.81 -47.03
N TYR A 567 50.48 -36.09 -46.35
CA TYR A 567 49.86 -34.92 -46.97
C TYR A 567 50.92 -33.82 -47.24
N TYR A 568 51.73 -33.53 -46.22
CA TYR A 568 52.85 -32.62 -46.37
C TYR A 568 53.69 -33.00 -47.61
N ASN A 569 54.09 -34.27 -47.69
CA ASN A 569 54.93 -34.73 -48.82
C ASN A 569 54.23 -34.56 -50.17
N ASP A 570 52.92 -34.75 -50.16
CA ASP A 570 52.08 -34.69 -51.34
C ASP A 570 52.10 -33.25 -51.87
N ILE A 571 51.91 -32.28 -50.97
CA ILE A 571 51.98 -30.87 -51.35
C ILE A 571 53.32 -30.49 -52.03
N LEU A 572 54.42 -30.89 -51.40
CA LEU A 572 55.75 -30.62 -51.95
C LEU A 572 55.91 -31.25 -53.33
N ASP A 573 55.49 -32.50 -53.47
CA ASP A 573 55.60 -33.20 -54.76
C ASP A 573 54.83 -32.46 -55.87
N ARG A 574 53.62 -32.03 -55.55
CA ARG A 574 52.79 -31.38 -56.57
C ARG A 574 53.35 -30.04 -56.97
N LEU A 575 53.89 -29.32 -55.98
CA LEU A 575 54.48 -28.01 -56.21
C LEU A 575 55.75 -28.10 -57.00
N GLN A 576 56.59 -29.09 -56.67
CA GLN A 576 57.87 -29.21 -57.32
C GLN A 576 57.77 -29.85 -58.71
N GLY A 577 56.78 -30.71 -58.90
CA GLY A 577 56.51 -31.24 -60.24
C GLY A 577 57.69 -31.84 -60.98
N ARG A 578 58.46 -32.71 -60.33
CA ARG A 578 59.63 -33.26 -61.00
C ARG A 578 59.23 -34.09 -62.21
N ASN A 579 60.00 -33.91 -63.29
CA ASN A 579 59.80 -34.61 -64.55
C ASN A 579 58.74 -33.94 -65.43
N ASN A 580 58.18 -32.84 -64.94
CA ASN A 580 57.12 -32.13 -65.65
C ASN A 580 57.60 -30.89 -66.37
N VAL A 581 57.31 -30.78 -67.66
CA VAL A 581 57.59 -29.57 -68.42
C VAL A 581 56.72 -28.39 -67.94
N PHE A 582 55.44 -28.67 -67.70
CA PHE A 582 54.49 -27.67 -67.24
C PHE A 582 53.86 -28.23 -65.95
N THR A 583 53.47 -27.33 -65.05
CA THR A 583 52.84 -27.72 -63.79
C THR A 583 51.71 -26.74 -63.44
N CYS A 584 50.51 -27.28 -63.28
CA CYS A 584 49.33 -26.48 -62.98
C CYS A 584 49.02 -26.63 -61.48
N THR A 585 48.62 -25.54 -60.82
CA THR A 585 48.47 -25.54 -59.36
C THR A 585 47.03 -25.35 -58.91
N ALA A 586 46.09 -25.41 -59.85
CA ALA A 586 44.67 -25.25 -59.51
C ALA A 586 44.17 -26.34 -58.55
N VAL A 587 44.59 -27.57 -58.79
CA VAL A 587 44.11 -28.68 -57.96
C VAL A 587 44.69 -28.57 -56.55
N LEU A 588 45.98 -28.29 -56.47
CA LEU A 588 46.66 -28.17 -55.20
C LEU A 588 46.08 -27.01 -54.38
N THR A 589 45.77 -25.90 -55.04
CA THR A 589 45.12 -24.77 -54.36
C THR A 589 43.87 -25.26 -53.60
N ASP A 590 43.03 -26.04 -54.28
CA ASP A 590 41.84 -26.59 -53.63
C ASP A 590 42.15 -27.59 -52.52
N MET A 591 43.22 -28.36 -52.68
CA MET A 591 43.59 -29.32 -51.63
C MET A 591 44.01 -28.58 -50.36
N LEU A 592 44.68 -27.46 -50.54
CA LEU A 592 45.20 -26.68 -49.42
C LEU A 592 44.06 -25.98 -48.70
N THR A 593 43.18 -25.31 -49.45
CA THR A 593 42.07 -24.59 -48.83
C THR A 593 41.07 -25.56 -48.20
N GLU A 594 40.87 -26.71 -48.82
CA GLU A 594 39.92 -27.68 -48.28
C GLU A 594 40.48 -28.18 -46.96
N HIS A 595 41.79 -28.38 -46.89
CA HIS A 595 42.38 -28.87 -45.66
C HIS A 595 42.31 -27.82 -44.55
N ALA A 596 42.57 -26.56 -44.90
CA ALA A 596 42.50 -25.47 -43.92
C ALA A 596 41.06 -25.32 -43.39
N LYS A 597 40.09 -25.39 -44.30
CA LYS A 597 38.69 -25.33 -43.92
C LYS A 597 38.30 -26.44 -42.94
N GLU A 598 38.88 -27.62 -43.11
CA GLU A 598 38.57 -28.75 -42.24
C GLU A 598 39.28 -28.63 -40.90
N SER A 599 40.55 -28.23 -40.96
CA SER A 599 41.44 -28.34 -39.80
C SER A 599 41.61 -27.04 -38.99
N PHE A 600 41.51 -25.90 -39.65
CA PHE A 600 41.59 -24.63 -38.90
C PHE A 600 40.77 -23.53 -39.56
N PRO A 601 39.44 -23.70 -39.57
CA PRO A 601 38.56 -22.79 -40.29
C PRO A 601 38.64 -21.34 -39.83
N GLU A 602 38.87 -21.09 -38.54
CA GLU A 602 38.92 -19.70 -38.04
C GLU A 602 40.15 -18.92 -38.57
N ILE A 603 41.34 -19.50 -38.44
CA ILE A 603 42.53 -18.98 -39.10
C ILE A 603 42.31 -18.83 -40.63
N PHE A 604 41.83 -19.88 -41.28
CA PHE A 604 41.55 -19.80 -42.72
C PHE A 604 40.70 -18.58 -43.04
N SER A 605 39.61 -18.43 -42.30
CA SER A 605 38.70 -17.33 -42.55
C SER A 605 39.35 -15.96 -42.34
N LEU A 606 40.28 -15.87 -41.39
CA LEU A 606 40.98 -14.61 -41.10
C LEU A 606 42.13 -14.27 -42.04
N TYR A 607 42.91 -15.28 -42.43
CA TYR A 607 44.15 -15.03 -43.16
C TYR A 607 44.10 -15.27 -44.67
N TYR A 608 43.15 -16.07 -45.13
CA TYR A 608 43.05 -16.33 -46.56
C TYR A 608 42.06 -15.32 -47.12
N PRO A 609 42.43 -14.62 -48.21
CA PRO A 609 41.59 -13.53 -48.72
C PRO A 609 40.16 -13.94 -49.00
N VAL A 610 39.22 -13.16 -48.51
CA VAL A 610 37.82 -13.53 -48.58
C VAL A 610 37.36 -13.73 -50.04
N ALA A 611 37.88 -12.89 -50.95
CA ALA A 611 37.49 -13.00 -52.35
C ALA A 611 37.84 -14.37 -52.95
N TRP A 612 38.77 -15.07 -52.32
CA TRP A 612 39.30 -16.31 -52.89
C TRP A 612 38.71 -17.56 -52.26
N ARG A 613 37.82 -17.38 -51.29
CA ARG A 613 37.25 -18.53 -50.63
C ARG A 613 35.73 -18.51 -50.68
N GLN B 2 -28.59 58.00 29.71
CA GLN B 2 -28.95 57.71 31.10
C GLN B 2 -27.70 57.49 31.95
N GLY B 3 -26.52 57.58 31.32
CA GLY B 3 -25.27 57.45 32.04
C GLY B 3 -24.08 57.98 31.27
N ARG B 4 -23.18 58.65 31.98
CA ARG B 4 -21.93 59.12 31.38
C ARG B 4 -20.76 58.61 32.19
N ALA B 5 -19.60 58.49 31.56
CA ALA B 5 -18.39 58.01 32.24
C ALA B 5 -17.83 59.06 33.19
N CYS B 6 -18.62 60.11 33.43
CA CYS B 6 -18.24 61.18 34.33
C CYS B 6 -18.85 60.95 35.71
N LEU B 7 -20.03 60.34 35.72
CA LEU B 7 -20.81 60.12 36.95
C LEU B 7 -20.08 59.27 37.97
N SER B 8 -20.53 59.36 39.21
CA SER B 8 -20.05 58.50 40.28
C SER B 8 -20.48 57.08 39.99
N LYS B 9 -19.85 56.13 40.67
CA LYS B 9 -20.21 54.73 40.51
C LYS B 9 -21.53 54.43 41.22
N ALA B 10 -21.84 55.20 42.26
CA ALA B 10 -23.07 54.99 43.03
C ALA B 10 -24.29 55.54 42.30
N GLU B 11 -24.07 56.46 41.38
CA GLU B 11 -25.15 57.03 40.57
C GLU B 11 -25.37 56.18 39.32
N LEU B 12 -24.27 55.78 38.67
CA LEU B 12 -24.31 54.82 37.59
C LEU B 12 -25.28 53.71 37.94
N THR B 13 -25.09 53.13 39.12
CA THR B 13 -25.98 52.08 39.62
C THR B 13 -27.42 52.55 39.65
N ALA B 14 -27.66 53.66 40.34
CA ALA B 14 -29.00 54.22 40.44
C ALA B 14 -29.62 54.36 39.05
N ASP B 15 -28.85 54.92 38.13
CA ASP B 15 -29.30 55.13 36.76
C ASP B 15 -29.68 53.81 36.08
N LEU B 16 -28.76 52.84 36.09
CA LEU B 16 -29.02 51.53 35.51
C LEU B 16 -30.25 50.87 36.10
N ILE B 17 -30.41 51.01 37.43
CA ILE B 17 -31.51 50.37 38.14
C ILE B 17 -32.86 50.90 37.67
N TRP B 18 -32.94 52.23 37.53
CA TRP B 18 -34.12 52.90 37.02
C TRP B 18 -34.48 52.34 35.65
N LEU B 19 -33.51 52.39 34.74
CA LEU B 19 -33.69 51.87 33.39
C LEU B 19 -34.42 50.53 33.40
N SER B 20 -33.92 49.58 34.18
CA SER B 20 -34.48 48.23 34.19
C SER B 20 -35.94 48.20 34.64
N ALA B 21 -36.31 49.11 35.53
CA ALA B 21 -37.67 49.14 36.06
C ALA B 21 -38.64 49.82 35.10
N ASN B 22 -38.10 50.61 34.18
CA ASN B 22 -38.93 51.44 33.31
C ASN B 22 -38.54 51.38 31.82
N ARG B 23 -38.27 50.18 31.32
CA ARG B 23 -37.85 50.01 29.92
C ARG B 23 -38.94 50.38 28.92
N THR B 24 -38.52 50.94 27.79
CA THR B 24 -39.44 51.40 26.75
C THR B 24 -39.36 50.49 25.54
N GLY B 25 -38.18 49.94 25.28
CA GLY B 25 -37.95 49.16 24.09
C GLY B 25 -37.76 50.10 22.91
N GLU B 26 -37.90 51.40 23.20
CA GLU B 26 -37.66 52.43 22.20
C GLU B 26 -36.95 53.60 22.86
N GLU B 27 -35.74 53.35 23.35
CA GLU B 27 -34.92 54.38 23.98
C GLU B 27 -33.93 55.00 22.99
N SER B 28 -33.37 56.16 23.33
CA SER B 28 -32.45 56.86 22.45
C SER B 28 -31.01 56.45 22.71
N ALA B 29 -30.09 56.94 21.88
CA ALA B 29 -28.67 56.65 22.03
C ALA B 29 -28.15 57.08 23.41
N GLU B 30 -28.24 58.38 23.70
CA GLU B 30 -27.74 58.89 24.97
C GLU B 30 -28.40 58.20 26.16
N GLU B 31 -29.66 57.79 25.98
CA GLU B 31 -30.43 57.14 27.04
C GLU B 31 -29.93 55.72 27.33
N LEU B 32 -29.12 55.18 26.43
CA LEU B 32 -28.58 53.82 26.57
C LEU B 32 -27.06 53.82 26.51
N ASN B 33 -26.47 55.01 26.44
CA ASN B 33 -25.03 55.13 26.22
C ASN B 33 -24.20 55.11 27.50
N TYR B 34 -23.70 53.93 27.87
CA TYR B 34 -22.85 53.80 29.05
C TYR B 34 -21.44 53.41 28.62
N SER B 35 -21.07 53.81 27.41
CA SER B 35 -19.75 53.50 26.88
C SER B 35 -18.65 54.10 27.76
N GLY B 36 -17.60 53.32 27.99
CA GLY B 36 -16.44 53.79 28.73
C GLY B 36 -16.66 53.93 30.23
N CYS B 37 -17.86 53.59 30.69
CA CYS B 37 -18.20 53.69 32.10
C CYS B 37 -17.45 52.67 32.97
N ASP B 38 -17.10 53.08 34.18
CA ASP B 38 -16.47 52.17 35.15
C ASP B 38 -17.54 51.61 36.06
N LEU B 39 -17.91 50.35 35.83
CA LEU B 39 -18.93 49.68 36.62
C LEU B 39 -18.32 48.55 37.45
N SER B 40 -17.06 48.73 37.83
CA SER B 40 -16.32 47.73 38.59
C SER B 40 -16.89 47.47 39.98
N GLY B 41 -16.79 46.22 40.42
CA GLY B 41 -17.17 45.83 41.78
C GLY B 41 -18.62 46.05 42.17
N LEU B 42 -19.52 46.04 41.19
CA LEU B 42 -20.93 46.32 41.45
C LEU B 42 -21.78 45.05 41.49
N SER B 43 -23.03 45.20 41.91
CA SER B 43 -23.99 44.10 41.88
C SER B 43 -25.22 44.46 41.06
N LEU B 44 -25.20 44.12 39.78
CA LEU B 44 -26.31 44.41 38.88
C LEU B 44 -27.03 43.11 38.52
N VAL B 45 -27.92 42.69 39.41
CA VAL B 45 -28.50 41.36 39.31
C VAL B 45 -29.93 41.36 38.77
N GLY B 46 -30.13 40.66 37.65
CA GLY B 46 -31.45 40.52 37.06
C GLY B 46 -31.98 41.82 36.50
N LEU B 47 -31.09 42.68 36.03
CA LEU B 47 -31.48 43.94 35.43
C LEU B 47 -31.86 43.74 33.97
N ASN B 48 -32.93 44.42 33.55
CA ASN B 48 -33.41 44.37 32.18
C ASN B 48 -32.64 45.38 31.33
N LEU B 49 -31.51 44.96 30.78
CA LEU B 49 -30.59 45.87 30.09
C LEU B 49 -30.44 45.56 28.60
N SER B 50 -31.49 45.03 27.98
CA SER B 50 -31.44 44.75 26.55
C SER B 50 -31.09 46.01 25.74
N SER B 51 -30.21 45.85 24.75
CA SER B 51 -29.89 46.93 23.80
C SER B 51 -28.98 48.04 24.36
N VAL B 52 -28.68 47.99 25.65
CA VAL B 52 -27.82 48.99 26.27
C VAL B 52 -26.39 48.97 25.72
N ASN B 53 -25.78 50.14 25.62
CA ASN B 53 -24.41 50.26 25.10
C ASN B 53 -23.37 50.36 26.22
N PHE B 54 -22.47 49.38 26.29
CA PHE B 54 -21.42 49.35 27.30
C PHE B 54 -20.05 49.27 26.66
N SER B 55 -19.95 49.63 25.39
CA SER B 55 -18.70 49.50 24.66
C SER B 55 -17.54 50.10 25.45
N GLY B 56 -16.39 49.41 25.45
CA GLY B 56 -15.19 49.89 26.11
C GLY B 56 -15.32 50.05 27.62
N ALA B 57 -16.51 49.79 28.15
CA ALA B 57 -16.75 49.89 29.60
C ALA B 57 -15.91 48.91 30.41
N VAL B 58 -16.15 48.90 31.72
CA VAL B 58 -15.49 47.95 32.60
C VAL B 58 -16.47 47.33 33.58
N LEU B 59 -16.60 46.01 33.52
CA LEU B 59 -17.53 45.29 34.38
C LEU B 59 -16.82 44.25 35.24
N ASP B 60 -15.53 44.47 35.48
CA ASP B 60 -14.73 43.63 36.38
C ASP B 60 -15.35 43.51 37.76
N ASP B 61 -15.16 42.33 38.37
CA ASP B 61 -15.60 42.06 39.73
C ASP B 61 -17.07 42.38 39.97
N THR B 62 -17.87 42.23 38.93
CA THR B 62 -19.31 42.55 39.01
C THR B 62 -20.21 41.34 38.88
N ASP B 63 -21.28 41.35 39.66
CA ASP B 63 -22.28 40.30 39.60
C ASP B 63 -23.45 40.71 38.70
N LEU B 64 -23.43 40.24 37.44
CA LEU B 64 -24.52 40.52 36.50
C LEU B 64 -25.58 39.42 36.45
N ARG B 65 -25.47 38.43 37.33
CA ARG B 65 -26.26 37.20 37.18
C ARG B 65 -27.75 37.44 36.87
N MET B 66 -28.27 36.68 35.91
CA MET B 66 -29.69 36.76 35.54
C MET B 66 -30.10 38.02 34.75
N SER B 67 -29.18 38.98 34.59
CA SER B 67 -29.48 40.19 33.82
C SER B 67 -29.65 39.93 32.32
N ASP B 68 -30.57 40.68 31.71
CA ASP B 68 -30.80 40.59 30.28
C ASP B 68 -29.94 41.59 29.53
N LEU B 69 -28.96 41.08 28.81
CA LEU B 69 -28.08 41.93 28.02
C LEU B 69 -28.20 41.59 26.54
N SER B 70 -29.39 41.15 26.12
CA SER B 70 -29.59 40.75 24.74
C SER B 70 -29.52 41.97 23.82
N GLN B 71 -28.87 41.78 22.68
CA GLN B 71 -28.64 42.86 21.72
C GLN B 71 -27.84 44.02 22.31
N ALA B 72 -27.32 43.84 23.53
CA ALA B 72 -26.50 44.86 24.12
C ALA B 72 -25.20 45.00 23.32
N VAL B 73 -24.57 46.17 23.42
CA VAL B 73 -23.34 46.43 22.69
C VAL B 73 -22.20 46.49 23.68
N LEU B 74 -21.33 45.48 23.65
CA LEU B 74 -20.32 45.34 24.70
C LEU B 74 -18.92 45.31 24.13
N GLU B 75 -18.77 45.76 22.90
CA GLU B 75 -17.46 45.72 22.24
C GLU B 75 -16.39 46.23 23.19
N ASN B 76 -15.30 45.47 23.31
CA ASN B 76 -14.12 45.89 24.06
C ASN B 76 -14.30 45.96 25.57
N CYS B 77 -15.48 45.55 26.04
CA CYS B 77 -15.75 45.52 27.48
C CYS B 77 -14.82 44.57 28.21
N SER B 78 -14.64 44.80 29.50
CA SER B 78 -13.82 43.91 30.32
C SER B 78 -14.68 43.23 31.39
N PHE B 79 -14.59 41.89 31.44
CA PHE B 79 -15.31 41.10 32.43
C PHE B 79 -14.33 40.24 33.22
N LYS B 80 -13.30 40.87 33.79
CA LYS B 80 -12.38 40.16 34.69
C LYS B 80 -13.04 39.85 36.03
N ASN B 81 -13.12 38.55 36.36
CA ASN B 81 -13.60 38.09 37.65
C ASN B 81 -15.07 38.44 37.88
N SER B 82 -15.80 38.53 36.78
CA SER B 82 -17.21 38.84 36.81
C SER B 82 -18.04 37.58 36.96
N ILE B 83 -19.31 37.76 37.32
CA ILE B 83 -20.21 36.63 37.42
C ILE B 83 -21.33 36.78 36.39
N LEU B 84 -21.28 35.97 35.34
CA LEU B 84 -22.22 36.09 34.23
C LEU B 84 -23.28 35.00 34.24
N ASN B 85 -23.34 34.23 35.32
CA ASN B 85 -24.27 33.10 35.40
C ASN B 85 -25.68 33.45 34.98
N GLU B 86 -26.24 32.63 34.08
CA GLU B 86 -27.61 32.77 33.67
C GLU B 86 -27.95 34.12 33.00
N CYS B 87 -26.94 34.81 32.49
CA CYS B 87 -27.17 36.04 31.74
C CYS B 87 -27.66 35.76 30.34
N ASN B 88 -28.45 36.68 29.80
CA ASN B 88 -28.86 36.61 28.40
C ASN B 88 -28.04 37.55 27.52
N PHE B 89 -27.16 36.98 26.71
CA PHE B 89 -26.39 37.76 25.76
C PHE B 89 -26.81 37.45 24.32
N CYS B 90 -28.07 37.08 24.12
CA CYS B 90 -28.55 36.73 22.78
C CYS B 90 -28.39 37.88 21.78
N TYR B 91 -27.75 37.60 20.65
CA TYR B 91 -27.53 38.61 19.64
C TYR B 91 -26.76 39.84 20.13
N ALA B 92 -25.93 39.67 21.16
CA ALA B 92 -25.15 40.79 21.69
C ALA B 92 -23.76 40.88 21.05
N ASN B 93 -23.19 42.08 21.02
CA ASN B 93 -21.85 42.26 20.49
C ASN B 93 -20.83 42.22 21.60
N LEU B 94 -19.96 41.22 21.57
CA LEU B 94 -18.92 41.05 22.59
C LEU B 94 -17.55 40.91 21.92
N SER B 95 -17.41 41.53 20.75
CA SER B 95 -16.14 41.55 20.03
C SER B 95 -14.96 41.98 20.91
N ASN B 96 -13.88 41.20 20.90
CA ASN B 96 -12.67 41.58 21.60
C ASN B 96 -12.80 41.65 23.13
N CYS B 97 -13.94 41.25 23.66
CA CYS B 97 -14.13 41.26 25.11
C CYS B 97 -13.15 40.34 25.84
N ILE B 98 -12.81 40.73 27.06
CA ILE B 98 -12.03 39.90 27.96
C ILE B 98 -12.99 39.28 28.97
N ILE B 99 -13.20 37.98 28.85
CA ILE B 99 -14.13 37.27 29.72
C ILE B 99 -13.41 36.24 30.60
N ARG B 100 -13.24 36.58 31.87
CA ARG B 100 -12.70 35.68 32.86
C ARG B 100 -13.74 35.59 33.97
N ALA B 101 -14.70 34.70 33.80
CA ALA B 101 -15.91 34.77 34.60
C ALA B 101 -16.53 33.41 34.89
N LEU B 102 -17.47 33.42 35.82
CA LEU B 102 -18.38 32.31 35.98
C LEU B 102 -19.47 32.49 34.95
N PHE B 103 -19.60 31.52 34.04
CA PHE B 103 -20.61 31.59 32.98
C PHE B 103 -21.54 30.38 32.91
N GLU B 104 -22.08 30.00 34.07
CA GLU B 104 -23.01 28.89 34.20
C GLU B 104 -24.29 29.15 33.41
N ASN B 105 -24.57 28.35 32.40
CA ASN B 105 -25.81 28.51 31.65
C ASN B 105 -26.01 29.92 31.07
N SER B 106 -24.91 30.63 30.86
CA SER B 106 -24.95 31.94 30.20
C SER B 106 -25.30 31.77 28.73
N ASN B 107 -26.24 32.57 28.22
CA ASN B 107 -26.68 32.43 26.84
C ASN B 107 -26.02 33.39 25.86
N PHE B 108 -25.04 32.87 25.12
CA PHE B 108 -24.39 33.63 24.05
C PHE B 108 -24.93 33.30 22.66
N SER B 109 -26.17 32.83 22.58
CA SER B 109 -26.78 32.51 21.29
C SER B 109 -26.61 33.66 20.27
N ASN B 110 -26.13 33.34 19.08
CA ASN B 110 -26.05 34.34 18.02
C ASN B 110 -25.28 35.59 18.45
N SER B 111 -24.38 35.44 19.42
CA SER B 111 -23.56 36.54 19.90
C SER B 111 -22.40 36.77 18.98
N ASN B 112 -21.88 37.99 18.98
CA ASN B 112 -20.63 38.26 18.28
C ASN B 112 -19.48 38.19 19.29
N LEU B 113 -18.72 37.11 19.23
CA LEU B 113 -17.63 36.90 20.15
C LEU B 113 -16.28 36.88 19.43
N LYS B 114 -16.22 37.53 18.27
CA LYS B 114 -15.00 37.51 17.48
C LYS B 114 -13.85 38.11 18.29
N ASN B 115 -12.71 37.42 18.27
CA ASN B 115 -11.53 37.87 19.00
C ASN B 115 -11.70 37.98 20.52
N ALA B 116 -12.84 37.58 21.05
CA ALA B 116 -13.03 37.59 22.50
C ALA B 116 -12.12 36.54 23.16
N SER B 117 -11.98 36.61 24.47
CA SER B 117 -11.18 35.61 25.19
C SER B 117 -11.86 35.16 26.48
N PHE B 118 -12.05 33.86 26.61
CA PHE B 118 -12.73 33.29 27.78
C PHE B 118 -11.73 32.75 28.81
N LYS B 119 -10.45 32.98 28.54
CA LYS B 119 -9.35 32.57 29.41
C LYS B 119 -9.68 32.73 30.90
N GLY B 120 -9.68 31.61 31.63
CA GLY B 120 -9.87 31.65 33.06
C GLY B 120 -11.32 31.58 33.53
N SER B 121 -12.24 31.42 32.59
CA SER B 121 -13.64 31.27 32.99
C SER B 121 -13.93 29.82 33.39
N SER B 122 -15.12 29.59 33.93
CA SER B 122 -15.53 28.25 34.33
C SER B 122 -17.05 28.14 34.56
N TYR B 123 -17.56 26.92 34.47
CA TYR B 123 -18.87 26.58 34.98
C TYR B 123 -18.76 25.27 35.75
N ILE B 124 -19.79 24.97 36.54
CA ILE B 124 -19.82 23.79 37.37
C ILE B 124 -20.49 22.61 36.67
N GLN B 125 -21.74 22.82 36.27
CA GLN B 125 -22.57 21.76 35.71
C GLN B 125 -23.18 22.12 34.36
N TYR B 126 -23.68 23.34 34.23
CA TYR B 126 -24.34 23.74 32.99
C TYR B 126 -23.48 24.72 32.20
N PRO B 127 -23.03 24.29 31.01
CA PRO B 127 -22.14 25.11 30.19
C PRO B 127 -22.88 26.31 29.59
N PRO B 128 -22.11 27.32 29.16
CA PRO B 128 -22.69 28.42 28.39
C PRO B 128 -23.22 27.89 27.05
N ILE B 129 -24.18 28.60 26.47
CA ILE B 129 -24.78 28.26 25.19
C ILE B 129 -24.18 29.11 24.08
N LEU B 130 -23.62 28.46 23.06
CA LEU B 130 -22.86 29.15 22.02
C LEU B 130 -23.43 28.91 20.63
N ASN B 131 -24.67 28.43 20.58
CA ASN B 131 -25.34 28.11 19.33
C ASN B 131 -25.42 29.34 18.40
N GLU B 132 -24.70 29.27 17.29
CA GLU B 132 -24.70 30.32 16.28
C GLU B 132 -23.97 31.59 16.69
N ALA B 133 -23.16 31.50 17.75
CA ALA B 133 -22.28 32.59 18.12
C ALA B 133 -21.05 32.56 17.24
N ASP B 134 -20.53 33.74 16.90
CA ASP B 134 -19.30 33.82 16.14
C ASP B 134 -18.10 33.86 17.08
N LEU B 135 -17.25 32.84 16.99
CA LEU B 135 -16.07 32.71 17.83
C LEU B 135 -14.80 32.81 17.00
N THR B 136 -14.94 33.30 15.77
CA THR B 136 -13.79 33.52 14.91
C THR B 136 -12.72 34.30 15.67
N GLY B 137 -11.52 33.75 15.72
CA GLY B 137 -10.42 34.36 16.44
C GLY B 137 -10.55 34.40 17.97
N ALA B 138 -11.66 33.88 18.51
CA ALA B 138 -11.82 33.85 19.97
C ALA B 138 -10.88 32.86 20.67
N ILE B 139 -10.60 33.13 21.94
CA ILE B 139 -9.84 32.19 22.76
C ILE B 139 -10.81 31.47 23.69
N ILE B 140 -10.98 30.17 23.46
CA ILE B 140 -11.87 29.37 24.31
C ILE B 140 -11.08 28.50 25.30
N ILE B 141 -11.80 27.84 26.21
CA ILE B 141 -11.16 26.92 27.14
C ILE B 141 -11.79 25.53 27.12
N PRO B 142 -11.03 24.51 27.55
CA PRO B 142 -11.55 23.14 27.65
C PRO B 142 -12.83 23.13 28.45
N GLY B 143 -13.80 22.34 28.01
CA GLY B 143 -15.06 22.23 28.73
C GLY B 143 -16.19 23.02 28.08
N MET B 144 -15.85 24.00 27.25
CA MET B 144 -16.88 24.75 26.58
C MET B 144 -17.52 23.88 25.49
N VAL B 145 -18.85 23.93 25.42
CA VAL B 145 -19.59 23.18 24.42
C VAL B 145 -19.74 24.00 23.15
N LEU B 146 -19.25 23.49 22.02
CA LEU B 146 -19.20 24.28 20.79
C LEU B 146 -20.38 24.05 19.85
N SER B 147 -21.38 23.30 20.32
CA SER B 147 -22.54 22.97 19.50
C SER B 147 -23.07 24.18 18.75
N GLY B 148 -22.95 24.16 17.42
CA GLY B 148 -23.55 25.16 16.58
C GLY B 148 -22.80 26.48 16.46
N ALA B 149 -21.60 26.54 17.03
CA ALA B 149 -20.80 27.76 17.02
C ALA B 149 -20.02 27.92 15.73
N ILE B 150 -19.80 29.17 15.33
CA ILE B 150 -18.96 29.47 14.18
C ILE B 150 -17.53 29.68 14.62
N LEU B 151 -16.63 28.82 14.17
CA LEU B 151 -15.24 28.90 14.62
C LEU B 151 -14.36 29.67 13.62
N GLY B 152 -14.87 29.85 12.40
CA GLY B 152 -14.10 30.47 11.34
C GLY B 152 -13.12 29.48 10.75
N ASP B 153 -12.58 29.82 9.58
CA ASP B 153 -11.69 28.90 8.88
C ASP B 153 -10.28 28.97 9.46
N VAL B 154 -9.53 27.88 9.36
CA VAL B 154 -8.17 27.90 9.85
C VAL B 154 -7.34 28.92 9.07
N LYS B 155 -6.68 29.81 9.80
CA LYS B 155 -5.72 30.74 9.20
C LYS B 155 -4.34 30.11 9.30
N GLU B 156 -3.95 29.70 10.50
CA GLU B 156 -2.73 28.92 10.68
C GLU B 156 -3.05 27.48 11.12
N LEU B 157 -2.48 26.53 10.39
CA LEU B 157 -2.72 25.10 10.66
C LEU B 157 -2.33 24.70 12.09
N PHE B 158 -1.15 25.11 12.53
CA PHE B 158 -0.65 24.70 13.85
C PHE B 158 -0.18 25.84 14.73
N SER B 159 -0.72 25.90 15.94
CA SER B 159 -0.32 26.89 16.93
C SER B 159 1.17 26.82 17.23
N GLU B 160 1.74 27.94 17.65
CA GLU B 160 3.15 28.00 18.03
C GLU B 160 3.29 28.27 19.52
N LYS B 161 2.21 28.71 20.15
CA LYS B 161 2.29 29.12 21.55
C LYS B 161 2.72 27.97 22.47
N SER B 162 2.19 26.79 22.21
CA SER B 162 2.54 25.60 22.97
C SER B 162 1.70 25.47 24.23
N ASN B 163 0.87 26.48 24.48
CA ASN B 163 -0.11 26.43 25.55
C ASN B 163 -1.49 26.54 24.96
N THR B 164 -1.56 26.50 23.63
CA THR B 164 -2.84 26.59 22.95
C THR B 164 -2.93 25.52 21.87
N ILE B 165 -4.15 25.16 21.52
CA ILE B 165 -4.39 24.27 20.39
C ILE B 165 -5.35 24.98 19.45
N ASN B 166 -4.97 25.06 18.17
CA ASN B 166 -5.83 25.67 17.19
C ASN B 166 -7.00 24.76 16.87
N LEU B 167 -8.19 25.33 16.72
CA LEU B 167 -9.38 24.58 16.36
C LEU B 167 -10.21 25.40 15.37
N GLY B 168 -10.08 25.11 14.09
CA GLY B 168 -10.67 25.97 13.10
C GLY B 168 -10.06 27.35 13.28
N GLY B 169 -10.90 28.38 13.31
CA GLY B 169 -10.40 29.74 13.38
C GLY B 169 -10.18 30.23 14.80
N CYS B 170 -10.43 29.37 15.79
CA CYS B 170 -10.31 29.82 17.17
C CYS B 170 -9.24 29.02 17.92
N TYR B 171 -9.03 29.37 19.18
CA TYR B 171 -7.87 28.89 19.93
C TYR B 171 -8.30 28.34 21.28
N ILE B 172 -7.94 27.10 21.56
CA ILE B 172 -8.23 26.52 22.86
C ILE B 172 -7.04 26.78 23.77
N ASP B 173 -7.28 27.49 24.86
CA ASP B 173 -6.20 27.87 25.75
C ASP B 173 -6.02 26.86 26.88
N LEU B 174 -4.78 26.41 27.07
CA LEU B 174 -4.46 25.44 28.11
C LEU B 174 -3.62 26.03 29.25
N SER B 175 -3.85 27.31 29.58
CA SER B 175 -3.11 27.98 30.64
C SER B 175 -3.69 27.69 32.02
N ASP B 176 -4.96 27.33 32.05
CA ASP B 176 -5.71 27.22 33.30
C ASP B 176 -6.24 25.80 33.49
N ILE B 177 -5.35 24.82 33.45
CA ILE B 177 -5.72 23.41 33.58
C ILE B 177 -4.93 22.72 34.69
N GLN B 178 -4.63 23.45 35.76
CA GLN B 178 -3.96 22.88 36.92
C GLN B 178 -2.63 22.20 36.57
N GLU B 179 -1.99 22.70 35.52
CA GLU B 179 -0.70 22.18 35.02
C GLU B 179 -0.70 20.68 34.73
N ASN B 180 -1.89 20.12 34.54
CA ASN B 180 -2.05 18.68 34.40
C ASN B 180 -2.97 18.35 33.23
N ILE B 181 -2.38 17.88 32.14
CA ILE B 181 -3.14 17.62 30.92
C ILE B 181 -4.26 16.58 31.17
N LEU B 182 -4.06 15.71 32.15
CA LEU B 182 -5.06 14.69 32.44
C LEU B 182 -6.39 15.30 32.90
N SER B 183 -6.31 16.48 33.48
CA SER B 183 -7.53 17.15 33.97
C SER B 183 -8.49 17.56 32.83
N VAL B 184 -8.04 17.49 31.59
CA VAL B 184 -8.95 17.86 30.50
C VAL B 184 -9.38 16.66 29.66
N LEU B 185 -9.11 15.47 30.17
CA LEU B 185 -9.33 14.24 29.42
C LEU B 185 -10.38 13.34 30.05
N ASP B 186 -11.28 13.92 30.84
CA ASP B 186 -12.20 13.08 31.61
C ASP B 186 -13.63 13.55 31.40
N ASN B 187 -14.32 12.86 30.48
CA ASN B 187 -15.71 13.16 30.15
C ASN B 187 -16.72 12.72 31.21
N TYR B 188 -16.30 11.83 32.10
CA TYR B 188 -17.25 11.23 33.05
C TYR B 188 -17.39 11.96 34.39
N THR B 189 -16.26 12.41 34.94
CA THR B 189 -16.25 13.03 36.25
C THR B 189 -15.76 14.49 36.21
N LYS B 190 -15.20 14.92 35.08
CA LYS B 190 -14.75 16.31 34.89
C LYS B 190 -15.22 16.88 33.53
N SER B 191 -16.49 16.67 33.20
CA SER B 191 -17.02 17.08 31.91
C SER B 191 -16.85 18.58 31.71
N ASN B 192 -16.96 19.34 32.80
CA ASN B 192 -16.89 20.79 32.75
C ASN B 192 -15.49 21.33 32.45
N LYS B 193 -14.52 20.44 32.35
CA LYS B 193 -13.15 20.85 32.08
C LYS B 193 -12.58 20.11 30.87
N SER B 194 -13.43 19.34 30.18
CA SER B 194 -12.94 18.41 29.19
C SER B 194 -12.68 19.07 27.83
N ILE B 195 -11.46 18.94 27.34
CA ILE B 195 -11.15 19.40 25.99
C ILE B 195 -11.75 18.45 24.93
N LEU B 196 -12.02 17.21 25.33
CA LEU B 196 -12.59 16.22 24.41
C LEU B 196 -14.03 16.58 24.11
N LEU B 197 -14.75 17.02 25.13
CA LEU B 197 -16.08 17.55 24.96
C LEU B 197 -16.06 18.77 24.04
N THR B 198 -15.11 19.67 24.25
CA THR B 198 -14.96 20.86 23.43
C THR B 198 -14.76 20.51 21.95
N MET B 199 -13.79 19.64 21.70
CA MET B 199 -13.48 19.21 20.34
C MET B 199 -14.64 18.50 19.66
N ASN B 200 -15.25 17.54 20.35
CA ASN B 200 -16.27 16.72 19.70
C ASN B 200 -17.65 17.35 19.61
N THR B 201 -17.86 18.48 20.29
CA THR B 201 -19.13 19.18 20.15
C THR B 201 -19.02 20.25 19.06
N SER B 202 -17.84 20.46 18.50
CA SER B 202 -17.74 21.37 17.36
C SER B 202 -18.44 20.74 16.15
N ASP B 203 -18.98 21.58 15.26
CA ASP B 203 -19.82 21.10 14.15
C ASP B 203 -19.06 20.28 13.13
N ASP B 204 -19.79 19.52 12.30
CA ASP B 204 -19.19 18.62 11.32
C ASP B 204 -18.21 19.31 10.36
N LYS B 205 -18.47 20.56 10.00
CA LYS B 205 -17.60 21.24 9.06
C LYS B 205 -16.19 21.42 9.63
N TYR B 206 -16.03 21.23 10.94
CA TYR B 206 -14.72 21.35 11.56
C TYR B 206 -14.00 20.02 11.78
N ASN B 207 -14.48 18.95 11.15
CA ASN B 207 -13.88 17.62 11.31
C ASN B 207 -12.37 17.56 11.08
N HIS B 208 -11.90 18.14 9.98
CA HIS B 208 -10.47 18.15 9.68
C HIS B 208 -9.73 18.87 10.80
N ASP B 209 -10.33 19.95 11.30
CA ASP B 209 -9.76 20.69 12.41
C ASP B 209 -9.71 19.82 13.67
N LYS B 210 -10.78 19.06 13.93
CA LYS B 210 -10.79 18.15 15.07
C LYS B 210 -9.61 17.23 14.98
N VAL B 211 -9.40 16.64 13.80
CA VAL B 211 -8.36 15.63 13.65
C VAL B 211 -6.99 16.26 13.96
N ARG B 212 -6.78 17.48 13.46
CA ARG B 212 -5.54 18.20 13.69
CA ARG B 212 -5.52 18.20 13.69
C ARG B 212 -5.35 18.56 15.17
N ALA B 213 -6.43 19.02 15.80
CA ALA B 213 -6.37 19.37 17.22
C ALA B 213 -6.01 18.14 18.05
N ALA B 214 -6.46 16.97 17.61
CA ALA B 214 -6.25 15.71 18.33
C ALA B 214 -4.81 15.21 18.23
N GLU B 215 -4.23 15.33 17.04
CA GLU B 215 -2.81 15.03 16.86
C GLU B 215 -1.97 15.98 17.71
N GLU B 216 -2.39 17.24 17.78
CA GLU B 216 -1.70 18.19 18.65
C GLU B 216 -1.84 17.83 20.13
N LEU B 217 -3.05 17.51 20.56
CA LEU B 217 -3.29 17.12 21.94
C LEU B 217 -2.43 15.90 22.32
N ILE B 218 -2.32 14.95 21.39
CA ILE B 218 -1.61 13.71 21.68
C ILE B 218 -0.15 13.94 22.05
N LYS B 219 0.47 14.93 21.42
CA LYS B 219 1.86 15.27 21.74
C LYS B 219 2.02 15.75 23.19
N LYS B 220 0.97 16.32 23.76
CA LYS B 220 1.05 16.85 25.13
C LYS B 220 0.78 15.79 26.20
N ILE B 221 0.44 14.58 25.80
CA ILE B 221 0.13 13.53 26.77
C ILE B 221 1.30 12.54 26.91
N SER B 222 1.95 12.52 28.06
CA SER B 222 3.07 11.59 28.22
C SER B 222 2.57 10.18 28.55
N LEU B 223 3.22 9.19 27.96
CA LEU B 223 2.86 7.79 28.18
C LEU B 223 2.89 7.42 29.67
N ASP B 224 3.84 7.96 30.42
CA ASP B 224 3.90 7.69 31.85
C ASP B 224 2.63 8.11 32.60
N GLU B 225 2.02 9.21 32.18
CA GLU B 225 0.77 9.71 32.77
CA GLU B 225 0.79 9.65 32.84
C GLU B 225 -0.40 8.77 32.44
N LEU B 226 -0.16 7.85 31.52
CA LEU B 226 -1.21 6.93 31.09
C LEU B 226 -0.89 5.52 31.57
N ALA B 227 0.23 5.39 32.29
CA ALA B 227 0.67 4.10 32.80
C ALA B 227 -0.29 3.49 33.82
N ALA B 228 -0.82 4.30 34.73
CA ALA B 228 -1.79 3.81 35.71
C ALA B 228 -3.15 3.51 35.06
N PHE B 229 -3.97 2.76 35.78
CA PHE B 229 -5.33 2.41 35.34
C PHE B 229 -6.12 3.60 34.80
N ARG B 230 -6.33 4.61 35.66
CA ARG B 230 -6.99 5.85 35.24
C ARG B 230 -8.18 5.64 34.31
N PRO B 231 -9.16 4.85 34.76
CA PRO B 231 -10.21 4.33 33.88
C PRO B 231 -11.07 5.42 33.23
N TYR B 232 -11.31 6.53 33.91
CA TYR B 232 -12.18 7.57 33.32
C TYR B 232 -11.48 8.30 32.17
N VAL B 233 -10.17 8.45 32.29
CA VAL B 233 -9.42 9.06 31.20
C VAL B 233 -9.33 8.11 29.99
N LYS B 234 -9.06 6.84 30.26
CA LYS B 234 -8.89 5.82 29.21
C LYS B 234 -10.20 5.63 28.45
N MET B 235 -11.30 5.61 29.19
CA MET B 235 -12.60 5.44 28.57
C MET B 235 -12.96 6.67 27.74
N SER B 236 -12.70 7.86 28.29
CA SER B 236 -12.93 9.10 27.55
C SER B 236 -12.13 9.13 26.24
N LEU B 237 -10.85 8.78 26.30
CA LEU B 237 -10.03 8.75 25.09
C LEU B 237 -10.59 7.78 24.03
N ALA B 238 -10.91 6.56 24.45
CA ALA B 238 -11.45 5.58 23.50
C ALA B 238 -12.79 6.07 22.95
N ASP B 239 -13.64 6.63 23.80
CA ASP B 239 -14.92 7.18 23.36
C ASP B 239 -14.72 8.29 22.34
N SER B 240 -13.79 9.18 22.63
CA SER B 240 -13.73 10.45 21.90
C SER B 240 -13.03 10.28 20.57
N PHE B 241 -12.09 9.33 20.53
CA PHE B 241 -11.21 9.16 19.39
C PHE B 241 -11.43 7.86 18.59
N SER B 242 -12.39 7.03 18.99
CA SER B 242 -12.67 5.81 18.23
C SER B 242 -13.97 5.94 17.49
N ILE B 243 -14.25 7.17 17.07
CA ILE B 243 -15.41 7.47 16.25
C ILE B 243 -14.96 8.36 15.07
N HIS B 244 -15.84 8.54 14.09
CA HIS B 244 -15.59 9.47 13.01
C HIS B 244 -15.49 10.88 13.62
N PRO B 245 -14.54 11.71 13.14
CA PRO B 245 -13.65 11.56 11.99
C PRO B 245 -12.26 11.03 12.32
N TYR B 246 -12.05 10.49 13.51
CA TYR B 246 -10.69 10.08 13.89
C TYR B 246 -10.34 8.70 13.42
N LEU B 247 -11.36 7.90 13.12
CA LEU B 247 -11.16 6.48 12.81
C LEU B 247 -10.27 6.26 11.59
N ASN B 248 -10.34 7.18 10.63
CA ASN B 248 -9.56 7.08 9.40
C ASN B 248 -8.19 7.75 9.50
N ASN B 249 -7.82 8.15 10.72
CA ASN B 249 -6.48 8.70 10.94
C ASN B 249 -5.53 7.68 11.54
N ALA B 250 -4.63 7.17 10.72
CA ALA B 250 -3.67 6.15 11.17
C ALA B 250 -2.89 6.60 12.40
N ASN B 251 -2.45 7.84 12.41
CA ASN B 251 -1.66 8.36 13.52
C ASN B 251 -2.38 8.24 14.86
N ILE B 252 -3.62 8.74 14.92
CA ILE B 252 -4.38 8.68 16.15
C ILE B 252 -4.68 7.23 16.55
N GLN B 253 -5.10 6.42 15.58
CA GLN B 253 -5.46 5.03 15.87
C GLN B 253 -4.27 4.20 16.36
N GLN B 254 -3.08 4.47 15.83
CA GLN B 254 -1.90 3.74 16.27
C GLN B 254 -1.48 4.17 17.66
N TRP B 255 -1.76 5.42 18.00
CA TRP B 255 -1.45 5.92 19.33
C TRP B 255 -2.40 5.30 20.36
N LEU B 256 -3.69 5.26 20.01
CA LEU B 256 -4.74 4.69 20.88
C LEU B 256 -4.59 3.18 21.15
N GLU B 257 -4.14 2.43 20.13
CA GLU B 257 -4.19 0.98 20.19
C GLU B 257 -3.50 0.39 21.43
N PRO B 258 -2.23 0.75 21.67
CA PRO B 258 -1.57 0.21 22.86
C PRO B 258 -2.32 0.56 24.15
N ILE B 259 -2.85 1.79 24.23
CA ILE B 259 -3.59 2.26 25.41
C ILE B 259 -4.86 1.44 25.62
N CYS B 260 -5.62 1.23 24.57
CA CYS B 260 -6.81 0.41 24.65
C CYS B 260 -6.55 -1.08 24.90
N ASP B 261 -5.52 -1.65 24.30
CA ASP B 261 -5.19 -3.03 24.51
C ASP B 261 -5.05 -3.32 25.99
N ASP B 262 -4.20 -2.56 26.65
CA ASP B 262 -4.00 -2.61 28.08
C ASP B 262 -5.29 -2.40 28.86
N PHE B 263 -5.97 -1.31 28.62
CA PHE B 263 -7.18 -0.97 29.38
C PHE B 263 -8.33 -1.97 29.21
N PHE B 264 -8.63 -2.35 27.97
CA PHE B 264 -9.71 -3.31 27.77
C PHE B 264 -9.34 -4.72 28.23
N ASP B 265 -8.05 -5.05 28.24
CA ASP B 265 -7.61 -6.31 28.80
C ASP B 265 -7.98 -6.33 30.28
N THR B 266 -7.75 -5.22 30.96
CA THR B 266 -8.07 -5.11 32.39
C THR B 266 -9.57 -5.13 32.63
N ILE B 267 -10.31 -4.42 31.79
CA ILE B 267 -11.76 -4.36 31.93
C ILE B 267 -12.41 -5.72 31.71
N MET B 268 -12.02 -6.42 30.65
CA MET B 268 -12.66 -7.71 30.36
C MET B 268 -12.38 -8.69 31.48
N SER B 269 -11.17 -8.63 32.03
CA SER B 269 -10.82 -9.52 33.12
C SER B 269 -11.60 -9.16 34.38
N TRP B 270 -11.56 -7.89 34.76
CA TRP B 270 -12.21 -7.40 35.98
C TRP B 270 -13.72 -7.65 36.01
N PHE B 271 -14.35 -7.56 34.85
CA PHE B 271 -15.80 -7.75 34.75
C PHE B 271 -16.19 -9.19 34.45
N ASN B 272 -15.23 -10.07 34.21
CA ASN B 272 -15.61 -11.43 33.85
C ASN B 272 -16.52 -12.07 34.90
N ASN B 273 -17.60 -12.68 34.42
CA ASN B 273 -18.63 -13.30 35.26
C ASN B 273 -19.48 -12.31 36.02
N SER B 274 -19.40 -11.04 35.62
CA SER B 274 -20.31 -10.00 36.12
C SER B 274 -21.00 -9.35 34.94
N ILE B 275 -22.11 -8.65 35.19
CA ILE B 275 -22.76 -7.86 34.17
C ILE B 275 -21.78 -6.81 33.62
N MET B 276 -21.65 -6.75 32.30
CA MET B 276 -20.77 -5.77 31.66
C MET B 276 -21.34 -4.35 31.71
N MET B 277 -20.50 -3.38 32.06
CA MET B 277 -20.87 -1.96 32.06
C MET B 277 -21.27 -1.49 30.66
N TYR B 278 -22.09 -0.45 30.60
CA TYR B 278 -22.48 0.18 29.34
C TYR B 278 -21.30 0.93 28.72
N MET B 279 -21.18 0.88 27.39
CA MET B 279 -20.13 1.64 26.73
C MET B 279 -20.67 2.54 25.64
N GLU B 280 -20.10 3.74 25.53
CA GLU B 280 -20.26 4.59 24.36
C GLU B 280 -19.71 3.88 23.14
N ASN B 281 -20.16 4.29 21.95
CA ASN B 281 -19.69 3.71 20.70
C ASN B 281 -18.18 3.53 20.59
N GLY B 282 -17.43 4.58 20.91
CA GLY B 282 -15.99 4.51 20.81
C GLY B 282 -15.39 3.37 21.62
N SER B 283 -15.73 3.32 22.90
CA SER B 283 -15.25 2.26 23.77
C SER B 283 -15.72 0.88 23.34
N LEU B 284 -17.00 0.79 22.95
CA LEU B 284 -17.57 -0.49 22.56
C LEU B 284 -16.79 -1.04 21.36
N LEU B 285 -16.46 -0.16 20.42
CA LEU B 285 -15.72 -0.56 19.24
C LEU B 285 -14.32 -1.06 19.63
N GLN B 286 -13.64 -0.32 20.50
CA GLN B 286 -12.33 -0.73 21.00
C GLN B 286 -12.42 -2.07 21.71
N ALA B 287 -13.50 -2.30 22.45
CA ALA B 287 -13.70 -3.58 23.14
C ALA B 287 -13.76 -4.73 22.13
N GLY B 288 -14.48 -4.53 21.02
CA GLY B 288 -14.59 -5.56 19.99
C GLY B 288 -13.26 -5.78 19.27
N MET B 289 -12.55 -4.68 19.02
CA MET B 289 -11.25 -4.78 18.37
C MET B 289 -10.28 -5.50 19.30
N TYR B 290 -10.46 -5.31 20.60
CA TYR B 290 -9.61 -6.05 21.54
C TYR B 290 -9.82 -7.55 21.33
N PHE B 291 -11.07 -7.98 21.20
CA PHE B 291 -11.31 -9.40 20.94
C PHE B 291 -10.85 -9.89 19.56
N GLU B 292 -10.90 -9.03 18.54
CA GLU B 292 -10.34 -9.37 17.23
C GLU B 292 -8.85 -9.66 17.32
N ARG B 293 -8.14 -8.90 18.16
CA ARG B 293 -6.69 -9.08 18.32
C ARG B 293 -6.35 -10.24 19.27
N HIS B 294 -7.26 -10.57 20.18
CA HIS B 294 -7.02 -11.64 21.16
C HIS B 294 -8.11 -12.72 21.13
N PRO B 295 -8.14 -13.54 20.07
CA PRO B 295 -9.22 -14.52 19.95
C PRO B 295 -9.32 -15.40 21.20
N GLY B 296 -8.19 -15.67 21.85
CA GLY B 296 -8.18 -16.43 23.08
C GLY B 296 -8.98 -15.82 24.21
N ALA B 297 -9.07 -14.48 24.26
CA ALA B 297 -9.84 -13.84 25.32
C ALA B 297 -11.33 -14.15 25.16
N MET B 298 -11.72 -14.53 23.95
CA MET B 298 -13.11 -14.89 23.69
C MET B 298 -13.55 -16.04 24.60
N VAL B 299 -12.62 -16.93 24.88
CA VAL B 299 -12.88 -18.07 25.74
C VAL B 299 -12.53 -17.75 27.18
N SER B 300 -11.37 -17.14 27.36
CA SER B 300 -10.85 -16.86 28.69
C SER B 300 -11.69 -15.83 29.50
N TYR B 301 -12.25 -14.83 28.82
CA TYR B 301 -13.20 -13.91 29.48
C TYR B 301 -14.56 -14.05 28.80
N ASN B 302 -15.09 -15.27 28.81
CA ASN B 302 -16.21 -15.64 27.96
C ASN B 302 -17.48 -14.84 28.21
N SER B 303 -17.84 -14.68 29.47
CA SER B 303 -19.05 -13.93 29.77
C SER B 303 -18.89 -12.44 29.41
N SER B 304 -17.68 -11.91 29.52
CA SER B 304 -17.41 -10.55 29.08
C SER B 304 -17.51 -10.47 27.57
N PHE B 305 -16.84 -11.38 26.88
CA PHE B 305 -16.93 -11.44 25.43
C PHE B 305 -18.38 -11.49 24.94
N ILE B 306 -19.18 -12.39 25.52
CA ILE B 306 -20.55 -12.58 25.04
C ILE B 306 -21.39 -11.30 25.17
N GLN B 307 -21.35 -10.68 26.35
CA GLN B 307 -22.06 -9.43 26.55
C GLN B 307 -21.55 -8.34 25.61
N ILE B 308 -20.24 -8.27 25.41
CA ILE B 308 -19.70 -7.23 24.54
C ILE B 308 -20.24 -7.42 23.13
N VAL B 309 -20.23 -8.66 22.64
CA VAL B 309 -20.73 -8.95 21.29
C VAL B 309 -22.23 -8.73 21.15
N MET B 310 -22.97 -9.08 22.19
CA MET B 310 -24.41 -8.84 22.18
C MET B 310 -24.67 -7.34 22.01
N ASN B 311 -23.99 -6.52 22.82
CA ASN B 311 -24.10 -5.07 22.72
C ASN B 311 -23.68 -4.54 21.35
N GLY B 312 -22.50 -4.96 20.89
CA GLY B 312 -21.97 -4.53 19.62
C GLY B 312 -22.80 -4.94 18.41
N SER B 313 -23.37 -6.15 18.43
CA SER B 313 -24.18 -6.64 17.31
C SER B 313 -25.50 -5.86 17.15
N ARG B 314 -25.81 -5.02 18.12
CA ARG B 314 -27.00 -4.20 18.07
C ARG B 314 -26.69 -2.71 17.97
N ARG B 315 -25.41 -2.33 17.88
CA ARG B 315 -25.04 -0.92 17.94
C ARG B 315 -24.86 -0.32 16.54
N ASP B 316 -25.76 0.57 16.17
CA ASP B 316 -25.78 1.13 14.82
C ASP B 316 -24.40 1.66 14.43
N GLY B 317 -23.87 1.19 13.30
CA GLY B 317 -22.57 1.62 12.83
C GLY B 317 -21.47 0.58 13.02
N MET B 318 -21.71 -0.39 13.88
CA MET B 318 -20.69 -1.42 14.05
C MET B 318 -21.28 -2.83 14.05
N GLN B 319 -22.53 -2.96 13.61
CA GLN B 319 -23.20 -4.25 13.71
C GLN B 319 -22.51 -5.37 12.94
N GLU B 320 -22.16 -5.10 11.69
CA GLU B 320 -21.62 -6.17 10.86
C GLU B 320 -20.26 -6.63 11.40
N ARG B 321 -19.43 -5.68 11.80
CA ARG B 321 -18.10 -6.01 12.33
C ARG B 321 -18.22 -6.95 13.55
N PHE B 322 -19.16 -6.67 14.43
CA PHE B 322 -19.37 -7.54 15.60
C PHE B 322 -19.97 -8.90 15.24
N ARG B 323 -20.83 -8.92 14.23
CA ARG B 323 -21.40 -10.19 13.77
C ARG B 323 -20.31 -11.05 13.18
N GLU B 324 -19.43 -10.43 12.41
CA GLU B 324 -18.26 -11.15 11.87
C GLU B 324 -17.34 -11.65 13.00
N LEU B 325 -17.19 -10.82 14.05
CA LEU B 325 -16.36 -11.22 15.18
C LEU B 325 -16.97 -12.46 15.85
N TYR B 326 -18.28 -12.41 16.10
CA TYR B 326 -18.98 -13.53 16.73
C TYR B 326 -18.82 -14.79 15.84
N GLU B 327 -18.81 -14.60 14.53
CA GLU B 327 -18.72 -15.74 13.65
C GLU B 327 -17.34 -16.41 13.68
N VAL B 328 -16.31 -15.63 14.01
CA VAL B 328 -15.00 -16.19 14.32
C VAL B 328 -15.10 -17.08 15.57
N TYR B 329 -15.72 -16.56 16.62
CA TYR B 329 -15.91 -17.34 17.85
C TYR B 329 -16.65 -18.68 17.62
N LEU B 330 -17.62 -18.69 16.71
CA LEU B 330 -18.42 -19.88 16.42
C LEU B 330 -17.55 -21.00 15.83
N LYS B 331 -16.39 -20.65 15.30
CA LYS B 331 -15.46 -21.65 14.76
C LYS B 331 -14.58 -22.28 15.83
N ASN B 332 -14.61 -21.73 17.05
CA ASN B 332 -13.82 -22.29 18.14
C ASN B 332 -14.22 -23.74 18.41
N GLU B 333 -13.22 -24.59 18.64
CA GLU B 333 -13.43 -26.03 18.82
C GLU B 333 -14.46 -26.37 19.89
N LYS B 334 -14.56 -25.56 20.94
CA LYS B 334 -15.51 -25.80 22.00
C LYS B 334 -16.92 -25.31 21.61
N VAL B 335 -16.99 -24.38 20.68
CA VAL B 335 -18.28 -23.77 20.34
C VAL B 335 -18.95 -24.44 19.14
N TYR B 336 -18.14 -24.78 18.14
CA TYR B 336 -18.61 -25.39 16.89
C TYR B 336 -19.71 -26.47 17.06
N PRO B 337 -19.47 -27.47 17.90
CA PRO B 337 -20.44 -28.56 18.04
C PRO B 337 -21.82 -28.04 18.46
N VAL B 338 -21.86 -26.98 19.25
CA VAL B 338 -23.13 -26.38 19.62
C VAL B 338 -23.85 -25.75 18.41
N THR B 339 -23.07 -25.20 17.48
CA THR B 339 -23.66 -24.54 16.31
C THR B 339 -24.25 -25.56 15.33
N GLN B 340 -23.85 -26.82 15.49
CA GLN B 340 -24.29 -27.93 14.63
C GLN B 340 -25.55 -28.63 15.17
N GLN B 341 -26.43 -27.88 15.80
CA GLN B 341 -27.66 -28.43 16.34
C GLN B 341 -28.79 -27.86 15.52
N SER B 342 -29.90 -28.61 15.42
CA SER B 342 -31.00 -28.13 14.61
C SER B 342 -31.72 -26.95 15.25
N ASP B 343 -31.46 -26.67 16.53
CA ASP B 343 -32.10 -25.53 17.18
C ASP B 343 -31.26 -24.25 17.17
N PHE B 344 -30.01 -24.35 16.74
CA PHE B 344 -29.11 -23.20 16.70
C PHE B 344 -29.45 -22.23 15.60
N GLY B 345 -29.39 -20.94 15.94
CA GLY B 345 -29.47 -19.85 14.98
C GLY B 345 -30.64 -19.88 14.01
N LEU B 346 -30.34 -19.96 12.72
CA LEU B 346 -31.34 -20.05 11.68
C LEU B 346 -32.16 -21.36 11.72
N CYS B 347 -31.65 -22.38 12.41
CA CYS B 347 -32.32 -23.69 12.45
C CYS B 347 -32.28 -24.41 11.10
N ASP B 348 -31.29 -24.09 10.27
CA ASP B 348 -31.17 -24.69 8.94
C ASP B 348 -29.92 -25.56 8.87
N GLY B 349 -29.29 -25.79 10.03
CA GLY B 349 -28.09 -26.60 10.08
C GLY B 349 -26.87 -25.93 9.44
N SER B 350 -26.97 -24.65 9.13
CA SER B 350 -25.86 -23.90 8.50
C SER B 350 -24.75 -23.51 9.49
N GLY B 351 -25.02 -23.59 10.78
CA GLY B 351 -24.07 -23.15 11.78
C GLY B 351 -24.04 -21.63 11.95
N LYS B 352 -24.97 -20.94 11.30
CA LYS B 352 -25.04 -19.48 11.33
C LYS B 352 -26.16 -18.93 12.21
N PRO B 353 -25.86 -17.85 12.97
CA PRO B 353 -26.88 -17.14 13.76
C PRO B 353 -28.00 -16.61 12.89
N ASP B 354 -29.15 -16.38 13.50
CA ASP B 354 -30.22 -15.65 12.84
C ASP B 354 -30.13 -14.20 13.33
N TRP B 355 -29.47 -13.35 12.55
CA TRP B 355 -29.25 -11.96 12.90
C TRP B 355 -30.46 -11.08 12.59
N ASP B 356 -31.55 -11.68 12.15
CA ASP B 356 -32.72 -10.93 11.76
C ASP B 356 -33.95 -11.40 12.54
N ASP B 357 -33.76 -11.65 13.84
CA ASP B 357 -34.87 -12.09 14.68
C ASP B 357 -35.45 -10.97 15.52
N ASP B 358 -36.65 -10.55 15.16
CA ASP B 358 -37.40 -9.49 15.82
C ASP B 358 -37.75 -9.84 17.27
N SER B 359 -38.06 -11.12 17.51
CA SER B 359 -38.45 -11.58 18.84
C SER B 359 -37.23 -11.86 19.72
N ASP B 360 -36.03 -11.70 19.16
CA ASP B 360 -34.80 -12.00 19.88
C ASP B 360 -34.88 -13.35 20.56
N LEU B 361 -35.61 -14.28 19.96
CA LEU B 361 -35.82 -15.60 20.54
C LEU B 361 -34.93 -16.66 19.91
N ALA B 362 -34.22 -16.26 18.86
CA ALA B 362 -33.29 -17.18 18.20
C ALA B 362 -32.20 -17.60 19.15
N TYR B 363 -31.88 -18.89 19.16
CA TYR B 363 -30.78 -19.40 19.97
C TYR B 363 -29.45 -19.16 19.27
N ASN B 364 -28.97 -17.93 19.38
CA ASN B 364 -27.75 -17.48 18.74
C ASN B 364 -26.51 -17.57 19.63
N TRP B 365 -26.72 -17.58 20.94
CA TRP B 365 -25.67 -17.29 21.92
C TRP B 365 -25.15 -18.53 22.62
N VAL B 366 -23.84 -18.74 22.53
CA VAL B 366 -23.20 -19.88 23.18
C VAL B 366 -22.24 -19.42 24.27
N LEU B 367 -22.55 -19.81 25.50
CA LEU B 367 -21.69 -19.54 26.64
C LEU B 367 -20.90 -20.80 26.96
N LEU B 368 -19.63 -20.64 27.28
CA LEU B 368 -18.80 -21.78 27.65
C LEU B 368 -18.62 -21.80 29.14
N SER B 369 -18.34 -22.98 29.69
CA SER B 369 -18.24 -23.14 31.13
C SER B 369 -17.00 -22.47 31.70
N SER B 370 -17.12 -22.03 32.94
CA SER B 370 -16.02 -21.41 33.65
C SER B 370 -14.98 -22.43 34.08
N GLN B 371 -15.36 -23.70 34.08
CA GLN B 371 -14.44 -24.78 34.42
C GLN B 371 -14.31 -25.82 33.30
N ASP B 372 -13.38 -26.77 33.50
CA ASP B 372 -13.12 -27.80 32.51
C ASP B 372 -14.04 -29.00 32.64
N ASP B 373 -15.34 -28.76 32.42
CA ASP B 373 -16.33 -29.83 32.47
C ASP B 373 -17.05 -30.00 31.13
N GLY B 374 -16.47 -29.44 30.07
CA GLY B 374 -17.08 -29.46 28.76
C GLY B 374 -18.52 -28.92 28.64
N MET B 375 -18.99 -28.20 29.65
CA MET B 375 -20.36 -27.65 29.61
C MET B 375 -20.47 -26.43 28.69
N ALA B 376 -21.60 -26.31 28.00
CA ALA B 376 -21.91 -25.12 27.24
C ALA B 376 -23.41 -24.89 27.28
N MET B 377 -23.82 -23.63 27.26
CA MET B 377 -25.24 -23.35 27.15
C MET B 377 -25.54 -22.56 25.90
N MET B 378 -26.66 -22.88 25.27
CA MET B 378 -27.12 -22.19 24.09
C MET B 378 -28.39 -21.44 24.49
N CYS B 379 -28.47 -20.14 24.21
CA CYS B 379 -29.70 -19.41 24.51
C CYS B 379 -29.97 -18.18 23.64
N SER B 380 -31.13 -17.58 23.86
CA SER B 380 -31.56 -16.43 23.08
C SER B 380 -31.20 -15.16 23.84
N LEU B 381 -31.12 -14.06 23.11
CA LEU B 381 -30.75 -12.80 23.72
C LEU B 381 -31.82 -12.42 24.74
N SER B 382 -33.08 -12.64 24.36
CA SER B 382 -34.21 -12.30 25.21
C SER B 382 -34.15 -13.02 26.55
N HIS B 383 -33.91 -14.32 26.54
CA HIS B 383 -33.83 -15.04 27.81
C HIS B 383 -32.58 -14.70 28.60
N MET B 384 -31.47 -14.49 27.91
CA MET B 384 -30.24 -14.07 28.59
C MET B 384 -30.44 -12.73 29.32
N VAL B 385 -31.07 -11.78 28.65
CA VAL B 385 -31.33 -10.48 29.28
C VAL B 385 -32.22 -10.61 30.50
N ASP B 386 -33.25 -11.45 30.37
CA ASP B 386 -34.17 -11.74 31.47
C ASP B 386 -33.39 -12.33 32.65
N MET B 387 -32.55 -13.32 32.36
CA MET B 387 -31.78 -13.99 33.41
C MET B 387 -30.72 -13.11 34.07
N LEU B 388 -30.12 -12.20 33.32
CA LEU B 388 -29.08 -11.32 33.88
C LEU B 388 -29.70 -10.32 34.83
N SER B 389 -30.95 -9.98 34.57
CA SER B 389 -31.67 -8.97 35.36
C SER B 389 -33.10 -9.43 35.60
N PRO B 390 -33.27 -10.46 36.45
CA PRO B 390 -34.54 -11.19 36.58
C PRO B 390 -35.60 -10.50 37.42
N ASN B 391 -36.79 -11.02 37.33
CA ASN B 391 -37.85 -10.65 38.23
C ASN B 391 -38.60 -11.89 38.67
N THR B 392 -39.76 -11.69 39.25
CA THR B 392 -40.53 -12.81 39.80
C THR B 392 -41.01 -13.80 38.73
N SER B 393 -41.19 -13.33 37.50
CA SER B 393 -41.72 -14.21 36.46
C SER B 393 -40.64 -14.71 35.47
N THR B 394 -39.37 -14.54 35.81
CA THR B 394 -38.28 -15.01 34.96
C THR B 394 -38.28 -16.53 34.78
N ASN B 395 -38.18 -16.97 33.53
CA ASN B 395 -38.11 -18.40 33.23
C ASN B 395 -36.64 -18.79 33.23
N TRP B 396 -36.23 -19.63 34.18
CA TRP B 396 -34.82 -19.98 34.37
C TRP B 396 -34.38 -21.23 33.60
N MET B 397 -35.32 -21.90 32.96
CA MET B 397 -35.03 -23.17 32.30
C MET B 397 -35.16 -23.06 30.77
N SER B 398 -34.81 -21.91 30.22
CA SER B 398 -35.09 -21.67 28.82
C SER B 398 -33.79 -21.54 28.03
N PHE B 399 -32.99 -22.60 28.09
CA PHE B 399 -31.73 -22.65 27.37
C PHE B 399 -31.44 -24.13 27.12
N PHE B 400 -30.62 -24.40 26.11
CA PHE B 400 -30.18 -25.76 25.87
C PHE B 400 -28.85 -25.94 26.56
N LEU B 401 -28.59 -27.15 27.06
CA LEU B 401 -27.36 -27.43 27.74
C LEU B 401 -26.59 -28.54 27.04
N TYR B 402 -25.28 -28.37 26.91
CA TYR B 402 -24.45 -29.36 26.23
C TYR B 402 -23.26 -29.77 27.07
N LYS B 403 -22.92 -31.05 27.00
CA LYS B 403 -21.69 -31.56 27.60
C LYS B 403 -20.86 -32.15 26.47
N ASP B 404 -19.67 -31.58 26.25
CA ASP B 404 -18.80 -32.00 25.16
C ASP B 404 -19.55 -32.10 23.85
N GLY B 405 -20.37 -31.08 23.57
CA GLY B 405 -21.08 -30.99 22.32
C GLY B 405 -22.31 -31.85 22.16
N GLU B 406 -22.75 -32.51 23.24
CA GLU B 406 -23.94 -33.35 23.16
C GLU B 406 -25.07 -32.83 24.03
N VAL B 407 -26.27 -32.73 23.46
CA VAL B 407 -27.38 -32.11 24.15
C VAL B 407 -27.73 -32.89 25.43
N GLN B 408 -28.01 -32.16 26.51
CA GLN B 408 -28.32 -32.77 27.80
C GLN B 408 -29.79 -32.59 28.14
N ASN B 409 -30.33 -33.53 28.90
CA ASN B 409 -31.63 -33.32 29.50
C ASN B 409 -31.46 -32.65 30.86
N THR B 410 -32.13 -31.52 31.06
CA THR B 410 -32.10 -30.85 32.35
C THR B 410 -32.78 -31.75 33.38
N PHE B 411 -32.04 -32.74 33.87
CA PHE B 411 -32.62 -33.85 34.63
C PHE B 411 -31.92 -34.16 35.95
N GLY B 412 -30.61 -34.31 35.90
CA GLY B 412 -29.82 -34.52 37.10
C GLY B 412 -29.05 -33.26 37.45
N TYR B 413 -29.40 -32.18 36.76
CA TYR B 413 -28.75 -30.89 36.97
C TYR B 413 -29.49 -30.03 38.01
N SER B 414 -28.73 -29.49 38.95
CA SER B 414 -29.23 -28.47 39.85
C SER B 414 -28.94 -27.11 39.20
N LEU B 415 -29.98 -26.33 38.95
CA LEU B 415 -29.78 -24.97 38.42
C LEU B 415 -28.78 -24.22 39.30
N SER B 416 -29.00 -24.26 40.62
CA SER B 416 -28.08 -23.60 41.56
C SER B 416 -26.64 -24.00 41.29
N ASN B 417 -26.39 -25.30 41.23
CA ASN B 417 -25.06 -25.85 40.97
C ASN B 417 -24.57 -25.54 39.57
N LEU B 418 -25.47 -25.65 38.60
CA LEU B 418 -25.16 -25.33 37.22
C LEU B 418 -24.58 -23.91 37.13
N PHE B 419 -25.29 -22.96 37.71
CA PHE B 419 -24.84 -21.57 37.63
C PHE B 419 -23.54 -21.31 38.39
N SER B 420 -23.52 -21.69 39.67
CA SER B 420 -22.38 -21.35 40.52
C SER B 420 -21.06 -22.03 40.13
N GLU B 421 -21.13 -23.25 39.61
CA GLU B 421 -19.93 -23.96 39.17
C GLU B 421 -19.55 -23.67 37.71
N SER B 422 -20.52 -23.70 36.81
CA SER B 422 -20.21 -23.66 35.37
C SER B 422 -20.52 -22.33 34.68
N PHE B 423 -21.61 -21.69 35.08
CA PHE B 423 -21.99 -20.42 34.48
C PHE B 423 -22.23 -19.36 35.54
N PRO B 424 -21.15 -18.92 36.21
CA PRO B 424 -21.26 -18.04 37.38
C PRO B 424 -21.90 -16.67 37.08
N ILE B 425 -21.90 -16.22 35.83
CA ILE B 425 -22.59 -14.96 35.54
C ILE B 425 -24.06 -15.00 35.98
N PHE B 426 -24.69 -16.17 35.93
CA PHE B 426 -26.09 -16.26 36.33
C PHE B 426 -26.32 -16.52 37.82
N SER B 427 -25.25 -16.76 38.55
CA SER B 427 -25.40 -17.31 39.90
C SER B 427 -25.93 -16.30 40.89
N ILE B 428 -25.32 -15.11 40.92
CA ILE B 428 -25.81 -14.07 41.79
C ILE B 428 -27.22 -13.60 41.41
N PRO B 429 -27.45 -13.30 40.12
CA PRO B 429 -28.82 -12.93 39.70
C PRO B 429 -29.82 -13.99 40.16
N TYR B 430 -29.47 -15.25 39.97
CA TYR B 430 -30.39 -16.34 40.30
C TYR B 430 -30.63 -16.46 41.81
N HIS B 431 -29.55 -16.56 42.56
CA HIS B 431 -29.69 -16.70 44.01
C HIS B 431 -30.35 -15.46 44.65
N LYS B 432 -30.00 -14.27 44.15
CA LYS B 432 -30.64 -13.06 44.64
C LYS B 432 -32.14 -13.01 44.32
N ALA B 433 -32.51 -13.46 43.13
CA ALA B 433 -33.93 -13.53 42.81
C ALA B 433 -34.64 -14.50 43.76
N PHE B 434 -34.03 -15.64 44.02
CA PHE B 434 -34.67 -16.64 44.88
C PHE B 434 -34.70 -16.22 46.35
N SER B 435 -33.82 -15.29 46.73
CA SER B 435 -33.71 -14.84 48.14
C SER B 435 -34.60 -13.65 48.45
N GLN B 436 -35.23 -13.10 47.42
CA GLN B 436 -36.09 -11.93 47.58
C GLN B 436 -37.23 -12.25 48.53
N ASN B 437 -37.43 -11.41 49.54
CA ASN B 437 -38.57 -11.57 50.43
C ASN B 437 -38.60 -12.94 51.10
N PHE B 438 -37.43 -13.49 51.38
CA PHE B 438 -37.41 -14.79 52.04
C PHE B 438 -38.02 -14.73 53.44
N VAL B 439 -37.53 -13.81 54.27
CA VAL B 439 -38.05 -13.69 55.63
C VAL B 439 -39.52 -13.24 55.65
N SER B 440 -39.84 -12.27 54.82
CA SER B 440 -41.21 -11.83 54.69
C SER B 440 -42.16 -12.99 54.37
N GLY B 441 -41.71 -13.91 53.51
CA GLY B 441 -42.51 -15.06 53.16
C GLY B 441 -42.76 -16.01 54.32
N ILE B 442 -41.72 -16.25 55.13
CA ILE B 442 -41.89 -17.09 56.33
C ILE B 442 -42.91 -16.42 57.23
N LEU B 443 -42.75 -15.11 57.41
CA LEU B 443 -43.65 -14.28 58.22
C LEU B 443 -45.11 -14.35 57.75
N ASP B 444 -45.34 -14.38 56.43
CA ASP B 444 -46.70 -14.43 55.90
C ASP B 444 -47.38 -15.75 56.32
N ILE B 445 -46.59 -16.80 56.42
CA ILE B 445 -47.09 -18.09 56.87
C ILE B 445 -47.31 -18.14 58.40
N LEU B 446 -46.33 -17.67 59.16
CA LEU B 446 -46.38 -17.74 60.62
C LEU B 446 -47.49 -16.89 61.24
N ILE B 447 -47.77 -15.74 60.66
CA ILE B 447 -48.56 -14.73 61.35
C ILE B 447 -49.77 -14.21 60.56
N SER B 448 -50.96 -14.65 60.95
CA SER B 448 -52.19 -14.22 60.27
C SER B 448 -52.69 -12.85 60.70
N ASP B 449 -52.35 -12.41 61.91
CA ASP B 449 -52.71 -11.07 62.35
C ASP B 449 -51.89 -10.00 61.61
N ASN B 450 -52.58 -9.15 60.86
CA ASN B 450 -51.93 -8.13 60.04
C ASN B 450 -51.08 -7.17 60.84
N GLU B 451 -51.64 -6.68 61.95
CA GLU B 451 -50.94 -5.70 62.77
C GLU B 451 -49.64 -6.25 63.36
N LEU B 452 -49.69 -7.45 63.93
CA LEU B 452 -48.50 -8.09 64.49
C LEU B 452 -47.47 -8.42 63.42
N LYS B 453 -47.94 -8.93 62.28
CA LYS B 453 -47.02 -9.24 61.19
C LYS B 453 -46.29 -7.98 60.72
N GLU B 454 -47.00 -6.85 60.68
CA GLU B 454 -46.37 -5.58 60.31
C GLU B 454 -45.25 -5.19 61.28
N ARG B 455 -45.45 -5.43 62.57
CA ARG B 455 -44.37 -5.27 63.56
C ARG B 455 -43.13 -6.00 63.06
N PHE B 456 -43.28 -7.28 62.75
CA PHE B 456 -42.13 -8.10 62.36
C PHE B 456 -41.56 -7.64 61.02
N ILE B 457 -42.42 -7.28 60.07
CA ILE B 457 -41.92 -6.87 58.77
C ILE B 457 -41.19 -5.53 58.83
N GLU B 458 -41.76 -4.58 59.59
CA GLU B 458 -41.16 -3.25 59.76
C GLU B 458 -39.77 -3.34 60.41
N ALA B 459 -39.66 -4.23 61.39
CA ALA B 459 -38.41 -4.42 62.14
C ALA B 459 -37.26 -4.83 61.20
N LEU B 460 -37.61 -5.50 60.11
CA LEU B 460 -36.60 -5.86 59.11
C LEU B 460 -35.84 -4.64 58.63
N ASN B 461 -36.45 -3.46 58.79
CA ASN B 461 -35.93 -2.24 58.15
C ASN B 461 -34.89 -1.51 58.98
N SER B 462 -34.72 -1.94 60.22
CA SER B 462 -33.76 -1.29 61.08
C SER B 462 -33.07 -2.27 62.03
N ASN B 463 -31.84 -1.92 62.38
CA ASN B 463 -30.99 -2.69 63.29
C ASN B 463 -31.49 -2.64 64.74
N LYS B 464 -32.48 -1.79 65.00
CA LYS B 464 -32.99 -1.63 66.36
C LYS B 464 -34.49 -1.43 66.37
N SER B 465 -35.10 -1.74 67.51
CA SER B 465 -36.53 -1.54 67.69
C SER B 465 -36.80 -1.11 69.12
N ASP B 466 -37.81 -0.26 69.30
CA ASP B 466 -38.23 0.15 70.64
C ASP B 466 -39.44 -0.68 71.05
N TYR B 467 -40.06 -1.35 70.09
CA TYR B 467 -41.18 -2.23 70.39
C TYR B 467 -40.66 -3.51 71.03
N LYS B 468 -41.16 -3.84 72.22
CA LYS B 468 -40.66 -4.99 72.97
C LYS B 468 -41.72 -6.07 73.11
N MET B 469 -41.30 -7.33 73.27
CA MET B 469 -42.25 -8.42 73.45
C MET B 469 -41.87 -9.38 74.57
N ILE B 470 -41.41 -8.84 75.69
CA ILE B 470 -41.02 -9.68 76.82
C ILE B 470 -42.11 -9.75 77.89
N ALA B 471 -42.90 -8.68 77.99
CA ALA B 471 -44.02 -8.64 78.93
C ALA B 471 -44.91 -9.88 78.82
N ASP B 472 -45.46 -10.28 79.96
CA ASP B 472 -46.36 -11.43 80.09
C ASP B 472 -47.41 -11.54 78.98
N ASP B 473 -48.14 -10.45 78.75
CA ASP B 473 -49.21 -10.47 77.74
C ASP B 473 -48.64 -10.68 76.34
N GLN B 474 -47.49 -10.06 76.08
CA GLN B 474 -46.85 -10.15 74.78
C GLN B 474 -46.39 -11.59 74.50
N GLN B 475 -45.74 -12.22 75.48
CA GLN B 475 -45.27 -13.59 75.31
C GLN B 475 -46.43 -14.59 75.16
N ARG B 476 -47.60 -14.24 75.68
CA ARG B 476 -48.78 -15.07 75.46
C ARG B 476 -49.36 -14.82 74.06
N LYS B 477 -49.24 -13.61 73.56
CA LYS B 477 -49.62 -13.32 72.17
C LYS B 477 -48.74 -14.12 71.22
N LEU B 478 -47.43 -14.08 71.43
CA LEU B 478 -46.49 -14.93 70.71
C LEU B 478 -46.84 -16.42 70.80
N ALA B 479 -47.25 -16.85 71.99
CA ALA B 479 -47.52 -18.27 72.21
C ALA B 479 -48.69 -18.77 71.35
N CYS B 480 -49.73 -17.96 71.26
CA CYS B 480 -50.91 -18.32 70.46
C CYS B 480 -50.54 -18.45 69.00
N VAL B 481 -49.73 -17.51 68.51
CA VAL B 481 -49.31 -17.50 67.11
C VAL B 481 -48.46 -18.71 66.77
N TRP B 482 -47.42 -18.96 67.56
CA TRP B 482 -46.39 -19.96 67.21
C TRP B 482 -46.62 -21.41 67.65
N ASN B 483 -47.53 -21.63 68.59
CA ASN B 483 -47.71 -22.97 69.15
C ASN B 483 -48.08 -24.04 68.12
N PRO B 484 -48.92 -23.68 67.14
CA PRO B 484 -49.19 -24.65 66.05
C PRO B 484 -47.92 -25.08 65.32
N PHE B 485 -46.89 -24.23 65.31
CA PHE B 485 -45.71 -24.50 64.49
C PHE B 485 -44.56 -25.12 65.28
N LEU B 486 -44.77 -25.36 66.57
CA LEU B 486 -43.72 -25.84 67.46
C LEU B 486 -44.05 -27.19 68.11
N ASP B 487 -43.04 -28.07 68.21
CA ASP B 487 -43.12 -29.23 69.11
C ASP B 487 -42.04 -29.11 70.19
N GLY B 488 -42.35 -28.36 71.24
CA GLY B 488 -41.38 -28.04 72.26
C GLY B 488 -40.32 -27.10 71.72
N TRP B 489 -39.09 -27.57 71.69
CA TRP B 489 -37.99 -26.79 71.13
C TRP B 489 -37.67 -27.20 69.68
N GLU B 490 -38.53 -28.03 69.11
CA GLU B 490 -38.38 -28.47 67.73
C GLU B 490 -39.50 -27.89 66.87
N LEU B 491 -39.27 -27.88 65.56
CA LEU B 491 -40.33 -27.44 64.65
C LEU B 491 -41.35 -28.55 64.45
N ASN B 492 -42.62 -28.18 64.46
CA ASN B 492 -43.69 -29.09 64.05
C ASN B 492 -43.33 -29.79 62.72
N ALA B 493 -43.67 -31.07 62.62
CA ALA B 493 -43.20 -31.90 61.51
C ALA B 493 -43.73 -31.46 60.14
N GLN B 494 -44.98 -31.04 60.10
CA GLN B 494 -45.62 -30.58 58.88
C GLN B 494 -45.08 -29.22 58.49
N HIS B 495 -44.90 -28.34 59.48
CA HIS B 495 -44.32 -27.03 59.21
C HIS B 495 -42.98 -27.19 58.51
N VAL B 496 -42.16 -28.11 59.00
CA VAL B 496 -40.89 -28.42 58.36
C VAL B 496 -41.12 -28.81 56.90
N ASP B 497 -42.07 -29.73 56.69
CA ASP B 497 -42.44 -30.15 55.34
C ASP B 497 -42.77 -28.94 54.48
N MET B 498 -43.60 -28.06 55.01
CA MET B 498 -44.00 -26.88 54.25
C MET B 498 -42.81 -26.02 53.83
N ILE B 499 -41.86 -25.85 54.74
CA ILE B 499 -40.71 -25.00 54.46
C ILE B 499 -39.74 -25.64 53.46
N MET B 500 -39.43 -26.92 53.66
CA MET B 500 -38.47 -27.57 52.82
C MET B 500 -38.97 -27.69 51.37
N GLY B 501 -40.29 -27.62 51.19
CA GLY B 501 -40.88 -27.89 49.88
C GLY B 501 -41.07 -26.64 49.04
N SER B 502 -40.61 -25.51 49.57
CA SER B 502 -40.71 -24.21 48.89
C SER B 502 -40.01 -24.17 47.55
N HIS B 503 -40.50 -23.26 46.70
CA HIS B 503 -39.84 -22.89 45.46
C HIS B 503 -38.38 -22.53 45.72
N VAL B 504 -38.17 -21.68 46.74
CA VAL B 504 -36.85 -21.15 47.10
C VAL B 504 -35.84 -22.21 47.54
N LEU B 505 -36.33 -23.26 48.20
CA LEU B 505 -35.47 -24.20 48.89
C LEU B 505 -35.34 -25.55 48.21
N LYS B 506 -36.44 -26.03 47.64
CA LYS B 506 -36.52 -27.44 47.26
C LYS B 506 -35.43 -27.85 46.25
N ASP B 507 -35.01 -26.93 45.39
CA ASP B 507 -34.00 -27.32 44.39
C ASP B 507 -32.57 -26.89 44.74
N MET B 508 -32.40 -26.26 45.90
CA MET B 508 -31.05 -25.94 46.42
C MET B 508 -30.33 -27.23 46.82
N PRO B 509 -29.01 -27.26 46.66
CA PRO B 509 -28.28 -28.38 47.27
C PRO B 509 -28.45 -28.36 48.80
N LEU B 510 -28.38 -29.54 49.41
CA LEU B 510 -28.53 -29.70 50.85
C LEU B 510 -27.73 -28.68 51.66
N ARG B 511 -26.46 -28.49 51.30
CA ARG B 511 -25.60 -27.59 52.04
C ARG B 511 -26.16 -26.16 52.08
N LYS B 512 -26.66 -25.69 50.94
CA LYS B 512 -27.25 -24.36 50.86
C LYS B 512 -28.54 -24.31 51.66
N GLN B 513 -29.32 -25.37 51.61
CA GLN B 513 -30.56 -25.39 52.37
C GLN B 513 -30.21 -25.18 53.84
N ALA B 514 -29.15 -25.84 54.28
CA ALA B 514 -28.77 -25.82 55.70
C ALA B 514 -28.28 -24.42 56.07
N GLU B 515 -27.55 -23.78 55.15
CA GLU B 515 -27.03 -22.44 55.37
C GLU B 515 -28.17 -21.44 55.43
N ILE B 516 -29.13 -21.60 54.55
CA ILE B 516 -30.31 -20.75 54.56
C ILE B 516 -31.11 -20.95 55.86
N LEU B 517 -31.26 -22.20 56.29
CA LEU B 517 -31.99 -22.47 57.54
C LEU B 517 -31.23 -21.89 58.75
N PHE B 518 -29.91 -22.00 58.73
CA PHE B 518 -29.06 -21.41 59.76
C PHE B 518 -29.33 -19.92 59.84
N CYS B 519 -29.27 -19.25 58.70
CA CYS B 519 -29.55 -17.83 58.63
C CYS B 519 -30.93 -17.44 59.19
N LEU B 520 -31.93 -18.27 58.92
CA LEU B 520 -33.29 -17.98 59.39
C LEU B 520 -33.36 -18.14 60.92
N GLY B 521 -32.67 -19.14 61.45
CA GLY B 521 -32.51 -19.28 62.89
C GLY B 521 -31.84 -18.05 63.47
N GLY B 522 -30.78 -17.58 62.81
CA GLY B 522 -30.15 -16.32 63.16
C GLY B 522 -31.14 -15.15 63.16
N VAL B 523 -32.00 -15.10 62.16
CA VAL B 523 -33.02 -14.06 62.08
C VAL B 523 -33.92 -14.02 63.32
N PHE B 524 -34.40 -15.18 63.76
CA PHE B 524 -35.32 -15.22 64.90
C PHE B 524 -34.58 -15.04 66.23
N CYS B 525 -33.31 -15.42 66.23
CA CYS B 525 -32.43 -15.08 67.33
C CYS B 525 -32.27 -13.54 67.43
N LYS B 526 -31.99 -12.88 66.30
CA LYS B 526 -31.95 -11.41 66.26
C LYS B 526 -33.28 -10.75 66.68
N TYR B 527 -34.41 -11.26 66.20
CA TYR B 527 -35.69 -10.73 66.66
C TYR B 527 -35.79 -10.74 68.20
N SER B 528 -35.23 -11.80 68.79
CA SER B 528 -35.23 -12.06 70.23
C SER B 528 -34.27 -11.20 71.05
N SER B 529 -33.35 -10.52 70.38
CA SER B 529 -32.23 -9.89 71.08
C SER B 529 -32.57 -8.53 71.71
N SER B 530 -31.65 -8.06 72.54
CA SER B 530 -31.87 -6.84 73.32
C SER B 530 -32.08 -5.63 72.41
N ASP B 531 -31.50 -5.71 71.22
CA ASP B 531 -31.61 -4.71 70.18
C ASP B 531 -33.03 -4.57 69.63
N MET B 532 -33.80 -5.62 69.74
CA MET B 532 -35.03 -5.74 68.95
C MET B 532 -36.27 -5.97 69.83
N PHE B 533 -36.84 -7.18 69.82
CA PHE B 533 -38.03 -7.42 70.64
C PHE B 533 -37.73 -7.91 72.07
N GLY B 534 -36.46 -8.20 72.35
CA GLY B 534 -36.02 -8.61 73.68
C GLY B 534 -35.30 -7.45 74.35
N THR B 535 -34.75 -7.71 75.55
CA THR B 535 -33.96 -6.72 76.26
C THR B 535 -32.67 -7.37 76.74
N GLU B 536 -31.86 -6.60 77.45
CA GLU B 536 -30.60 -7.10 77.98
C GLU B 536 -30.86 -8.10 79.13
N TYR B 537 -32.10 -8.16 79.61
CA TYR B 537 -32.39 -8.96 80.80
C TYR B 537 -33.43 -10.02 80.53
N ASP B 538 -33.88 -10.11 79.27
CA ASP B 538 -34.88 -11.10 78.91
C ASP B 538 -35.05 -11.21 77.38
N SER B 539 -35.70 -12.28 76.95
CA SER B 539 -35.75 -12.66 75.55
C SER B 539 -36.96 -13.58 75.33
N PRO B 540 -37.90 -13.20 74.43
CA PRO B 540 -39.15 -13.97 74.28
C PRO B 540 -38.86 -15.42 73.92
N GLU B 541 -39.26 -16.33 74.82
CA GLU B 541 -38.97 -17.74 74.68
C GLU B 541 -39.49 -18.31 73.35
N ILE B 542 -40.68 -17.92 72.95
CA ILE B 542 -41.28 -18.45 71.72
C ILE B 542 -40.33 -18.26 70.53
N LEU B 543 -39.72 -17.08 70.44
CA LEU B 543 -38.85 -16.80 69.29
C LEU B 543 -37.57 -17.61 69.40
N ARG B 544 -37.09 -17.78 70.63
CA ARG B 544 -35.93 -18.62 70.88
C ARG B 544 -36.27 -20.07 70.53
N ARG B 545 -37.47 -20.51 70.88
CA ARG B 545 -37.95 -21.86 70.54
C ARG B 545 -37.97 -22.07 69.01
N TYR B 546 -38.45 -21.07 68.27
CA TYR B 546 -38.52 -21.20 66.82
C TYR B 546 -37.10 -21.18 66.23
N ALA B 547 -36.24 -20.33 66.78
CA ALA B 547 -34.86 -20.27 66.34
C ALA B 547 -34.19 -21.61 66.59
N ASN B 548 -34.50 -22.20 67.74
CA ASN B 548 -33.89 -23.47 68.10
C ASN B 548 -34.34 -24.59 67.15
N GLY B 549 -35.63 -24.64 66.85
CA GLY B 549 -36.15 -25.59 65.89
C GLY B 549 -35.49 -25.46 64.52
N LEU B 550 -35.34 -24.22 64.03
CA LEU B 550 -34.68 -23.97 62.76
C LEU B 550 -33.25 -24.46 62.76
N ILE B 551 -32.53 -24.20 63.83
CA ILE B 551 -31.16 -24.60 63.95
C ILE B 551 -31.01 -26.12 63.99
N GLU B 552 -31.90 -26.78 64.69
CA GLU B 552 -31.93 -28.21 64.70
C GLU B 552 -32.24 -28.80 63.33
N GLN B 553 -33.17 -28.21 62.62
CA GLN B 553 -33.45 -28.61 61.27
C GLN B 553 -32.26 -28.35 60.37
N ALA B 554 -31.63 -27.21 60.48
CA ALA B 554 -30.41 -26.97 59.72
C ALA B 554 -29.38 -28.08 59.93
N TYR B 555 -29.20 -28.50 61.19
CA TYR B 555 -28.24 -29.55 61.53
C TYR B 555 -28.61 -30.90 60.90
N LYS B 556 -29.90 -31.24 60.92
CA LYS B 556 -30.43 -32.42 60.26
C LYS B 556 -30.14 -32.36 58.76
N THR B 557 -30.36 -31.18 58.19
CA THR B 557 -30.20 -31.00 56.75
C THR B 557 -28.74 -31.16 56.30
N ASP B 558 -27.80 -30.48 56.97
CA ASP B 558 -26.37 -30.71 56.74
C ASP B 558 -25.46 -30.20 57.88
N PRO B 559 -24.92 -31.12 58.69
CA PRO B 559 -24.23 -30.76 59.94
C PRO B 559 -22.95 -29.98 59.69
N GLN B 560 -22.39 -30.13 58.50
CA GLN B 560 -21.13 -29.48 58.15
C GLN B 560 -21.19 -27.96 58.23
N VAL B 561 -22.37 -27.38 58.09
CA VAL B 561 -22.46 -25.92 58.13
C VAL B 561 -22.16 -25.39 59.53
N PHE B 562 -22.25 -26.25 60.54
CA PHE B 562 -21.89 -25.87 61.91
C PHE B 562 -20.40 -26.03 62.21
N GLY B 563 -19.67 -26.71 61.35
CA GLY B 563 -18.24 -26.91 61.55
C GLY B 563 -17.88 -27.98 62.56
N SER B 564 -18.68 -28.09 63.61
CA SER B 564 -18.42 -29.06 64.69
C SER B 564 -19.69 -29.27 65.48
N VAL B 565 -19.90 -30.48 65.97
CA VAL B 565 -21.10 -30.79 66.72
C VAL B 565 -21.13 -29.97 68.01
N TYR B 566 -19.95 -29.53 68.45
CA TYR B 566 -19.83 -28.82 69.72
C TYR B 566 -20.35 -27.39 69.62
N TYR B 567 -20.04 -26.73 68.51
CA TYR B 567 -20.60 -25.42 68.24
C TYR B 567 -22.11 -25.58 68.13
N TYR B 568 -22.55 -26.59 67.40
CA TYR B 568 -23.98 -26.83 67.29
C TYR B 568 -24.61 -26.91 68.68
N ASN B 569 -24.04 -27.76 69.53
CA ASN B 569 -24.54 -27.96 70.87
C ASN B 569 -24.53 -26.66 71.66
N ASP B 570 -23.49 -25.84 71.45
CA ASP B 570 -23.40 -24.58 72.18
C ASP B 570 -24.54 -23.62 71.82
N ILE B 571 -24.87 -23.53 70.52
CA ILE B 571 -25.97 -22.71 70.07
C ILE B 571 -27.26 -23.15 70.77
N LEU B 572 -27.48 -24.46 70.83
CA LEU B 572 -28.71 -24.96 71.46
C LEU B 572 -28.71 -24.65 72.96
N ASP B 573 -27.54 -24.75 73.58
CA ASP B 573 -27.41 -24.46 75.01
C ASP B 573 -27.79 -22.98 75.28
N ARG B 574 -27.23 -22.08 74.49
CA ARG B 574 -27.47 -20.65 74.68
C ARG B 574 -28.92 -20.24 74.40
N LEU B 575 -29.54 -20.88 73.41
CA LEU B 575 -30.94 -20.61 73.10
C LEU B 575 -31.84 -21.02 74.25
N GLN B 576 -31.52 -22.16 74.84
CA GLN B 576 -32.41 -22.73 75.85
C GLN B 576 -32.11 -22.19 77.25
N GLY B 577 -30.91 -21.63 77.41
CA GLY B 577 -30.57 -20.95 78.65
C GLY B 577 -30.66 -21.83 79.88
N ARG B 578 -30.26 -23.09 79.72
CA ARG B 578 -30.24 -23.99 80.84
C ARG B 578 -29.23 -23.47 81.88
N ASN B 579 -29.63 -23.54 83.15
CA ASN B 579 -28.81 -23.04 84.26
C ASN B 579 -28.51 -21.52 84.19
N ASN B 580 -29.27 -20.79 83.38
CA ASN B 580 -29.15 -19.33 83.35
C ASN B 580 -30.28 -18.71 84.18
N VAL B 581 -29.95 -17.67 84.94
CA VAL B 581 -30.96 -16.90 85.66
C VAL B 581 -31.90 -16.20 84.67
N PHE B 582 -31.33 -15.56 83.66
CA PHE B 582 -32.14 -15.07 82.56
C PHE B 582 -31.42 -15.38 81.25
N THR B 583 -32.15 -15.29 80.15
CA THR B 583 -31.58 -15.57 78.84
C THR B 583 -31.58 -14.32 77.97
N CYS B 584 -30.40 -13.88 77.57
CA CYS B 584 -30.25 -12.78 76.64
C CYS B 584 -29.58 -13.34 75.41
N THR B 585 -29.96 -12.82 74.26
CA THR B 585 -29.67 -13.43 73.00
C THR B 585 -28.80 -12.52 72.12
N ALA B 586 -28.39 -11.38 72.69
CA ALA B 586 -27.48 -10.45 72.00
C ALA B 586 -26.15 -11.10 71.56
N VAL B 587 -25.49 -11.81 72.47
CA VAL B 587 -24.20 -12.41 72.17
C VAL B 587 -24.32 -13.52 71.11
N LEU B 588 -25.29 -14.40 71.30
CA LEU B 588 -25.57 -15.47 70.35
C LEU B 588 -25.80 -14.93 68.95
N THR B 589 -26.57 -13.84 68.86
CA THR B 589 -26.83 -13.21 67.58
C THR B 589 -25.52 -12.91 66.88
N ASP B 590 -24.57 -12.33 67.62
CA ASP B 590 -23.26 -12.00 67.07
C ASP B 590 -22.47 -13.24 66.68
N MET B 591 -22.61 -14.30 67.45
CA MET B 591 -21.90 -15.53 67.15
C MET B 591 -22.37 -16.14 65.83
N LEU B 592 -23.70 -16.17 65.63
CA LEU B 592 -24.27 -16.78 64.43
C LEU B 592 -23.88 -15.98 63.19
N THR B 593 -24.07 -14.67 63.23
CA THR B 593 -23.76 -13.82 62.08
C THR B 593 -22.27 -13.92 61.73
N GLU B 594 -21.41 -13.89 62.76
CA GLU B 594 -19.98 -14.01 62.54
C GLU B 594 -19.60 -15.37 61.94
N HIS B 595 -20.25 -16.42 62.41
CA HIS B 595 -20.04 -17.74 61.83
C HIS B 595 -20.50 -17.81 60.38
N ALA B 596 -21.62 -17.17 60.07
CA ALA B 596 -22.15 -17.20 58.70
C ALA B 596 -21.24 -16.40 57.77
N LYS B 597 -20.83 -15.22 58.23
CA LYS B 597 -19.86 -14.39 57.52
C LYS B 597 -18.57 -15.16 57.20
N GLU B 598 -18.11 -15.98 58.14
CA GLU B 598 -16.88 -16.73 57.93
C GLU B 598 -17.08 -17.91 56.98
N SER B 599 -18.12 -18.69 57.22
CA SER B 599 -18.32 -19.97 56.52
C SER B 599 -19.20 -19.91 55.26
N PHE B 600 -20.15 -18.97 55.21
CA PHE B 600 -21.00 -18.84 54.03
C PHE B 600 -21.50 -17.42 53.74
N PRO B 601 -20.56 -16.51 53.47
CA PRO B 601 -20.80 -15.08 53.30
C PRO B 601 -21.76 -14.81 52.18
N GLU B 602 -21.62 -15.59 51.11
CA GLU B 602 -22.48 -15.43 49.96
C GLU B 602 -23.93 -15.62 50.40
N ILE B 603 -24.23 -16.77 51.01
CA ILE B 603 -25.57 -17.02 51.50
C ILE B 603 -25.98 -15.98 52.56
N PHE B 604 -25.09 -15.68 53.49
CA PHE B 604 -25.39 -14.71 54.53
C PHE B 604 -25.84 -13.37 53.93
N SER B 605 -25.14 -12.95 52.87
CA SER B 605 -25.41 -11.64 52.28
C SER B 605 -26.77 -11.59 51.63
N LEU B 606 -27.25 -12.74 51.13
CA LEU B 606 -28.48 -12.77 50.39
C LEU B 606 -29.70 -12.98 51.25
N TYR B 607 -29.54 -13.74 52.33
CA TYR B 607 -30.70 -14.17 53.09
C TYR B 607 -30.92 -13.41 54.41
N TYR B 608 -29.85 -12.92 55.03
CA TYR B 608 -29.96 -12.16 56.28
C TYR B 608 -30.26 -10.69 55.95
N PRO B 609 -31.27 -10.10 56.61
CA PRO B 609 -31.75 -8.76 56.23
C PRO B 609 -30.62 -7.73 56.18
N VAL B 610 -30.54 -6.95 55.10
CA VAL B 610 -29.40 -6.06 54.92
C VAL B 610 -29.29 -5.09 56.10
N ALA B 611 -30.44 -4.58 56.57
CA ALA B 611 -30.40 -3.61 57.65
C ALA B 611 -29.77 -4.21 58.91
N TRP B 612 -29.83 -5.53 59.02
CA TRP B 612 -29.29 -6.21 60.20
C TRP B 612 -27.81 -6.57 60.10
N ARG B 613 -27.16 -6.35 58.97
CA ARG B 613 -25.74 -6.66 58.95
C ARG B 613 -24.83 -5.45 58.75
N GLN C 2 8.45 48.74 -34.81
CA GLN C 2 7.90 49.00 -33.49
C GLN C 2 9.01 48.79 -32.47
N GLY C 3 10.20 48.54 -32.98
CA GLY C 3 11.40 48.50 -32.17
C GLY C 3 12.59 48.95 -32.99
N ARG C 4 13.25 50.03 -32.56
CA ARG C 4 14.44 50.50 -33.24
C ARG C 4 15.68 49.80 -32.72
N ALA C 5 16.73 49.78 -33.54
CA ALA C 5 18.02 49.25 -33.14
C ALA C 5 18.56 49.98 -31.90
N CYS C 6 18.11 51.22 -31.72
CA CYS C 6 18.61 52.08 -30.65
C CYS C 6 18.11 51.68 -29.27
N LEU C 7 17.12 50.79 -29.22
CA LEU C 7 16.46 50.46 -27.96
C LEU C 7 17.24 49.42 -27.16
N SER C 8 17.05 49.45 -25.85
CA SER C 8 17.65 48.45 -24.98
C SER C 8 16.94 47.12 -25.15
N LYS C 9 17.53 46.05 -24.65
CA LYS C 9 16.91 44.74 -24.76
C LYS C 9 15.64 44.66 -23.93
N ALA C 10 15.64 45.30 -22.76
CA ALA C 10 14.46 45.26 -21.91
C ALA C 10 13.29 45.94 -22.64
N GLU C 11 13.60 46.96 -23.42
CA GLU C 11 12.58 47.72 -24.14
C GLU C 11 12.12 46.93 -25.36
N LEU C 12 13.08 46.33 -26.05
CA LEU C 12 12.80 45.45 -27.16
C LEU C 12 11.93 44.29 -26.68
N THR C 13 12.20 43.79 -25.49
CA THR C 13 11.48 42.65 -24.95
C THR C 13 10.01 43.02 -24.69
N ALA C 14 9.80 44.19 -24.09
CA ALA C 14 8.44 44.68 -23.83
C ALA C 14 7.71 44.91 -25.15
N ASP C 15 8.38 45.52 -26.11
CA ASP C 15 7.80 45.73 -27.44
C ASP C 15 7.34 44.43 -28.11
N LEU C 16 8.17 43.39 -28.06
CA LEU C 16 7.83 42.13 -28.70
C LEU C 16 6.70 41.43 -27.95
N ILE C 17 6.76 41.47 -26.63
CA ILE C 17 5.72 40.92 -25.79
C ILE C 17 4.37 41.61 -26.07
N TRP C 18 4.40 42.93 -26.24
CA TRP C 18 3.18 43.66 -26.58
C TRP C 18 2.68 43.26 -27.97
N LEU C 19 3.59 43.22 -28.94
CA LEU C 19 3.21 42.85 -30.30
C LEU C 19 2.58 41.46 -30.35
N SER C 20 3.20 40.49 -29.67
CA SER C 20 2.73 39.11 -29.75
C SER C 20 1.28 38.97 -29.28
N ALA C 21 0.91 39.74 -28.27
CA ALA C 21 -0.43 39.68 -27.68
C ALA C 21 -1.49 40.51 -28.42
N ASN C 22 -1.05 41.28 -29.41
CA ASN C 22 -1.92 42.22 -30.09
C ASN C 22 -1.85 42.13 -31.62
N ARG C 23 -1.60 40.94 -32.16
CA ARG C 23 -1.50 40.76 -33.60
C ARG C 23 -2.84 41.00 -34.30
N THR C 24 -2.79 41.70 -35.42
CA THR C 24 -3.96 41.96 -36.27
C THR C 24 -3.81 41.29 -37.63
N GLY C 25 -2.58 40.91 -37.99
CA GLY C 25 -2.30 40.41 -39.32
C GLY C 25 -2.29 41.50 -40.39
N GLU C 26 -2.29 42.75 -39.94
CA GLU C 26 -2.37 43.86 -40.89
C GLU C 26 -1.49 45.03 -40.47
N GLU C 27 -0.51 44.77 -39.61
CA GLU C 27 0.31 45.86 -39.08
C GLU C 27 1.21 46.50 -40.17
N SER C 28 1.54 47.78 -39.99
CA SER C 28 2.38 48.49 -40.95
C SER C 28 3.82 48.00 -40.90
N ALA C 29 4.63 48.50 -41.84
CA ALA C 29 6.05 48.22 -41.86
C ALA C 29 6.71 48.76 -40.60
N GLU C 30 6.32 49.96 -40.17
CA GLU C 30 6.91 50.55 -38.97
C GLU C 30 6.63 49.71 -37.73
N GLU C 31 5.45 49.11 -37.65
CA GLU C 31 5.11 48.30 -36.48
C GLU C 31 5.90 47.00 -36.51
N LEU C 32 6.21 46.53 -37.71
CA LEU C 32 6.90 45.26 -37.85
C LEU C 32 8.41 45.43 -37.88
N ASN C 33 8.86 46.68 -37.87
CA ASN C 33 10.27 46.99 -38.10
C ASN C 33 11.16 46.77 -36.87
N TYR C 34 11.80 45.60 -36.82
CA TYR C 34 12.78 45.28 -35.78
C TYR C 34 14.17 45.03 -36.42
N SER C 35 14.41 45.65 -37.58
CA SER C 35 15.68 45.48 -38.29
C SER C 35 16.88 46.01 -37.50
N GLY C 36 18.03 45.37 -37.68
CA GLY C 36 19.27 45.76 -37.01
C GLY C 36 19.25 45.70 -35.49
N CYS C 37 18.21 45.10 -34.92
CA CYS C 37 18.08 45.02 -33.48
C CYS C 37 19.02 43.99 -32.87
N ASP C 38 19.44 44.25 -31.64
CA ASP C 38 20.24 43.31 -30.91
C ASP C 38 19.36 42.59 -29.91
N LEU C 39 18.92 41.39 -30.26
CA LEU C 39 18.01 40.65 -29.41
C LEU C 39 18.71 39.50 -28.73
N SER C 40 20.02 39.66 -28.54
CA SER C 40 20.86 38.57 -28.06
C SER C 40 20.59 38.19 -26.61
N GLY C 41 20.68 36.90 -26.32
CA GLY C 41 20.49 36.40 -24.96
C GLY C 41 19.05 36.39 -24.46
N LEU C 42 18.10 36.67 -25.34
CA LEU C 42 16.70 36.80 -24.91
C LEU C 42 15.88 35.52 -25.01
N SER C 43 14.94 35.35 -24.09
CA SER C 43 14.01 34.25 -24.17
C SER C 43 12.73 34.76 -24.82
N LEU C 44 12.56 34.45 -26.10
CA LEU C 44 11.39 34.93 -26.85
C LEU C 44 10.52 33.74 -27.24
N VAL C 45 10.06 33.00 -26.23
CA VAL C 45 9.48 31.70 -26.45
C VAL C 45 7.96 31.74 -26.71
N GLY C 46 7.52 31.02 -27.74
CA GLY C 46 6.10 30.85 -27.99
C GLY C 46 5.36 32.13 -28.34
N LEU C 47 6.04 33.02 -29.06
CA LEU C 47 5.47 34.32 -29.42
C LEU C 47 4.95 34.37 -30.85
N ASN C 48 3.92 35.19 -31.07
CA ASN C 48 3.32 35.33 -32.39
C ASN C 48 4.06 36.42 -33.14
N LEU C 49 5.11 36.04 -33.87
CA LEU C 49 5.98 37.01 -34.51
C LEU C 49 5.95 36.89 -36.02
N SER C 50 4.85 36.34 -36.53
CA SER C 50 4.64 36.21 -37.96
C SER C 50 4.84 37.55 -38.69
N SER C 51 5.55 37.51 -39.82
CA SER C 51 5.74 38.68 -40.68
C SER C 51 6.66 39.77 -40.10
N VAL C 52 7.22 39.54 -38.92
CA VAL C 52 8.05 40.58 -38.34
C VAL C 52 9.34 40.76 -39.15
N ASN C 53 9.81 42.00 -39.22
CA ASN C 53 11.03 42.32 -39.95
C ASN C 53 12.21 42.41 -39.00
N PHE C 54 13.08 41.40 -39.04
CA PHE C 54 14.21 41.34 -38.14
C PHE C 54 15.47 41.42 -38.97
N SER C 55 15.37 41.88 -40.21
CA SER C 55 16.50 41.77 -41.12
C SER C 55 17.73 42.45 -40.52
N GLY C 56 18.85 41.72 -40.53
CA GLY C 56 20.10 42.23 -40.00
C GLY C 56 20.19 42.23 -38.48
N ALA C 57 19.18 41.66 -37.82
CA ALA C 57 19.17 41.64 -36.35
C ALA C 57 20.12 40.56 -35.81
N VAL C 58 20.36 40.59 -34.51
CA VAL C 58 21.29 39.65 -33.89
C VAL C 58 20.54 38.86 -32.85
N LEU C 59 20.42 37.55 -33.07
CA LEU C 59 19.62 36.69 -32.19
C LEU C 59 20.44 35.59 -31.53
N ASP C 60 21.74 35.85 -31.38
CA ASP C 60 22.63 34.91 -30.71
C ASP C 60 22.15 34.62 -29.29
N ASP C 61 22.38 33.39 -28.86
CA ASP C 61 22.04 32.95 -27.51
C ASP C 61 20.58 33.21 -27.16
N THR C 62 19.73 33.28 -28.19
CA THR C 62 18.31 33.50 -27.95
C THR C 62 17.50 32.21 -28.01
N ASP C 63 16.57 32.05 -27.07
CA ASP C 63 15.68 30.91 -27.06
C ASP C 63 14.38 31.31 -27.76
N LEU C 64 14.20 30.84 -28.99
CA LEU C 64 13.04 31.22 -29.79
C LEU C 64 11.99 30.11 -29.84
N ARG C 65 12.18 29.09 -29.02
CA ARG C 65 11.35 27.88 -29.07
C ARG C 65 9.84 28.10 -29.22
N MET C 66 9.23 27.38 -30.15
CA MET C 66 7.78 27.43 -30.36
C MET C 66 7.23 28.75 -30.89
N SER C 67 8.07 29.72 -31.21
CA SER C 67 7.56 30.98 -31.70
C SER C 67 7.14 30.89 -33.15
N ASP C 68 6.17 31.71 -33.54
CA ASP C 68 5.72 31.75 -34.91
C ASP C 68 6.45 32.88 -35.63
N LEU C 69 7.33 32.51 -36.56
CA LEU C 69 8.06 33.48 -37.35
C LEU C 69 7.77 33.22 -38.82
N SER C 70 6.58 32.69 -39.08
CA SER C 70 6.15 32.49 -40.46
C SER C 70 6.12 33.81 -41.22
N GLN C 71 6.64 33.78 -42.44
CA GLN C 71 6.64 34.95 -43.31
C GLN C 71 7.52 36.07 -42.77
N ALA C 72 8.27 35.78 -41.71
CA ALA C 72 9.17 36.76 -41.14
C ALA C 72 10.32 37.07 -42.09
N VAL C 73 10.90 38.25 -41.94
CA VAL C 73 12.06 38.62 -42.73
C VAL C 73 13.29 38.57 -41.85
N LEU C 74 14.13 37.58 -42.06
CA LEU C 74 15.31 37.40 -41.23
C LEU C 74 16.62 37.39 -42.04
N GLU C 75 16.60 37.97 -43.23
CA GLU C 75 17.82 38.14 -44.03
C GLU C 75 19.00 38.66 -43.21
N ASN C 76 20.13 37.98 -43.32
CA ASN C 76 21.38 38.43 -42.69
C ASN C 76 21.36 38.37 -41.16
N CYS C 77 20.41 37.66 -40.60
CA CYS C 77 20.37 37.50 -39.15
C CYS C 77 21.41 36.52 -38.65
N SER C 78 21.79 36.68 -37.39
CA SER C 78 22.75 35.80 -36.74
C SER C 78 22.05 35.00 -35.65
N PHE C 79 22.03 33.68 -35.79
CA PHE C 79 21.48 32.81 -34.76
C PHE C 79 22.57 31.95 -34.14
N LYS C 80 23.67 32.57 -33.71
CA LYS C 80 24.75 31.80 -33.07
C LYS C 80 24.35 31.30 -31.69
N ASN C 81 24.38 29.98 -31.51
CA ASN C 81 24.02 29.36 -30.23
C ASN C 81 22.57 29.61 -29.81
N SER C 82 21.68 29.64 -30.79
CA SER C 82 20.26 29.84 -30.51
C SER C 82 19.53 28.51 -30.34
N ILE C 83 18.31 28.59 -29.81
CA ILE C 83 17.44 27.42 -29.68
C ILE C 83 16.20 27.67 -30.51
N LEU C 84 16.06 26.93 -31.61
CA LEU C 84 14.98 27.14 -32.55
C LEU C 84 13.98 25.99 -32.58
N ASN C 85 14.15 25.03 -31.67
CA ASN C 85 13.25 23.88 -31.56
C ASN C 85 11.77 24.28 -31.76
N GLU C 86 11.10 23.57 -32.65
CA GLU C 86 9.65 23.71 -32.84
C GLU C 86 9.18 25.10 -33.28
N CYS C 87 10.10 25.95 -33.72
CA CYS C 87 9.76 27.23 -34.33
C CYS C 87 9.12 27.07 -35.70
N ASN C 88 8.20 27.98 -36.02
CA ASN C 88 7.58 27.99 -37.32
C ASN C 88 8.28 29.04 -38.19
N PHE C 89 9.01 28.60 -39.22
CA PHE C 89 9.60 29.53 -40.17
C PHE C 89 8.98 29.40 -41.56
N CYS C 90 7.75 28.92 -41.64
CA CYS C 90 7.15 28.69 -42.95
C CYS C 90 7.18 29.98 -43.79
N TYR C 91 7.68 29.87 -45.01
CA TYR C 91 7.74 30.97 -45.96
C TYR C 91 8.57 32.15 -45.46
N ALA C 92 9.39 31.92 -44.44
CA ALA C 92 10.22 33.02 -43.95
C ALA C 92 11.41 33.25 -44.87
N ASN C 93 12.01 34.43 -44.75
CA ASN C 93 13.20 34.76 -45.52
C ASN C 93 14.41 34.71 -44.60
N LEU C 94 15.23 33.68 -44.76
CA LEU C 94 16.42 33.50 -43.93
C LEU C 94 17.71 33.47 -44.76
N SER C 95 17.73 34.19 -45.88
CA SER C 95 18.91 34.19 -46.74
C SER C 95 20.12 34.80 -46.01
N ASN C 96 21.29 34.17 -46.22
CA ASN C 96 22.54 34.60 -45.61
C ASN C 96 22.56 34.57 -44.10
N CYS C 97 21.69 33.78 -43.50
CA CYS C 97 21.69 33.65 -42.04
C CYS C 97 22.77 32.71 -41.54
N ILE C 98 23.35 33.05 -40.40
CA ILE C 98 24.21 32.14 -39.67
C ILE C 98 23.30 31.42 -38.68
N ILE C 99 23.12 30.13 -38.87
CA ILE C 99 22.27 29.36 -37.99
C ILE C 99 23.12 28.30 -37.30
N ARG C 100 23.39 28.55 -36.01
CA ARG C 100 24.19 27.66 -35.21
C ARG C 100 23.37 27.26 -34.00
N ALA C 101 22.47 26.31 -34.20
CA ALA C 101 21.32 26.22 -33.33
C ALA C 101 20.77 24.81 -33.13
N LEU C 102 20.10 24.60 -32.01
CA LEU C 102 19.25 23.45 -31.86
C LEU C 102 18.07 23.72 -32.78
N PHE C 103 17.81 22.79 -33.71
CA PHE C 103 16.65 22.96 -34.59
C PHE C 103 15.71 21.75 -34.63
N GLU C 104 15.44 21.21 -33.44
CA GLU C 104 14.53 20.07 -33.28
C GLU C 104 13.13 20.40 -33.80
N ASN C 105 12.72 19.71 -34.85
CA ASN C 105 11.38 19.90 -35.40
C ASN C 105 11.12 21.33 -35.88
N SER C 106 12.17 22.08 -36.20
CA SER C 106 11.97 23.44 -36.70
C SER C 106 11.41 23.37 -38.10
N ASN C 107 10.35 24.15 -38.37
CA ASN C 107 9.70 24.09 -39.68
C ASN C 107 10.16 25.16 -40.66
N PHE C 108 11.02 24.77 -41.60
CA PHE C 108 11.49 25.67 -42.65
C PHE C 108 10.77 25.46 -43.98
N SER C 109 9.55 24.95 -43.93
CA SER C 109 8.76 24.73 -45.14
C SER C 109 8.74 26.00 -45.99
N ASN C 110 9.08 25.88 -47.27
CA ASN C 110 9.01 27.01 -48.21
C ASN C 110 9.82 28.23 -47.81
N SER C 111 10.74 28.08 -46.86
CA SER C 111 11.57 29.21 -46.48
C SER C 111 12.65 29.48 -47.53
N ASN C 112 13.18 30.69 -47.49
CA ASN C 112 14.30 31.09 -48.33
C ASN C 112 15.56 30.94 -47.51
N LEU C 113 16.39 29.95 -47.86
CA LEU C 113 17.60 29.67 -47.09
C LEU C 113 18.85 29.83 -47.96
N LYS C 114 18.70 30.53 -49.07
CA LYS C 114 19.83 30.76 -49.97
C LYS C 114 21.03 31.33 -49.22
N ASN C 115 22.17 30.66 -49.36
CA ASN C 115 23.43 31.09 -48.75
C ASN C 115 23.45 31.09 -47.24
N ALA C 116 22.49 30.44 -46.62
CA ALA C 116 22.48 30.35 -45.17
C ALA C 116 23.49 29.27 -44.73
N SER C 117 23.97 29.34 -43.50
CA SER C 117 24.91 28.34 -43.00
C SER C 117 24.39 27.69 -41.72
N PHE C 118 24.27 26.36 -41.71
CA PHE C 118 23.76 25.65 -40.54
C PHE C 118 24.89 25.09 -39.71
N LYS C 119 26.13 25.44 -40.06
CA LYS C 119 27.28 24.92 -39.33
C LYS C 119 27.06 24.96 -37.82
N GLY C 120 27.30 23.82 -37.17
CA GLY C 120 27.25 23.75 -35.72
C GLY C 120 25.87 23.47 -35.17
N SER C 121 24.89 23.34 -36.05
CA SER C 121 23.51 23.04 -35.63
C SER C 121 23.34 21.56 -35.28
N SER C 122 22.20 21.19 -34.72
CA SER C 122 21.95 19.79 -34.40
C SER C 122 20.53 19.55 -33.95
N TYR C 123 20.08 18.31 -34.10
CA TYR C 123 18.83 17.86 -33.48
C TYR C 123 19.09 16.51 -32.82
N ILE C 124 18.22 16.15 -31.91
CA ILE C 124 18.36 14.88 -31.20
C ILE C 124 17.61 13.75 -31.89
N GLN C 125 16.33 13.97 -32.20
CA GLN C 125 15.52 12.91 -32.75
C GLN C 125 14.71 13.37 -33.96
N TYR C 126 14.10 14.54 -33.87
CA TYR C 126 13.24 15.03 -34.96
C TYR C 126 13.94 16.12 -35.78
N PRO C 127 14.15 15.85 -37.06
CA PRO C 127 14.90 16.73 -37.95
C PRO C 127 14.10 17.99 -38.26
N PRO C 128 14.76 19.07 -38.69
CA PRO C 128 13.99 20.21 -39.17
C PRO C 128 13.31 19.86 -40.48
N ILE C 129 12.23 20.56 -40.79
CA ILE C 129 11.48 20.33 -42.02
C ILE C 129 11.99 21.30 -43.09
N LEU C 130 12.38 20.77 -44.25
CA LEU C 130 12.97 21.59 -45.31
C LEU C 130 12.21 21.50 -46.63
N ASN C 131 10.99 20.97 -46.59
CA ASN C 131 10.19 20.79 -47.80
C ASN C 131 9.94 22.10 -48.57
N GLU C 132 10.40 22.13 -49.81
CA GLU C 132 10.26 23.29 -50.69
C GLU C 132 11.06 24.51 -50.25
N ALA C 133 11.92 24.34 -49.24
CA ALA C 133 12.83 25.41 -48.86
C ALA C 133 13.93 25.53 -49.91
N ASP C 134 14.48 26.73 -50.05
CA ASP C 134 15.55 26.96 -51.02
C ASP C 134 16.90 26.99 -50.32
N LEU C 135 17.68 25.93 -50.55
CA LEU C 135 19.00 25.76 -49.95
C LEU C 135 20.12 26.07 -50.94
N THR C 136 19.76 26.50 -52.14
CA THR C 136 20.75 26.91 -53.13
C THR C 136 21.82 27.80 -52.49
N GLY C 137 23.07 27.33 -52.50
CA GLY C 137 24.19 28.09 -51.95
C GLY C 137 24.38 27.97 -50.45
N ALA C 138 23.48 27.26 -49.78
CA ALA C 138 23.56 27.10 -48.33
C ALA C 138 24.56 26.04 -47.88
N ILE C 139 25.11 26.24 -46.69
CA ILE C 139 25.93 25.24 -46.06
C ILE C 139 25.07 24.41 -45.10
N ILE C 140 24.84 23.15 -45.45
CA ILE C 140 24.07 22.25 -44.60
C ILE C 140 24.99 21.27 -43.88
N ILE C 141 24.42 20.46 -42.97
CA ILE C 141 25.23 19.55 -42.17
C ILE C 141 24.67 18.12 -42.17
N PRO C 142 25.55 17.12 -41.95
CA PRO C 142 25.09 15.73 -41.94
C PRO C 142 23.96 15.57 -40.95
N GLY C 143 22.97 14.75 -41.29
CA GLY C 143 21.84 14.57 -40.40
C GLY C 143 20.59 15.29 -40.89
N MET C 144 20.77 16.41 -41.60
CA MET C 144 19.61 17.15 -42.12
C MET C 144 18.91 16.35 -43.22
N VAL C 145 17.60 16.32 -43.15
CA VAL C 145 16.76 15.61 -44.10
C VAL C 145 16.32 16.55 -45.23
N LEU C 146 16.58 16.17 -46.47
CA LEU C 146 16.44 17.11 -47.57
C LEU C 146 15.20 16.93 -48.41
N SER C 147 14.25 16.13 -47.94
CA SER C 147 13.06 15.81 -48.73
C SER C 147 12.41 17.10 -49.19
N GLY C 148 12.16 17.19 -50.50
CA GLY C 148 11.46 18.31 -51.10
C GLY C 148 12.27 19.59 -51.14
N ALA C 149 13.51 19.53 -50.69
CA ALA C 149 14.32 20.72 -50.66
C ALA C 149 14.89 21.05 -52.03
N ILE C 150 15.04 22.34 -52.32
CA ILE C 150 15.64 22.79 -53.56
C ILE C 150 17.11 23.09 -53.31
N LEU C 151 18.00 22.42 -54.05
CA LEU C 151 19.44 22.53 -53.81
C LEU C 151 20.17 23.36 -54.86
N GLY C 152 19.52 23.64 -55.97
CA GLY C 152 20.17 24.40 -57.04
C GLY C 152 21.13 23.54 -57.84
N ASP C 153 21.57 24.08 -58.97
CA ASP C 153 22.48 23.35 -59.85
C ASP C 153 23.94 23.54 -59.43
N VAL C 154 24.80 22.63 -59.90
CA VAL C 154 26.20 22.66 -59.52
C VAL C 154 26.96 23.84 -60.13
N LYS C 155 27.42 24.75 -59.27
CA LYS C 155 28.32 25.82 -59.71
C LYS C 155 29.74 25.26 -59.85
N GLU C 156 30.27 24.75 -58.74
CA GLU C 156 31.55 24.03 -58.76
C GLU C 156 31.31 22.57 -58.39
N LEU C 157 32.04 21.66 -59.02
CA LEU C 157 31.86 20.22 -58.78
C LEU C 157 32.65 19.70 -57.58
N PHE C 158 33.83 20.28 -57.35
CA PHE C 158 34.69 19.86 -56.24
C PHE C 158 35.07 21.04 -55.36
N SER C 159 35.09 20.82 -54.05
CA SER C 159 35.39 21.88 -53.09
C SER C 159 36.88 22.00 -52.81
N GLU C 160 37.27 23.15 -52.24
CA GLU C 160 38.66 23.43 -51.95
C GLU C 160 38.98 23.26 -50.46
N LYS C 161 37.97 23.37 -49.62
CA LYS C 161 38.19 23.27 -48.18
C LYS C 161 38.70 21.88 -47.80
N SER C 162 38.08 20.87 -48.40
CA SER C 162 38.41 19.48 -48.16
C SER C 162 37.70 19.04 -46.89
N ASN C 163 36.97 19.98 -46.29
CA ASN C 163 36.15 19.73 -45.13
C ASN C 163 34.68 19.81 -45.51
N THR C 164 34.43 19.87 -46.81
CA THR C 164 33.06 19.96 -47.28
C THR C 164 32.83 19.11 -48.53
N ILE C 165 31.60 18.67 -48.70
CA ILE C 165 31.21 17.84 -49.84
C ILE C 165 30.08 18.50 -50.60
N ASN C 166 30.26 18.69 -51.91
CA ASN C 166 29.27 19.35 -52.73
C ASN C 166 28.10 18.46 -53.02
N LEU C 167 26.90 19.01 -52.88
CA LEU C 167 25.67 18.30 -53.24
C LEU C 167 24.81 19.28 -54.01
N GLY C 168 24.73 19.07 -55.33
CA GLY C 168 24.12 20.05 -56.21
C GLY C 168 24.70 21.41 -55.92
N GLY C 169 23.81 22.40 -55.75
CA GLY C 169 24.24 23.75 -55.47
C GLY C 169 24.44 24.11 -54.01
N CYS C 170 24.39 23.12 -53.10
CA CYS C 170 24.70 23.42 -51.70
C CYS C 170 25.94 22.68 -51.22
N TYR C 171 26.38 23.00 -50.00
CA TYR C 171 27.58 22.40 -49.44
C TYR C 171 27.30 21.64 -48.15
N ILE C 172 27.88 20.45 -48.02
CA ILE C 172 27.79 19.71 -46.78
C ILE C 172 29.05 19.91 -45.96
N ASP C 173 28.93 20.57 -44.81
CA ASP C 173 30.10 20.87 -43.97
C ASP C 173 30.48 19.73 -43.04
N LEU C 174 31.78 19.51 -42.90
CA LEU C 174 32.29 18.41 -42.10
C LEU C 174 33.25 18.90 -41.04
N SER C 175 32.98 20.11 -40.52
CA SER C 175 33.82 20.73 -39.50
C SER C 175 33.41 20.34 -38.10
N ASP C 176 32.14 19.98 -37.94
CA ASP C 176 31.61 19.70 -36.62
C ASP C 176 31.13 18.25 -36.54
N ILE C 177 31.91 17.38 -37.18
CA ILE C 177 31.85 15.96 -36.88
C ILE C 177 33.02 15.80 -35.96
N GLN C 178 32.93 14.86 -35.03
CA GLN C 178 33.91 14.76 -33.96
C GLN C 178 35.25 14.25 -34.51
N GLU C 179 35.79 14.97 -35.49
CA GLU C 179 37.04 14.60 -36.18
C GLU C 179 37.07 13.10 -36.49
N ASN C 180 35.90 12.57 -36.85
CA ASN C 180 35.71 11.15 -37.06
C ASN C 180 34.63 10.90 -38.12
N ILE C 181 35.05 10.62 -39.35
CA ILE C 181 34.11 10.42 -40.45
C ILE C 181 33.08 9.33 -40.14
N LEU C 182 33.44 8.38 -39.28
CA LEU C 182 32.55 7.27 -38.99
C LEU C 182 31.28 7.74 -38.26
N SER C 183 31.37 8.86 -37.57
CA SER C 183 30.21 9.38 -36.83
C SER C 183 29.08 9.80 -37.78
N VAL C 184 29.38 10.00 -39.06
CA VAL C 184 28.33 10.42 -40.01
C VAL C 184 27.87 9.30 -40.92
N LEU C 185 28.26 8.06 -40.62
CA LEU C 185 27.91 6.94 -41.48
C LEU C 185 27.03 5.87 -40.82
N ASP C 186 26.28 6.25 -39.79
CA ASP C 186 25.47 5.30 -39.05
C ASP C 186 23.98 5.69 -39.04
N ASN C 187 23.19 5.06 -39.89
CA ASN C 187 21.78 5.38 -40.01
C ASN C 187 20.93 4.80 -38.90
N TYR C 188 21.53 3.91 -38.13
CA TYR C 188 20.80 3.07 -37.18
C TYR C 188 20.86 3.61 -35.78
N THR C 189 22.01 4.14 -35.36
CA THR C 189 22.15 4.60 -33.99
C THR C 189 22.57 6.07 -33.91
N LYS C 190 22.90 6.66 -35.06
CA LYS C 190 23.28 8.07 -35.16
C LYS C 190 22.63 8.71 -36.38
N SER C 191 21.35 8.40 -36.61
CA SER C 191 20.65 8.93 -37.76
C SER C 191 20.67 10.46 -37.78
N ASN C 192 20.58 11.08 -36.60
CA ASN C 192 20.60 12.54 -36.49
C ASN C 192 21.93 13.17 -36.90
N LYS C 193 22.92 12.33 -37.25
CA LYS C 193 24.25 12.82 -37.64
C LYS C 193 24.64 12.25 -39.00
N SER C 194 23.74 11.52 -39.65
CA SER C 194 24.13 10.75 -40.83
C SER C 194 24.22 11.54 -42.15
N ILE C 195 25.38 11.54 -42.80
CA ILE C 195 25.47 12.18 -44.12
C ILE C 195 24.78 11.33 -45.16
N LEU C 196 24.66 10.01 -44.90
CA LEU C 196 23.99 9.10 -45.81
C LEU C 196 22.51 9.43 -45.85
N LEU C 197 21.96 9.75 -44.68
CA LEU C 197 20.58 10.25 -44.59
C LEU C 197 20.41 11.52 -45.43
N THR C 198 21.32 12.46 -45.26
CA THR C 198 21.22 13.72 -45.99
C THR C 198 21.23 13.45 -47.49
N MET C 199 22.23 12.70 -47.94
CA MET C 199 22.36 12.44 -49.37
C MET C 199 21.13 11.74 -49.95
N ASN C 200 20.65 10.71 -49.25
CA ASN C 200 19.57 9.90 -49.82
C ASN C 200 18.16 10.47 -49.67
N THR C 201 18.01 11.51 -48.87
CA THR C 201 16.69 12.16 -48.77
C THR C 201 16.53 13.33 -49.75
N SER C 202 17.59 13.68 -50.47
CA SER C 202 17.48 14.70 -51.50
C SER C 202 16.64 14.11 -52.63
N ASP C 203 15.94 14.95 -53.37
CA ASP C 203 14.99 14.46 -54.39
C ASP C 203 15.70 13.75 -55.57
N ASP C 204 14.92 12.96 -56.30
CA ASP C 204 15.39 12.21 -57.46
C ASP C 204 16.19 13.08 -58.44
N LYS C 205 15.78 14.33 -58.64
CA LYS C 205 16.41 15.17 -59.65
C LYS C 205 17.87 15.40 -59.29
N TYR C 206 18.22 15.18 -58.03
CA TYR C 206 19.60 15.31 -57.64
C TYR C 206 20.34 13.96 -57.69
N ASN C 207 19.75 12.97 -58.35
CA ASN C 207 20.38 11.65 -58.41
C ASN C 207 21.80 11.73 -58.94
N HIS C 208 22.01 12.55 -59.96
CA HIS C 208 23.35 12.69 -60.50
C HIS C 208 24.26 13.28 -59.44
N ASP C 209 23.73 14.23 -58.67
CA ASP C 209 24.49 14.88 -57.60
C ASP C 209 24.81 13.97 -56.41
N LYS C 210 23.92 13.02 -56.12
CA LYS C 210 24.16 12.05 -55.04
C LYS C 210 25.43 11.26 -55.35
N VAL C 211 25.47 10.71 -56.56
CA VAL C 211 26.60 9.92 -57.02
C VAL C 211 27.91 10.70 -56.83
N ARG C 212 27.91 11.96 -57.23
CA ARG C 212 29.12 12.76 -57.11
C ARG C 212 29.51 13.01 -55.65
N ALA C 213 28.52 13.26 -54.80
CA ALA C 213 28.81 13.45 -53.37
C ALA C 213 29.40 12.15 -52.79
N ALA C 214 28.89 11.02 -53.25
CA ALA C 214 29.29 9.72 -52.79
C ALA C 214 30.74 9.44 -53.20
N GLU C 215 31.06 9.70 -54.47
CA GLU C 215 32.42 9.55 -54.92
C GLU C 215 33.35 10.44 -54.10
N GLU C 216 32.86 11.61 -53.71
CA GLU C 216 33.67 12.47 -52.87
C GLU C 216 33.77 11.94 -51.45
N LEU C 217 32.64 11.41 -50.95
CA LEU C 217 32.61 10.88 -49.58
C LEU C 217 33.57 9.71 -49.41
N ILE C 218 33.59 8.80 -50.38
CA ILE C 218 34.39 7.57 -50.22
C ILE C 218 35.90 7.84 -50.10
N LYS C 219 36.35 8.98 -50.59
CA LYS C 219 37.75 9.38 -50.48
C LYS C 219 38.18 9.74 -49.07
N LYS C 220 37.23 10.13 -48.23
CA LYS C 220 37.59 10.53 -46.87
C LYS C 220 37.56 9.38 -45.87
N ILE C 221 37.08 8.23 -46.31
CA ILE C 221 36.97 7.08 -45.41
C ILE C 221 38.24 6.24 -45.50
N SER C 222 38.99 6.18 -44.40
CA SER C 222 40.20 5.38 -44.37
C SER C 222 39.85 3.91 -44.12
N LEU C 223 40.50 3.01 -44.83
CA LEU C 223 40.18 1.60 -44.70
C LEU C 223 40.58 1.01 -43.33
N ASP C 224 41.54 1.62 -42.66
CA ASP C 224 41.82 1.24 -41.27
C ASP C 224 40.61 1.53 -40.40
N GLU C 225 39.91 2.62 -40.68
CA GLU C 225 38.70 2.96 -39.94
C GLU C 225 37.64 1.86 -40.06
N LEU C 226 37.61 1.21 -41.23
CA LEU C 226 36.66 0.14 -41.52
C LEU C 226 37.16 -1.25 -41.14
N ALA C 227 38.32 -1.34 -40.48
CA ALA C 227 38.93 -2.64 -40.23
C ALA C 227 38.15 -3.48 -39.22
N ALA C 228 37.75 -2.88 -38.11
CA ALA C 228 36.94 -3.60 -37.13
C ALA C 228 35.52 -3.82 -37.65
N PHE C 229 34.77 -4.67 -36.93
CA PHE C 229 33.44 -5.10 -37.32
C PHE C 229 32.54 -3.91 -37.75
N ARG C 230 32.40 -2.90 -36.88
CA ARG C 230 31.59 -1.69 -37.11
C ARG C 230 30.29 -1.92 -37.89
N PRO C 231 29.43 -2.78 -37.33
CA PRO C 231 28.29 -3.35 -38.05
C PRO C 231 27.29 -2.30 -38.50
N TYR C 232 27.03 -1.29 -37.67
CA TYR C 232 26.04 -0.26 -38.02
C TYR C 232 26.53 0.59 -39.18
N VAL C 233 27.81 0.92 -39.15
CA VAL C 233 28.38 1.65 -40.28
C VAL C 233 28.35 0.81 -41.55
N LYS C 234 28.76 -0.46 -41.47
CA LYS C 234 28.85 -1.31 -42.67
C LYS C 234 27.48 -1.53 -43.23
N MET C 235 26.53 -1.80 -42.36
CA MET C 235 25.15 -2.00 -42.81
C MET C 235 24.56 -0.71 -43.43
N SER C 236 24.87 0.44 -42.86
CA SER C 236 24.38 1.71 -43.43
C SER C 236 24.99 1.95 -44.82
N LEU C 237 26.27 1.64 -44.95
CA LEU C 237 26.96 1.79 -46.22
C LEU C 237 26.30 0.90 -47.28
N ALA C 238 26.00 -0.35 -46.91
CA ALA C 238 25.39 -1.29 -47.86
C ALA C 238 23.97 -0.85 -48.21
N ASP C 239 23.20 -0.47 -47.18
CA ASP C 239 21.85 0.05 -47.37
C ASP C 239 21.83 1.24 -48.30
N SER C 240 22.77 2.17 -48.09
CA SER C 240 22.68 3.49 -48.73
C SER C 240 23.26 3.50 -50.15
N PHE C 241 24.23 2.64 -50.43
CA PHE C 241 24.89 2.67 -51.73
C PHE C 241 24.63 1.48 -52.64
N SER C 242 23.80 0.53 -52.21
CA SER C 242 23.50 -0.59 -53.09
C SER C 242 22.09 -0.46 -53.61
N ILE C 243 21.69 0.79 -53.87
CA ILE C 243 20.39 1.08 -54.43
C ILE C 243 20.55 2.14 -55.53
N HIS C 244 19.54 2.29 -56.39
CA HIS C 244 19.60 3.36 -57.39
C HIS C 244 19.66 4.69 -56.66
N PRO C 245 20.54 5.60 -57.10
CA PRO C 245 21.29 5.60 -58.36
C PRO C 245 22.72 5.03 -58.34
N TYR C 246 23.20 4.61 -57.17
CA TYR C 246 24.62 4.29 -57.02
C TYR C 246 25.01 2.95 -57.63
N LEU C 247 24.04 2.07 -57.82
CA LEU C 247 24.24 0.73 -58.31
C LEU C 247 24.96 0.72 -59.68
N ASN C 248 24.56 1.64 -60.56
CA ASN C 248 25.13 1.68 -61.91
C ASN C 248 26.44 2.45 -62.00
N ASN C 249 27.01 2.80 -60.85
CA ASN C 249 28.29 3.50 -60.81
C ASN C 249 29.43 2.56 -60.46
N ALA C 250 30.16 2.13 -61.49
CA ALA C 250 31.23 1.16 -61.32
C ALA C 250 32.22 1.56 -60.24
N ASN C 251 32.51 2.85 -60.14
CA ASN C 251 33.47 3.30 -59.13
C ASN C 251 32.99 3.02 -57.69
N ILE C 252 31.73 3.33 -57.43
CA ILE C 252 31.21 3.16 -56.06
C ILE C 252 31.08 1.70 -55.72
N GLN C 253 30.58 0.90 -56.66
CA GLN C 253 30.41 -0.53 -56.44
C GLN C 253 31.74 -1.25 -56.19
N GLN C 254 32.79 -0.81 -56.87
CA GLN C 254 34.11 -1.44 -56.72
C GLN C 254 34.70 -1.11 -55.37
N TRP C 255 34.39 0.08 -54.87
CA TRP C 255 34.83 0.47 -53.55
C TRP C 255 34.06 -0.31 -52.48
N LEU C 256 32.77 -0.49 -52.73
CA LEU C 256 31.85 -1.08 -51.75
C LEU C 256 32.05 -2.59 -51.63
N GLU C 257 32.49 -3.22 -52.72
CA GLU C 257 32.45 -4.67 -52.79
C GLU C 257 33.31 -5.36 -51.74
N PRO C 258 34.59 -4.95 -51.60
CA PRO C 258 35.44 -5.64 -50.61
C PRO C 258 34.93 -5.41 -49.18
N ILE C 259 34.30 -4.28 -48.92
CA ILE C 259 33.79 -3.96 -47.59
C ILE C 259 32.62 -4.87 -47.30
N CYS C 260 31.73 -5.02 -48.26
CA CYS C 260 30.60 -5.90 -48.13
C CYS C 260 30.95 -7.39 -48.12
N ASP C 261 31.93 -7.79 -48.91
CA ASP C 261 32.45 -9.15 -48.90
C ASP C 261 32.84 -9.56 -47.51
N ASP C 262 33.72 -8.80 -46.91
CA ASP C 262 34.14 -8.99 -45.56
C ASP C 262 32.99 -8.90 -44.57
N PHE C 263 32.17 -7.87 -44.68
CA PHE C 263 31.09 -7.70 -43.69
C PHE C 263 30.03 -8.83 -43.73
N PHE C 264 29.54 -9.14 -44.93
CA PHE C 264 28.54 -10.18 -45.05
C PHE C 264 29.07 -11.58 -44.79
N ASP C 265 30.35 -11.81 -45.06
CA ASP C 265 30.99 -13.07 -44.63
C ASP C 265 30.86 -13.20 -43.11
N THR C 266 31.14 -12.12 -42.41
CA THR C 266 31.09 -12.12 -40.95
C THR C 266 29.65 -12.33 -40.46
N ILE C 267 28.72 -11.68 -41.13
CA ILE C 267 27.30 -11.75 -40.75
C ILE C 267 26.70 -13.13 -40.96
N MET C 268 26.96 -13.72 -42.13
CA MET C 268 26.38 -15.03 -42.41
C MET C 268 26.90 -16.04 -41.41
N SER C 269 28.15 -15.88 -41.01
CA SER C 269 28.77 -16.79 -40.06
C SER C 269 28.26 -16.54 -38.64
N TRP C 270 28.25 -15.28 -38.24
CA TRP C 270 27.74 -14.88 -36.93
C TRP C 270 26.32 -15.40 -36.70
N PHE C 271 25.47 -15.27 -37.71
CA PHE C 271 24.06 -15.66 -37.60
C PHE C 271 23.80 -17.12 -37.95
N ASN C 272 24.83 -17.86 -38.31
CA ASN C 272 24.61 -19.25 -38.74
C ASN C 272 23.93 -20.07 -37.65
N ASN C 273 22.91 -20.83 -38.02
CA ASN C 273 22.09 -21.56 -37.06
C ASN C 273 21.29 -20.66 -36.09
N SER C 274 21.07 -19.40 -36.47
CA SER C 274 20.18 -18.51 -35.73
C SER C 274 19.20 -17.80 -36.67
N ILE C 275 18.16 -17.20 -36.10
CA ILE C 275 17.19 -16.44 -36.91
C ILE C 275 17.86 -15.21 -37.49
N MET C 276 17.69 -15.01 -38.81
CA MET C 276 18.39 -13.93 -39.52
C MET C 276 17.71 -12.59 -39.28
N MET C 277 18.52 -11.55 -39.12
CA MET C 277 18.01 -10.20 -38.92
C MET C 277 17.34 -9.65 -40.19
N TYR C 278 16.49 -8.65 -40.00
CA TYR C 278 15.86 -7.97 -41.11
C TYR C 278 16.87 -7.07 -41.82
N MET C 279 16.74 -6.95 -43.13
CA MET C 279 17.63 -6.07 -43.90
C MET C 279 16.86 -5.18 -44.85
N GLU C 280 17.31 -3.93 -44.96
CA GLU C 280 16.86 -2.99 -45.99
C GLU C 280 17.29 -3.50 -47.35
N ASN C 281 16.72 -2.94 -48.41
CA ASN C 281 16.99 -3.43 -49.77
C ASN C 281 18.47 -3.55 -50.11
N GLY C 282 19.24 -2.51 -49.79
CA GLY C 282 20.65 -2.49 -50.15
C GLY C 282 21.43 -3.62 -49.48
N SER C 283 21.15 -3.90 -48.21
CA SER C 283 21.89 -4.95 -47.50
C SER C 283 21.46 -6.31 -47.97
N LEU C 284 20.15 -6.46 -48.18
CA LEU C 284 19.61 -7.73 -48.65
C LEU C 284 20.22 -8.09 -50.01
N LEU C 285 20.29 -7.11 -50.91
CA LEU C 285 20.89 -7.34 -52.21
C LEU C 285 22.34 -7.76 -52.06
N GLN C 286 23.10 -7.02 -51.25
CA GLN C 286 24.50 -7.35 -51.01
C GLN C 286 24.68 -8.76 -50.42
N ALA C 287 23.77 -9.16 -49.55
CA ALA C 287 23.78 -10.51 -48.97
C ALA C 287 23.61 -11.56 -50.07
N GLY C 288 22.66 -11.31 -50.97
CA GLY C 288 22.49 -12.17 -52.14
C GLY C 288 23.75 -12.22 -53.01
N MET C 289 24.30 -11.07 -53.36
CA MET C 289 25.53 -11.03 -54.14
C MET C 289 26.69 -11.76 -53.45
N TYR C 290 26.78 -11.64 -52.13
CA TYR C 290 27.76 -12.42 -51.38
C TYR C 290 27.67 -13.91 -51.73
N PHE C 291 26.46 -14.45 -51.72
CA PHE C 291 26.30 -15.88 -51.97
C PHE C 291 26.50 -16.19 -53.47
N GLU C 292 26.15 -15.25 -54.34
CA GLU C 292 26.47 -15.37 -55.75
C GLU C 292 27.98 -15.55 -55.91
N ARG C 293 28.75 -14.73 -55.21
CA ARG C 293 30.21 -14.80 -55.32
C ARG C 293 30.84 -15.97 -54.58
N HIS C 294 30.15 -16.50 -53.57
CA HIS C 294 30.67 -17.59 -52.75
C HIS C 294 29.67 -18.74 -52.65
N PRO C 295 29.55 -19.57 -53.70
CA PRO C 295 28.52 -20.62 -53.67
C PRO C 295 28.82 -21.63 -52.57
N GLY C 296 30.09 -21.74 -52.19
CA GLY C 296 30.47 -22.63 -51.11
C GLY C 296 29.83 -22.24 -49.79
N ALA C 297 29.61 -20.95 -49.59
CA ALA C 297 28.99 -20.44 -48.36
C ALA C 297 27.51 -20.87 -48.25
N MET C 298 26.89 -21.21 -49.38
CA MET C 298 25.51 -21.70 -49.34
C MET C 298 25.41 -22.95 -48.46
N VAL C 299 26.51 -23.68 -48.39
CA VAL C 299 26.57 -24.90 -47.58
C VAL C 299 27.18 -24.62 -46.19
N SER C 300 28.29 -23.89 -46.15
CA SER C 300 28.92 -23.52 -44.88
C SER C 300 27.97 -22.80 -43.92
N TYR C 301 27.22 -21.83 -44.43
CA TYR C 301 26.29 -21.07 -43.59
C TYR C 301 24.88 -21.31 -44.10
N ASN C 302 24.46 -22.56 -44.05
CA ASN C 302 23.23 -22.96 -44.73
C ASN C 302 21.97 -22.28 -44.20
N SER C 303 21.78 -22.25 -42.87
CA SER C 303 20.59 -21.60 -42.33
C SER C 303 20.57 -20.10 -42.66
N SER C 304 21.73 -19.46 -42.68
CA SER C 304 21.77 -18.05 -43.10
C SER C 304 21.41 -17.88 -44.57
N PHE C 305 21.99 -18.71 -45.41
CA PHE C 305 21.66 -18.70 -46.83
C PHE C 305 20.17 -18.88 -47.08
N ILE C 306 19.60 -19.92 -46.46
CA ILE C 306 18.20 -20.22 -46.68
C ILE C 306 17.32 -19.05 -46.25
N GLN C 307 17.61 -18.43 -45.12
CA GLN C 307 16.80 -17.29 -44.69
C GLN C 307 16.99 -16.07 -45.60
N ILE C 308 18.22 -15.86 -46.10
CA ILE C 308 18.50 -14.74 -46.96
C ILE C 308 17.69 -14.89 -48.27
N VAL C 309 17.65 -16.12 -48.78
CA VAL C 309 16.89 -16.43 -49.99
C VAL C 309 15.39 -16.29 -49.79
N MET C 310 14.87 -16.82 -48.69
CA MET C 310 13.46 -16.62 -48.35
C MET C 310 13.11 -15.15 -48.35
N ASN C 311 13.95 -14.32 -47.73
CA ASN C 311 13.71 -12.88 -47.70
C ASN C 311 13.82 -12.23 -49.08
N GLY C 312 14.90 -12.51 -49.78
CA GLY C 312 15.15 -11.85 -51.04
C GLY C 312 14.16 -12.29 -52.11
N SER C 313 13.72 -13.55 -52.04
CA SER C 313 12.81 -14.06 -53.05
C SER C 313 11.46 -13.35 -52.97
N ARG C 314 11.21 -12.70 -51.83
CA ARG C 314 9.94 -12.03 -51.59
C ARG C 314 10.07 -10.52 -51.62
N ARG C 315 11.26 -10.01 -51.93
CA ARG C 315 11.49 -8.57 -51.88
C ARG C 315 11.43 -7.93 -53.25
N ASP C 316 10.39 -7.14 -53.45
CA ASP C 316 10.13 -6.53 -54.76
C ASP C 316 11.33 -5.75 -55.27
N GLY C 317 11.77 -6.10 -56.48
CA GLY C 317 12.88 -5.41 -57.08
C GLY C 317 14.11 -6.30 -57.17
N MET C 318 14.04 -7.49 -56.56
CA MET C 318 15.19 -8.37 -56.55
C MET C 318 14.78 -9.82 -56.48
N GLN C 319 13.47 -10.05 -56.62
CA GLN C 319 12.95 -11.39 -56.45
C GLN C 319 13.54 -12.37 -57.46
N GLU C 320 13.63 -11.93 -58.71
CA GLU C 320 14.11 -12.82 -59.77
C GLU C 320 15.57 -13.17 -59.52
N ARG C 321 16.37 -12.16 -59.17
CA ARG C 321 17.76 -12.39 -58.84
C ARG C 321 17.89 -13.49 -57.76
N PHE C 322 17.03 -13.45 -56.74
CA PHE C 322 17.13 -14.42 -55.65
C PHE C 322 16.62 -15.79 -56.03
N ARG C 323 15.61 -15.83 -56.90
CA ARG C 323 15.12 -17.11 -57.41
C ARG C 323 16.21 -17.82 -58.18
N GLU C 324 16.94 -17.05 -59.00
CA GLU C 324 18.04 -17.62 -59.77
C GLU C 324 19.15 -18.11 -58.86
N LEU C 325 19.41 -17.37 -57.79
CA LEU C 325 20.47 -17.75 -56.86
C LEU C 325 20.10 -19.11 -56.27
N TYR C 326 18.84 -19.26 -55.90
CA TYR C 326 18.41 -20.49 -55.26
C TYR C 326 18.51 -21.71 -56.19
N GLU C 327 18.24 -21.48 -57.47
CA GLU C 327 18.26 -22.60 -58.42
C GLU C 327 19.70 -23.05 -58.66
N VAL C 328 20.64 -22.13 -58.48
CA VAL C 328 22.06 -22.49 -58.47
C VAL C 328 22.35 -23.46 -57.34
N TYR C 329 21.85 -23.15 -56.15
CA TYR C 329 21.96 -24.02 -54.99
C TYR C 329 21.32 -25.38 -55.22
N LEU C 330 20.22 -25.38 -55.97
CA LEU C 330 19.50 -26.62 -56.19
C LEU C 330 20.35 -27.62 -56.99
N LYS C 331 21.27 -27.10 -57.79
CA LYS C 331 22.20 -27.95 -58.53
C LYS C 331 23.30 -28.51 -57.63
N ASN C 332 23.35 -28.10 -56.38
CA ASN C 332 24.42 -28.59 -55.49
C ASN C 332 24.34 -30.10 -55.26
N GLU C 333 25.49 -30.75 -55.28
CA GLU C 333 25.55 -32.20 -55.19
C GLU C 333 24.80 -32.74 -53.96
N LYS C 334 24.88 -32.05 -52.83
CA LYS C 334 24.15 -32.47 -51.62
C LYS C 334 22.65 -32.19 -51.70
N VAL C 335 22.28 -31.22 -52.52
CA VAL C 335 20.89 -30.77 -52.61
C VAL C 335 20.14 -31.49 -53.72
N TYR C 336 20.81 -31.67 -54.85
CA TYR C 336 20.19 -32.23 -56.04
C TYR C 336 19.26 -33.44 -55.83
N PRO C 337 19.69 -34.47 -55.08
CA PRO C 337 18.87 -35.66 -54.86
C PRO C 337 17.51 -35.37 -54.21
N VAL C 338 17.47 -34.39 -53.31
CA VAL C 338 16.21 -34.02 -52.68
C VAL C 338 15.26 -33.37 -53.70
N THR C 339 15.80 -32.65 -54.68
CA THR C 339 14.96 -31.95 -55.66
C THR C 339 14.33 -32.93 -56.63
N GLN C 340 14.80 -34.16 -56.59
CA GLN C 340 14.29 -35.19 -57.50
C GLN C 340 13.11 -35.94 -56.89
N GLN C 341 12.89 -35.74 -55.59
CA GLN C 341 11.81 -36.43 -54.90
C GLN C 341 10.45 -35.92 -55.39
N SER C 342 9.45 -36.81 -55.33
CA SER C 342 8.12 -36.54 -55.88
C SER C 342 7.49 -35.29 -55.29
N ASP C 343 7.69 -35.07 -54.00
CA ASP C 343 7.00 -34.02 -53.28
C ASP C 343 7.74 -32.68 -53.23
N PHE C 344 8.80 -32.56 -54.04
CA PHE C 344 9.55 -31.31 -54.07
C PHE C 344 8.93 -30.25 -54.97
N GLY C 345 8.80 -29.04 -54.44
CA GLY C 345 8.41 -27.87 -55.21
C GLY C 345 7.07 -27.99 -55.93
N LEU C 346 7.15 -28.07 -57.26
CA LEU C 346 5.99 -28.18 -58.15
C LEU C 346 5.34 -29.56 -58.09
N CYS C 347 6.01 -30.50 -57.43
CA CYS C 347 5.48 -31.85 -57.28
C CYS C 347 5.28 -32.55 -58.62
N ASP C 348 5.79 -31.94 -59.69
CA ASP C 348 5.60 -32.43 -61.04
C ASP C 348 6.79 -33.27 -61.54
N GLY C 349 7.87 -33.27 -60.78
CA GLY C 349 9.06 -34.02 -61.16
C GLY C 349 10.05 -33.24 -62.01
N SER C 350 9.91 -31.92 -62.05
CA SER C 350 10.85 -31.07 -62.80
C SER C 350 12.03 -30.60 -61.94
N GLY C 351 11.96 -30.90 -60.64
CA GLY C 351 13.01 -30.47 -59.72
C GLY C 351 13.07 -28.97 -59.49
N LYS C 352 12.02 -28.27 -59.90
CA LYS C 352 11.92 -26.82 -59.70
C LYS C 352 11.02 -26.49 -58.52
N PRO C 353 11.31 -25.37 -57.84
CA PRO C 353 10.45 -24.92 -56.74
C PRO C 353 9.16 -24.28 -57.25
N ASP C 354 8.14 -24.24 -56.40
CA ASP C 354 6.89 -23.55 -56.72
C ASP C 354 6.98 -22.11 -56.22
N TRP C 355 7.31 -21.18 -57.12
CA TRP C 355 7.60 -19.80 -56.72
C TRP C 355 6.37 -18.93 -56.45
N ASP C 356 5.22 -19.34 -56.97
CA ASP C 356 4.00 -18.56 -56.75
C ASP C 356 2.97 -19.35 -55.97
N ASP C 357 3.41 -19.94 -54.86
CA ASP C 357 2.49 -20.61 -53.95
C ASP C 357 2.05 -19.65 -52.86
N ASP C 358 0.83 -19.13 -53.01
CA ASP C 358 0.30 -18.10 -52.13
C ASP C 358 0.32 -18.49 -50.65
N SER C 359 0.15 -19.79 -50.38
CA SER C 359 -0.02 -20.28 -49.00
C SER C 359 1.29 -20.65 -48.28
N ASP C 360 2.40 -20.64 -49.01
CA ASP C 360 3.71 -20.96 -48.44
C ASP C 360 3.82 -22.42 -47.99
N LEU C 361 2.98 -23.27 -48.56
CA LEU C 361 2.92 -24.68 -48.19
C LEU C 361 3.76 -25.58 -49.11
N ALA C 362 4.21 -25.01 -50.23
CA ALA C 362 5.06 -25.75 -51.17
C ALA C 362 6.34 -26.21 -50.50
N TYR C 363 6.78 -27.42 -50.84
CA TYR C 363 8.01 -27.97 -50.27
C TYR C 363 9.22 -27.54 -51.08
N ASN C 364 9.56 -26.26 -50.95
CA ASN C 364 10.58 -25.63 -51.75
C ASN C 364 11.96 -25.63 -51.12
N TRP C 365 12.02 -25.91 -49.81
CA TRP C 365 13.22 -25.54 -49.05
C TRP C 365 14.06 -26.73 -48.64
N VAL C 366 15.31 -26.72 -49.05
CA VAL C 366 16.22 -27.80 -48.69
C VAL C 366 17.29 -27.29 -47.72
N LEU C 367 17.27 -27.83 -46.51
CA LEU C 367 18.24 -27.48 -45.49
C LEU C 367 19.27 -28.61 -45.40
N LEU C 368 20.55 -28.25 -45.29
CA LEU C 368 21.63 -29.22 -45.20
C LEU C 368 22.17 -29.27 -43.78
N SER C 369 22.57 -30.45 -43.33
CA SER C 369 23.07 -30.61 -41.97
C SER C 369 24.25 -29.69 -41.70
N SER C 370 24.38 -29.27 -40.44
CA SER C 370 25.47 -28.43 -40.02
C SER C 370 26.71 -29.28 -39.73
N GLN C 371 26.56 -30.59 -39.83
CA GLN C 371 27.71 -31.49 -39.70
C GLN C 371 27.80 -32.48 -40.87
N ASP C 372 28.84 -33.31 -40.87
CA ASP C 372 29.15 -34.20 -41.99
C ASP C 372 28.48 -35.57 -41.82
N ASP C 373 27.15 -35.57 -41.83
CA ASP C 373 26.38 -36.79 -41.61
C ASP C 373 25.42 -37.05 -42.77
N GLY C 374 25.56 -36.27 -43.83
CA GLY C 374 24.71 -36.42 -45.01
C GLY C 374 23.22 -36.19 -44.80
N MET C 375 22.83 -35.58 -43.67
CA MET C 375 21.40 -35.32 -43.44
C MET C 375 20.94 -34.11 -44.23
N ALA C 376 19.75 -34.19 -44.81
CA ALA C 376 19.07 -33.02 -45.36
C ALA C 376 17.60 -33.05 -44.98
N MET C 377 16.98 -31.87 -45.02
CA MET C 377 15.59 -31.67 -44.64
C MET C 377 14.90 -30.92 -45.76
N MET C 378 13.70 -31.36 -46.12
CA MET C 378 12.89 -30.67 -47.13
C MET C 378 11.63 -30.16 -46.44
N CYS C 379 11.31 -28.88 -46.60
CA CYS C 379 10.17 -28.32 -45.88
C CYS C 379 9.55 -27.12 -46.60
N SER C 380 8.34 -26.74 -46.19
CA SER C 380 7.70 -25.55 -46.73
C SER C 380 8.07 -24.34 -45.91
N LEU C 381 7.86 -23.16 -46.48
CA LEU C 381 8.15 -21.92 -45.79
C LEU C 381 7.35 -21.81 -44.48
N SER C 382 6.08 -22.14 -44.53
CA SER C 382 5.20 -21.92 -43.38
C SER C 382 5.43 -22.91 -42.27
N HIS C 383 5.82 -24.14 -42.60
CA HIS C 383 6.20 -25.07 -41.53
C HIS C 383 7.54 -24.68 -40.90
N MET C 384 8.48 -24.20 -41.71
CA MET C 384 9.75 -23.74 -41.18
C MET C 384 9.52 -22.59 -40.19
N VAL C 385 8.74 -21.60 -40.62
CA VAL C 385 8.32 -20.50 -39.76
C VAL C 385 7.75 -20.99 -38.44
N ASP C 386 6.84 -21.96 -38.51
CA ASP C 386 6.28 -22.56 -37.29
C ASP C 386 7.36 -23.09 -36.37
N MET C 387 8.38 -23.72 -36.94
CA MET C 387 9.39 -24.41 -36.13
C MET C 387 10.36 -23.44 -35.47
N LEU C 388 10.51 -22.25 -36.04
CA LEU C 388 11.45 -21.27 -35.52
C LEU C 388 10.91 -20.53 -34.29
N SER C 389 9.59 -20.56 -34.14
CA SER C 389 8.88 -19.84 -33.09
C SER C 389 7.48 -20.43 -33.02
N PRO C 390 7.36 -21.56 -32.33
CA PRO C 390 6.17 -22.43 -32.35
C PRO C 390 5.06 -22.00 -31.39
N ASN C 391 4.05 -22.85 -31.31
CA ASN C 391 2.99 -22.73 -30.32
C ASN C 391 2.58 -24.12 -29.84
N THR C 392 1.40 -24.22 -29.24
CA THR C 392 0.90 -25.49 -28.72
C THR C 392 0.46 -26.44 -29.83
N SER C 393 0.15 -25.89 -31.00
CA SER C 393 -0.34 -26.68 -32.13
C SER C 393 0.74 -27.01 -33.15
N THR C 394 1.95 -26.52 -32.93
CA THR C 394 3.05 -26.70 -33.88
C THR C 394 3.34 -28.18 -34.10
N ASN C 395 3.26 -28.60 -35.36
CA ASN C 395 3.55 -29.97 -35.75
C ASN C 395 5.04 -30.14 -36.06
N TRP C 396 5.72 -30.99 -35.29
CA TRP C 396 7.15 -31.12 -35.40
C TRP C 396 7.62 -32.25 -36.32
N MET C 397 6.67 -33.00 -36.87
CA MET C 397 6.97 -34.06 -37.84
C MET C 397 6.49 -33.66 -39.22
N SER C 398 6.63 -32.37 -39.54
CA SER C 398 6.06 -31.82 -40.76
C SER C 398 7.15 -31.45 -41.74
N PHE C 399 8.17 -32.30 -41.83
CA PHE C 399 9.22 -32.13 -42.81
C PHE C 399 9.63 -33.49 -43.37
N PHE C 400 10.24 -33.51 -44.55
CA PHE C 400 10.85 -34.71 -45.08
C PHE C 400 12.31 -34.75 -44.68
N LEU C 401 12.76 -35.91 -44.24
CA LEU C 401 14.12 -36.08 -43.76
C LEU C 401 14.90 -37.05 -44.67
N TYR C 402 16.15 -36.72 -44.97
CA TYR C 402 16.97 -37.49 -45.90
C TYR C 402 18.37 -37.76 -45.36
N LYS C 403 18.89 -38.96 -45.63
CA LYS C 403 20.28 -39.27 -45.34
C LYS C 403 20.97 -39.73 -46.62
N ASP C 404 22.01 -39.00 -47.02
CA ASP C 404 22.65 -39.21 -48.32
C ASP C 404 21.58 -39.40 -49.40
N GLY C 405 20.53 -38.57 -49.35
CA GLY C 405 19.52 -38.56 -50.39
C GLY C 405 18.44 -39.63 -50.28
N GLU C 406 18.54 -40.50 -49.26
CA GLU C 406 17.52 -41.53 -49.04
C GLU C 406 16.54 -41.10 -47.93
N VAL C 407 15.24 -41.12 -48.24
CA VAL C 407 14.21 -40.74 -47.27
C VAL C 407 14.35 -41.52 -45.97
N GLN C 408 14.06 -40.87 -44.85
CA GLN C 408 14.25 -41.48 -43.55
C GLN C 408 12.95 -41.61 -42.79
N ASN C 409 12.89 -42.58 -41.88
CA ASN C 409 11.74 -42.74 -41.01
C ASN C 409 11.85 -41.82 -39.79
N THR C 410 11.27 -40.64 -39.92
CA THR C 410 11.39 -39.60 -38.89
C THR C 410 10.91 -40.08 -37.52
N PHE C 411 9.91 -40.96 -37.53
CA PHE C 411 9.31 -41.46 -36.30
C PHE C 411 10.26 -42.40 -35.55
N GLY C 412 11.43 -42.63 -36.13
CA GLY C 412 12.43 -43.48 -35.51
C GLY C 412 13.66 -42.72 -35.07
N TYR C 413 13.66 -41.41 -35.34
CA TYR C 413 14.75 -40.54 -34.91
C TYR C 413 14.42 -39.91 -33.58
N SER C 414 15.45 -39.55 -32.83
CA SER C 414 15.26 -38.62 -31.72
C SER C 414 15.25 -37.20 -32.30
N LEU C 415 14.09 -36.55 -32.25
CA LEU C 415 13.98 -35.17 -32.69
C LEU C 415 15.01 -34.32 -31.97
N SER C 416 15.07 -34.47 -30.65
CA SER C 416 16.02 -33.72 -29.85
C SER C 416 17.43 -33.81 -30.41
N ASN C 417 17.86 -35.02 -30.74
CA ASN C 417 19.23 -35.20 -31.23
C ASN C 417 19.41 -34.70 -32.66
N LEU C 418 18.42 -34.94 -33.50
CA LEU C 418 18.46 -34.46 -34.87
C LEU C 418 18.72 -32.94 -34.92
N PHE C 419 17.95 -32.18 -34.17
CA PHE C 419 18.10 -30.72 -34.16
C PHE C 419 19.41 -30.29 -33.53
N SER C 420 19.70 -30.81 -32.34
CA SER C 420 20.87 -30.36 -31.61
C SER C 420 22.13 -30.66 -32.40
N GLU C 421 22.10 -31.75 -33.16
CA GLU C 421 23.29 -32.21 -33.88
C GLU C 421 23.35 -31.73 -35.33
N SER C 422 22.24 -31.87 -36.07
CA SER C 422 22.25 -31.59 -37.51
C SER C 422 21.60 -30.28 -37.95
N PHE C 423 20.52 -29.87 -37.28
CA PHE C 423 19.82 -28.64 -37.65
C PHE C 423 19.56 -27.81 -36.40
N PRO C 424 20.62 -27.21 -35.85
CA PRO C 424 20.59 -26.56 -34.54
C PRO C 424 19.66 -25.35 -34.45
N ILE C 425 19.28 -24.78 -35.59
CA ILE C 425 18.44 -23.61 -35.56
C ILE C 425 17.08 -23.94 -34.93
N PHE C 426 16.68 -25.21 -34.96
CA PHE C 426 15.39 -25.63 -34.41
C PHE C 426 15.44 -26.10 -32.97
N SER C 427 16.64 -26.24 -32.42
CA SER C 427 16.80 -26.91 -31.14
C SER C 427 16.15 -26.17 -29.96
N ILE C 428 16.49 -24.89 -29.80
CA ILE C 428 15.93 -24.12 -28.70
C ILE C 428 14.39 -24.06 -28.69
N PRO C 429 13.78 -23.63 -29.81
CA PRO C 429 12.31 -23.61 -29.82
C PRO C 429 11.71 -24.99 -29.66
N TYR C 430 12.38 -26.03 -30.18
CA TYR C 430 11.84 -27.37 -30.04
C TYR C 430 11.79 -27.82 -28.58
N HIS C 431 12.91 -27.70 -27.86
CA HIS C 431 12.95 -28.08 -26.45
C HIS C 431 12.00 -27.21 -25.60
N LYS C 432 11.93 -25.91 -25.89
CA LYS C 432 11.00 -25.05 -25.17
C LYS C 432 9.56 -25.53 -25.33
N ALA C 433 9.14 -25.80 -26.56
CA ALA C 433 7.77 -26.23 -26.82
C ALA C 433 7.51 -27.63 -26.26
N PHE C 434 8.49 -28.51 -26.35
CA PHE C 434 8.33 -29.88 -25.86
C PHE C 434 8.11 -29.87 -24.35
N SER C 435 9.03 -29.23 -23.62
CA SER C 435 8.95 -29.16 -22.17
C SER C 435 7.68 -28.48 -21.70
N GLN C 436 7.29 -27.42 -22.41
CA GLN C 436 6.10 -26.66 -22.06
C GLN C 436 4.90 -27.57 -22.22
N ASN C 437 4.87 -28.29 -23.33
CA ASN C 437 3.78 -29.18 -23.62
C ASN C 437 3.72 -30.37 -22.68
N PHE C 438 4.88 -30.90 -22.29
CA PHE C 438 4.93 -31.99 -21.32
C PHE C 438 4.37 -31.59 -19.93
N VAL C 439 4.92 -30.52 -19.34
CA VAL C 439 4.47 -30.13 -18.01
C VAL C 439 3.00 -29.64 -17.98
N SER C 440 2.56 -28.97 -19.06
CA SER C 440 1.17 -28.53 -19.13
C SER C 440 0.24 -29.74 -19.14
N GLY C 441 0.63 -30.76 -19.89
CA GLY C 441 -0.11 -32.00 -19.95
C GLY C 441 -0.25 -32.69 -18.62
N ILE C 442 0.78 -32.59 -17.77
CA ILE C 442 0.72 -33.17 -16.42
C ILE C 442 -0.16 -32.30 -15.54
N LEU C 443 0.02 -30.99 -15.67
CA LEU C 443 -0.83 -30.05 -14.94
C LEU C 443 -2.32 -30.24 -15.30
N ASP C 444 -2.63 -30.49 -16.57
CA ASP C 444 -4.02 -30.75 -16.96
C ASP C 444 -4.60 -31.93 -16.19
N ILE C 445 -3.77 -32.94 -15.97
CA ILE C 445 -4.19 -34.16 -15.33
C ILE C 445 -4.36 -33.97 -13.82
N LEU C 446 -3.71 -32.95 -13.27
CA LEU C 446 -3.66 -32.78 -11.83
C LEU C 446 -4.63 -31.74 -11.27
N ILE C 447 -4.79 -30.61 -11.97
CA ILE C 447 -5.59 -29.50 -11.46
C ILE C 447 -6.82 -29.22 -12.34
N SER C 448 -8.00 -29.36 -11.73
CA SER C 448 -9.26 -29.16 -12.47
C SER C 448 -9.61 -27.68 -12.63
N ASP C 449 -9.39 -26.90 -11.57
CA ASP C 449 -9.64 -25.45 -11.60
C ASP C 449 -8.75 -24.71 -12.60
N ASN C 450 -9.35 -24.29 -13.72
CA ASN C 450 -8.62 -23.52 -14.73
C ASN C 450 -7.81 -22.37 -14.15
N GLU C 451 -8.32 -21.77 -13.08
CA GLU C 451 -7.67 -20.62 -12.47
C GLU C 451 -6.31 -21.01 -11.89
N LEU C 452 -6.30 -22.04 -11.06
CA LEU C 452 -5.10 -22.47 -10.37
C LEU C 452 -4.11 -23.04 -11.37
N LYS C 453 -4.62 -23.85 -12.28
CA LYS C 453 -3.83 -24.45 -13.33
C LYS C 453 -3.13 -23.38 -14.14
N GLU C 454 -3.80 -22.25 -14.34
CA GLU C 454 -3.19 -21.16 -15.10
C GLU C 454 -2.01 -20.56 -14.36
N ARG C 455 -2.08 -20.47 -13.03
CA ARG C 455 -0.95 -20.00 -12.24
C ARG C 455 0.29 -20.93 -12.39
N PHE C 456 0.07 -22.24 -12.34
CA PHE C 456 1.15 -23.22 -12.53
C PHE C 456 1.72 -23.15 -13.96
N ILE C 457 0.84 -23.01 -14.94
CA ILE C 457 1.28 -22.97 -16.33
C ILE C 457 2.14 -21.75 -16.58
N GLU C 458 1.64 -20.60 -16.11
CA GLU C 458 2.32 -19.33 -16.32
C GLU C 458 3.68 -19.29 -15.64
N ALA C 459 3.80 -19.96 -14.50
CA ALA C 459 5.08 -19.98 -13.77
C ALA C 459 6.20 -20.68 -14.55
N LEU C 460 5.83 -21.49 -15.53
CA LEU C 460 6.78 -22.19 -16.39
C LEU C 460 7.66 -21.24 -17.21
N ASN C 461 7.25 -19.98 -17.33
CA ASN C 461 7.87 -19.08 -18.30
C ASN C 461 9.15 -18.42 -17.76
N SER C 462 9.36 -18.53 -16.46
CA SER C 462 10.51 -17.91 -15.81
C SER C 462 10.90 -18.70 -14.58
N ASN C 463 12.16 -18.59 -14.15
CA ASN C 463 12.61 -19.33 -12.97
C ASN C 463 12.41 -18.53 -11.68
N LYS C 464 11.73 -17.39 -11.79
CA LYS C 464 11.32 -16.60 -10.63
C LYS C 464 9.84 -16.29 -10.71
N SER C 465 9.18 -16.19 -9.57
CA SER C 465 7.76 -15.85 -9.54
C SER C 465 7.46 -14.85 -8.42
N ASP C 466 6.63 -13.86 -8.73
CA ASP C 466 6.13 -12.91 -7.71
C ASP C 466 4.79 -13.39 -7.15
N TYR C 467 4.10 -14.24 -7.90
CA TYR C 467 2.93 -14.92 -7.38
C TYR C 467 3.40 -15.95 -6.36
N LYS C 468 2.80 -15.92 -5.17
CA LYS C 468 3.20 -16.77 -4.05
C LYS C 468 2.02 -17.59 -3.57
N MET C 469 2.29 -18.74 -2.97
CA MET C 469 1.22 -19.55 -2.41
C MET C 469 1.56 -20.00 -1.00
N ILE C 470 1.93 -19.05 -0.14
CA ILE C 470 2.15 -19.34 1.28
C ILE C 470 1.06 -18.87 2.25
N ALA C 471 0.17 -17.99 1.81
CA ALA C 471 -0.93 -17.55 2.68
C ALA C 471 -1.91 -18.71 2.89
N ASP C 472 -2.49 -18.75 4.08
CA ASP C 472 -3.38 -19.85 4.49
C ASP C 472 -4.41 -20.20 3.43
N ASP C 473 -4.96 -19.16 2.80
CA ASP C 473 -5.98 -19.32 1.77
C ASP C 473 -5.38 -20.01 0.55
N GLN C 474 -4.14 -19.64 0.23
CA GLN C 474 -3.43 -20.24 -0.90
C GLN C 474 -3.13 -21.71 -0.61
N GLN C 475 -2.57 -22.01 0.56
CA GLN C 475 -2.27 -23.39 0.90
C GLN C 475 -3.54 -24.25 1.03
N ARG C 476 -4.69 -23.61 1.24
CA ARG C 476 -5.92 -24.37 1.37
C ARG C 476 -6.39 -24.86 0.01
N LYS C 477 -6.22 -24.05 -1.03
CA LYS C 477 -6.62 -24.57 -2.32
C LYS C 477 -5.61 -25.57 -2.90
N LEU C 478 -4.38 -25.54 -2.40
CA LEU C 478 -3.40 -26.56 -2.77
C LEU C 478 -3.83 -27.88 -2.13
N ALA C 479 -4.26 -27.81 -0.87
CA ALA C 479 -4.71 -29.02 -0.15
C ALA C 479 -5.91 -29.66 -0.85
N CYS C 480 -6.87 -28.83 -1.25
CA CYS C 480 -8.04 -29.35 -1.95
C CYS C 480 -7.64 -30.20 -3.16
N VAL C 481 -6.58 -29.79 -3.85
CA VAL C 481 -6.12 -30.55 -5.01
C VAL C 481 -5.22 -31.73 -4.63
N TRP C 482 -4.22 -31.49 -3.79
CA TRP C 482 -3.18 -32.52 -3.56
C TRP C 482 -3.49 -33.59 -2.51
N ASN C 483 -4.29 -33.24 -1.49
CA ASN C 483 -4.65 -34.21 -0.44
C ASN C 483 -5.14 -35.56 -0.99
N PRO C 484 -6.03 -35.53 -1.99
CA PRO C 484 -6.46 -36.78 -2.65
C PRO C 484 -5.34 -37.60 -3.29
N PHE C 485 -4.20 -36.99 -3.61
CA PHE C 485 -3.13 -37.72 -4.29
C PHE C 485 -2.17 -38.36 -3.30
N LEU C 486 -2.18 -37.86 -2.08
CA LEU C 486 -1.15 -38.21 -1.11
C LEU C 486 -1.61 -39.03 0.09
N ASP C 487 -0.83 -40.04 0.43
CA ASP C 487 -0.93 -40.72 1.70
C ASP C 487 0.33 -40.36 2.52
N GLY C 488 0.29 -39.20 3.18
CA GLY C 488 1.45 -38.69 3.88
C GLY C 488 2.51 -38.24 2.89
N TRP C 489 3.64 -38.96 2.87
CA TRP C 489 4.75 -38.63 1.98
C TRP C 489 4.75 -39.45 0.71
N GLU C 490 3.85 -40.43 0.61
CA GLU C 490 3.83 -41.29 -0.56
C GLU C 490 2.62 -40.96 -1.41
N LEU C 491 2.68 -41.29 -2.69
CA LEU C 491 1.50 -41.20 -3.55
C LEU C 491 0.57 -42.37 -3.23
N ASN C 492 -0.74 -42.15 -3.19
CA ASN C 492 -1.63 -43.29 -3.00
C ASN C 492 -1.76 -44.11 -4.28
N ALA C 493 -2.22 -45.35 -4.14
CA ALA C 493 -2.23 -46.31 -5.24
C ALA C 493 -3.04 -45.82 -6.45
N GLN C 494 -4.14 -45.13 -6.18
CA GLN C 494 -5.00 -44.66 -7.25
C GLN C 494 -4.29 -43.61 -8.12
N HIS C 495 -3.71 -42.61 -7.48
CA HIS C 495 -2.96 -41.58 -8.19
C HIS C 495 -1.77 -42.18 -8.96
N VAL C 496 -1.08 -43.13 -8.36
CA VAL C 496 0.02 -43.80 -9.04
C VAL C 496 -0.49 -44.50 -10.29
N ASP C 497 -1.57 -45.27 -10.15
CA ASP C 497 -2.14 -45.95 -11.30
C ASP C 497 -2.53 -44.92 -12.37
N MET C 498 -3.06 -43.80 -11.89
CA MET C 498 -3.45 -42.71 -12.78
C MET C 498 -2.24 -42.17 -13.53
N ILE C 499 -1.18 -41.82 -12.81
CA ILE C 499 0.03 -41.30 -13.42
C ILE C 499 0.74 -42.31 -14.34
N MET C 500 0.99 -43.52 -13.84
CA MET C 500 1.69 -44.52 -14.65
C MET C 500 0.86 -44.95 -15.86
N GLY C 501 -0.46 -44.78 -15.76
CA GLY C 501 -1.37 -45.12 -16.84
C GLY C 501 -1.68 -43.95 -17.77
N SER C 502 -1.11 -42.80 -17.46
CA SER C 502 -1.32 -41.59 -18.26
C SER C 502 -0.87 -41.79 -19.70
N HIS C 503 -1.48 -41.03 -20.61
CA HIS C 503 -1.18 -41.11 -22.02
C HIS C 503 0.31 -40.84 -22.31
N VAL C 504 0.90 -39.90 -21.58
CA VAL C 504 2.32 -39.58 -21.78
C VAL C 504 3.27 -40.72 -21.35
N LEU C 505 3.05 -41.30 -20.18
CA LEU C 505 3.95 -42.31 -19.63
C LEU C 505 3.62 -43.73 -20.11
N LYS C 506 2.34 -43.98 -20.35
CA LYS C 506 1.80 -45.32 -20.58
C LYS C 506 2.75 -46.31 -21.24
N ASP C 507 3.27 -45.97 -22.42
CA ASP C 507 3.93 -46.96 -23.25
C ASP C 507 5.46 -46.84 -23.29
N MET C 508 6.04 -46.13 -22.33
CA MET C 508 7.50 -45.97 -22.27
C MET C 508 8.17 -47.12 -21.53
N PRO C 509 9.46 -47.36 -21.84
CA PRO C 509 10.23 -48.33 -21.05
C PRO C 509 10.42 -47.82 -19.60
N LEU C 510 10.72 -48.74 -18.70
CA LEU C 510 10.84 -48.43 -17.28
C LEU C 510 11.83 -47.32 -16.97
N ARG C 511 13.05 -47.44 -17.47
CA ARG C 511 14.09 -46.47 -17.18
C ARG C 511 13.63 -45.05 -17.52
N LYS C 512 13.07 -44.89 -18.70
CA LYS C 512 12.59 -43.60 -19.17
C LYS C 512 11.44 -43.11 -18.29
N GLN C 513 10.53 -44.00 -17.89
CA GLN C 513 9.46 -43.58 -16.99
C GLN C 513 10.06 -43.03 -15.69
N ALA C 514 11.01 -43.76 -15.14
CA ALA C 514 11.65 -43.38 -13.88
C ALA C 514 12.39 -42.04 -14.00
N GLU C 515 13.06 -41.83 -15.14
CA GLU C 515 13.77 -40.59 -15.41
C GLU C 515 12.83 -39.39 -15.51
N ILE C 516 11.69 -39.61 -16.15
CA ILE C 516 10.65 -38.59 -16.26
C ILE C 516 10.02 -38.30 -14.90
N LEU C 517 9.75 -39.35 -14.12
CA LEU C 517 9.25 -39.16 -12.75
C LEU C 517 10.24 -38.37 -11.89
N PHE C 518 11.52 -38.66 -12.07
CA PHE C 518 12.56 -37.94 -11.35
C PHE C 518 12.49 -36.45 -11.69
N CYS C 519 12.41 -36.12 -12.99
CA CYS C 519 12.32 -34.73 -13.42
C CYS C 519 11.09 -34.01 -12.84
N LEU C 520 9.97 -34.72 -12.81
CA LEU C 520 8.72 -34.19 -12.23
C LEU C 520 8.91 -33.94 -10.73
N GLY C 521 9.61 -34.84 -10.06
CA GLY C 521 10.01 -34.59 -8.70
C GLY C 521 10.75 -33.27 -8.62
N GLY C 522 11.64 -33.00 -9.58
CA GLY C 522 12.38 -31.75 -9.60
C GLY C 522 11.46 -30.57 -9.88
N VAL C 523 10.50 -30.77 -10.77
CA VAL C 523 9.55 -29.71 -11.08
C VAL C 523 8.80 -29.25 -9.83
N PHE C 524 8.35 -30.20 -9.02
CA PHE C 524 7.60 -29.83 -7.82
C PHE C 524 8.43 -29.27 -6.69
N CYS C 525 9.69 -29.73 -6.55
CA CYS C 525 10.61 -29.02 -5.68
C CYS C 525 10.75 -27.56 -6.09
N LYS C 526 10.84 -27.34 -7.39
CA LYS C 526 11.05 -25.98 -7.90
C LYS C 526 9.83 -25.11 -7.59
N TYR C 527 8.63 -25.60 -7.91
CA TYR C 527 7.40 -24.83 -7.64
C TYR C 527 7.38 -24.38 -6.19
N SER C 528 7.80 -25.26 -5.29
CA SER C 528 7.73 -24.98 -3.85
C SER C 528 8.84 -24.11 -3.33
N SER C 529 9.84 -23.81 -4.15
CA SER C 529 11.03 -23.16 -3.64
C SER C 529 10.84 -21.66 -3.38
N SER C 530 11.83 -21.06 -2.72
CA SER C 530 11.72 -19.66 -2.36
C SER C 530 11.72 -18.73 -3.58
N ASP C 531 12.18 -19.23 -4.72
CA ASP C 531 12.19 -18.42 -5.94
C ASP C 531 10.84 -18.39 -6.63
N MET C 532 10.00 -19.36 -6.29
CA MET C 532 8.80 -19.62 -7.07
C MET C 532 7.54 -19.36 -6.24
N PHE C 533 6.78 -20.40 -5.90
CA PHE C 533 5.56 -20.19 -5.12
C PHE C 533 5.86 -20.06 -3.64
N GLY C 534 7.07 -20.42 -3.25
CA GLY C 534 7.49 -20.22 -1.89
C GLY C 534 8.08 -18.85 -1.72
N THR C 535 8.48 -18.53 -0.50
CA THR C 535 9.16 -17.29 -0.22
C THR C 535 10.42 -17.59 0.56
N GLU C 536 11.12 -16.56 1.00
CA GLU C 536 12.39 -16.77 1.67
C GLU C 536 12.21 -17.49 2.98
N TYR C 537 11.05 -17.30 3.59
CA TYR C 537 10.84 -17.80 4.94
C TYR C 537 9.76 -18.87 5.02
N ASP C 538 9.14 -19.19 3.88
CA ASP C 538 8.01 -20.10 3.90
C ASP C 538 7.82 -20.79 2.56
N SER C 539 7.19 -21.96 2.56
CA SER C 539 6.81 -22.61 1.30
C SER C 539 5.60 -23.54 1.44
N PRO C 540 4.93 -23.83 0.31
CA PRO C 540 3.81 -24.79 0.30
C PRO C 540 4.31 -26.22 0.51
N GLU C 541 4.29 -26.65 1.77
CA GLU C 541 4.85 -27.93 2.17
C GLU C 541 4.24 -29.06 1.37
N ILE C 542 2.98 -28.90 0.97
CA ILE C 542 2.28 -30.00 0.30
C ILE C 542 2.94 -30.34 -1.05
N LEU C 543 3.52 -29.34 -1.70
CA LEU C 543 4.24 -29.57 -2.94
C LEU C 543 5.59 -30.29 -2.68
N ARG C 544 6.21 -30.02 -1.55
CA ARG C 544 7.40 -30.77 -1.13
C ARG C 544 7.07 -32.23 -0.94
N ARG C 545 5.91 -32.47 -0.33
CA ARG C 545 5.48 -33.83 -0.06
C ARG C 545 5.20 -34.53 -1.35
N TYR C 546 4.55 -33.81 -2.27
CA TYR C 546 4.25 -34.41 -3.56
C TYR C 546 5.57 -34.73 -4.31
N ALA C 547 6.56 -33.84 -4.21
CA ALA C 547 7.82 -34.10 -4.88
C ALA C 547 8.43 -35.40 -4.32
N ASN C 548 8.35 -35.55 -3.00
CA ASN C 548 8.85 -36.76 -2.35
C ASN C 548 8.17 -38.00 -2.88
N GLY C 549 6.85 -37.95 -2.96
CA GLY C 549 6.08 -39.04 -3.49
C GLY C 549 6.49 -39.40 -4.90
N LEU C 550 6.68 -38.39 -5.75
CA LEU C 550 7.13 -38.64 -7.11
C LEU C 550 8.49 -39.34 -7.16
N ILE C 551 9.40 -38.95 -6.28
CA ILE C 551 10.73 -39.49 -6.19
C ILE C 551 10.73 -40.96 -5.72
N GLU C 552 9.96 -41.24 -4.70
CA GLU C 552 9.75 -42.59 -4.25
C GLU C 552 9.19 -43.43 -5.39
N GLN C 553 8.26 -42.88 -6.14
CA GLN C 553 7.68 -43.62 -7.23
C GLN C 553 8.64 -43.81 -8.38
N ALA C 554 9.54 -42.86 -8.57
CA ALA C 554 10.61 -43.02 -9.55
C ALA C 554 11.48 -44.20 -9.16
N TYR C 555 11.87 -44.23 -7.88
CA TYR C 555 12.72 -45.29 -7.37
C TYR C 555 12.06 -46.67 -7.50
N LYS C 556 10.78 -46.77 -7.14
CA LYS C 556 10.09 -48.06 -7.26
C LYS C 556 10.03 -48.49 -8.73
N THR C 557 10.07 -47.52 -9.63
CA THR C 557 9.92 -47.81 -11.05
C THR C 557 11.24 -48.30 -11.65
N ASP C 558 12.33 -47.59 -11.36
CA ASP C 558 13.68 -48.06 -11.76
C ASP C 558 14.74 -47.40 -10.89
N PRO C 559 15.30 -48.16 -9.92
CA PRO C 559 16.20 -47.56 -8.92
C PRO C 559 17.52 -47.12 -9.54
N GLN C 560 17.85 -47.67 -10.70
CA GLN C 560 19.07 -47.36 -11.43
C GLN C 560 19.26 -45.86 -11.71
N VAL C 561 18.17 -45.10 -11.83
CA VAL C 561 18.31 -43.72 -12.23
C VAL C 561 18.87 -42.88 -11.10
N PHE C 562 18.86 -43.44 -9.91
CA PHE C 562 19.42 -42.75 -8.75
C PHE C 562 20.93 -42.99 -8.56
N GLY C 563 21.48 -43.97 -9.28
CA GLY C 563 22.89 -44.32 -9.16
C GLY C 563 23.20 -45.26 -8.01
N SER C 564 22.69 -44.95 -6.83
CA SER C 564 22.85 -45.82 -5.67
C SER C 564 21.70 -45.57 -4.71
N VAL C 565 21.43 -46.57 -3.87
CA VAL C 565 20.41 -46.44 -2.85
C VAL C 565 20.86 -45.39 -1.83
N TYR C 566 22.17 -45.20 -1.68
CA TYR C 566 22.66 -44.22 -0.70
C TYR C 566 22.26 -42.79 -1.12
N TYR C 567 22.34 -42.51 -2.41
CA TYR C 567 21.93 -41.21 -2.92
C TYR C 567 20.40 -41.02 -2.78
N TYR C 568 19.65 -42.06 -3.13
CA TYR C 568 18.20 -42.02 -3.01
C TYR C 568 17.76 -41.74 -1.56
N ASN C 569 18.34 -42.49 -0.64
CA ASN C 569 18.05 -42.32 0.76
C ASN C 569 18.41 -40.91 1.26
N ASP C 570 19.50 -40.37 0.74
CA ASP C 570 19.89 -39.02 1.14
C ASP C 570 18.85 -37.98 0.66
N ILE C 571 18.40 -38.15 -0.58
CA ILE C 571 17.38 -37.24 -1.11
C ILE C 571 16.12 -37.27 -0.23
N LEU C 572 15.70 -38.47 0.17
CA LEU C 572 14.48 -38.58 1.01
C LEU C 572 14.73 -37.93 2.34
N ASP C 573 15.91 -38.16 2.90
CA ASP C 573 16.29 -37.51 4.16
C ASP C 573 16.22 -36.00 4.05
N ARG C 574 16.73 -35.47 2.93
CA ARG C 574 16.76 -34.01 2.75
C ARG C 574 15.34 -33.49 2.56
N LEU C 575 14.51 -34.24 1.84
CA LEU C 575 13.12 -33.80 1.67
C LEU C 575 12.35 -33.83 2.99
N GLN C 576 12.52 -34.89 3.76
CA GLN C 576 11.68 -35.14 4.92
C GLN C 576 12.26 -34.62 6.23
N GLY C 577 13.53 -34.22 6.22
CA GLY C 577 14.16 -33.75 7.45
C GLY C 577 14.67 -34.87 8.37
N ARG C 578 15.20 -35.93 7.78
CA ARG C 578 15.79 -37.01 8.57
C ARG C 578 17.30 -36.87 8.63
N ASN C 579 17.91 -37.45 9.66
CA ASN C 579 19.35 -37.59 9.73
C ASN C 579 20.11 -36.29 9.58
N ASN C 580 19.53 -35.21 10.10
CA ASN C 580 20.21 -33.93 10.24
C ASN C 580 20.45 -33.18 8.94
N VAL C 581 19.78 -33.57 7.87
CA VAL C 581 20.01 -32.95 6.57
C VAL C 581 18.79 -32.31 5.90
N PHE C 582 17.85 -31.82 6.70
CA PHE C 582 16.71 -31.09 6.12
C PHE C 582 17.20 -29.96 5.20
N THR C 583 16.70 -29.94 3.96
CA THR C 583 17.23 -29.04 2.93
C THR C 583 16.08 -28.20 2.34
N CYS C 584 16.30 -26.91 2.11
CA CYS C 584 15.28 -26.10 1.43
C CYS C 584 15.08 -26.63 0.02
N THR C 585 13.92 -26.34 -0.57
CA THR C 585 13.65 -26.91 -1.88
C THR C 585 14.44 -26.23 -3.01
N ALA C 586 14.93 -25.01 -2.79
CA ALA C 586 15.78 -24.36 -3.81
C ALA C 586 17.05 -25.19 -4.03
N VAL C 587 17.61 -25.68 -2.94
CA VAL C 587 18.84 -26.44 -3.00
C VAL C 587 18.52 -27.81 -3.52
N LEU C 588 17.45 -28.43 -3.02
CA LEU C 588 17.07 -29.75 -3.57
C LEU C 588 16.85 -29.70 -5.08
N THR C 589 16.22 -28.62 -5.54
CA THR C 589 16.02 -28.43 -6.97
C THR C 589 17.38 -28.46 -7.70
N ASP C 590 18.35 -27.72 -7.19
CA ASP C 590 19.66 -27.67 -7.83
C ASP C 590 20.31 -29.07 -7.84
N MET C 591 20.22 -29.78 -6.73
CA MET C 591 20.77 -31.13 -6.66
C MET C 591 20.13 -32.07 -7.67
N LEU C 592 18.82 -32.01 -7.79
CA LEU C 592 18.11 -32.95 -8.66
C LEU C 592 18.39 -32.64 -10.13
N THR C 593 18.39 -31.37 -10.51
CA THR C 593 18.62 -31.03 -11.91
C THR C 593 20.06 -31.36 -12.29
N GLU C 594 21.01 -31.10 -11.39
CA GLU C 594 22.39 -31.47 -11.63
C GLU C 594 22.49 -32.99 -11.82
N HIS C 595 21.84 -33.75 -10.96
CA HIS C 595 21.85 -35.19 -11.14
C HIS C 595 21.25 -35.59 -12.50
N ALA C 596 20.12 -35.00 -12.87
CA ALA C 596 19.43 -35.38 -14.10
C ALA C 596 20.28 -35.02 -15.32
N LYS C 597 20.83 -33.81 -15.31
CA LYS C 597 21.64 -33.36 -16.44
C LYS C 597 22.84 -34.28 -16.64
N GLU C 598 23.43 -34.70 -15.53
CA GLU C 598 24.56 -35.61 -15.54
C GLU C 598 24.19 -37.03 -16.02
N SER C 599 23.11 -37.61 -15.48
CA SER C 599 22.84 -39.03 -15.72
C SER C 599 21.90 -39.29 -16.90
N PHE C 600 21.03 -38.34 -17.20
CA PHE C 600 20.14 -38.49 -18.35
C PHE C 600 19.87 -37.14 -19.01
N PRO C 601 20.91 -36.55 -19.60
CA PRO C 601 20.85 -35.20 -20.17
C PRO C 601 19.76 -35.04 -21.24
N GLU C 602 19.55 -36.07 -22.07
CA GLU C 602 18.56 -35.91 -23.14
C GLU C 602 17.16 -35.75 -22.54
N ILE C 603 16.77 -36.68 -21.68
CA ILE C 603 15.49 -36.56 -20.99
C ILE C 603 15.37 -35.24 -20.19
N PHE C 604 16.40 -34.91 -19.41
CA PHE C 604 16.41 -33.63 -18.71
C PHE C 604 16.14 -32.44 -19.64
N SER C 605 16.72 -32.47 -20.84
CA SER C 605 16.63 -31.32 -21.74
C SER C 605 15.23 -31.17 -22.33
N LEU C 606 14.43 -32.23 -22.22
CA LEU C 606 13.11 -32.29 -22.82
C LEU C 606 11.96 -32.18 -21.79
N TYR C 607 12.13 -32.84 -20.65
CA TYR C 607 11.04 -33.02 -19.72
C TYR C 607 11.11 -32.11 -18.51
N TYR C 608 12.10 -31.22 -18.50
CA TYR C 608 12.19 -30.20 -17.46
C TYR C 608 12.05 -28.83 -18.13
N PRO C 609 11.28 -27.92 -17.51
CA PRO C 609 11.00 -26.63 -18.12
C PRO C 609 12.26 -25.87 -18.50
N VAL C 610 12.37 -25.46 -19.76
CA VAL C 610 13.60 -24.86 -20.23
C VAL C 610 13.97 -23.57 -19.47
N ALA C 611 12.96 -22.76 -19.17
CA ALA C 611 13.22 -21.52 -18.45
C ALA C 611 13.79 -21.76 -17.04
N TRP C 612 13.68 -23.00 -16.55
CA TRP C 612 14.11 -23.31 -15.20
C TRP C 612 15.52 -23.89 -15.14
N ARG C 613 16.10 -24.20 -16.30
CA ARG C 613 17.44 -24.80 -16.34
C ARG C 613 18.46 -23.98 -15.55
N GLN D 2 -45.58 36.93 1.42
CA GLN D 2 -45.84 36.67 0.01
C GLN D 2 -46.18 35.20 -0.18
N GLY D 3 -47.10 34.72 0.64
CA GLY D 3 -47.60 33.36 0.51
C GLY D 3 -49.07 33.30 0.88
N ARG D 4 -49.85 32.64 0.04
CA ARG D 4 -51.26 32.43 0.33
C ARG D 4 -51.58 30.95 0.22
N ALA D 5 -52.57 30.49 1.00
CA ALA D 5 -52.98 29.10 0.95
C ALA D 5 -53.50 28.76 -0.44
N CYS D 6 -53.71 29.79 -1.25
CA CYS D 6 -54.28 29.63 -2.58
C CYS D 6 -53.25 29.21 -3.62
N LEU D 7 -51.98 29.54 -3.38
CA LEU D 7 -50.89 29.15 -4.28
C LEU D 7 -50.64 27.65 -4.20
N SER D 8 -50.08 27.08 -5.27
CA SER D 8 -49.73 25.66 -5.25
C SER D 8 -48.57 25.44 -4.28
N LYS D 9 -48.46 24.21 -3.77
CA LYS D 9 -47.40 23.87 -2.83
C LYS D 9 -46.02 24.21 -3.41
N ALA D 10 -45.78 23.80 -4.65
CA ALA D 10 -44.53 24.09 -5.32
C ALA D 10 -44.34 25.59 -5.55
N GLU D 11 -45.44 26.32 -5.74
CA GLU D 11 -45.35 27.76 -5.94
C GLU D 11 -45.03 28.45 -4.61
N LEU D 12 -45.66 27.97 -3.56
CA LEU D 12 -45.40 28.44 -2.20
C LEU D 12 -43.93 28.18 -1.83
N THR D 13 -43.44 26.97 -2.12
CA THR D 13 -42.05 26.62 -1.84
C THR D 13 -41.07 27.59 -2.51
N ALA D 14 -41.34 27.90 -3.77
CA ALA D 14 -40.48 28.79 -4.53
C ALA D 14 -40.39 30.16 -3.88
N ASP D 15 -41.53 30.67 -3.42
CA ASP D 15 -41.58 31.98 -2.79
C ASP D 15 -40.75 32.06 -1.52
N LEU D 16 -40.88 31.03 -0.68
CA LEU D 16 -40.12 30.94 0.56
C LEU D 16 -38.63 30.86 0.30
N ILE D 17 -38.24 30.01 -0.63
CA ILE D 17 -36.84 29.81 -0.92
C ILE D 17 -36.22 31.07 -1.51
N TRP D 18 -36.98 31.76 -2.36
CA TRP D 18 -36.49 33.01 -2.92
C TRP D 18 -36.33 34.08 -1.83
N LEU D 19 -37.36 34.19 -0.99
CA LEU D 19 -37.32 35.10 0.15
C LEU D 19 -36.04 34.89 0.98
N SER D 20 -35.73 33.64 1.26
CA SER D 20 -34.58 33.31 2.11
C SER D 20 -33.27 33.73 1.44
N ALA D 21 -33.21 33.56 0.13
CA ALA D 21 -32.00 33.87 -0.62
C ALA D 21 -31.79 35.38 -0.77
N ASN D 22 -32.80 36.16 -0.42
CA ASN D 22 -32.76 37.58 -0.69
C ASN D 22 -33.34 38.42 0.44
N ARG D 23 -32.92 38.13 1.68
CA ARG D 23 -33.44 38.84 2.85
C ARG D 23 -32.80 40.21 3.01
N THR D 24 -33.61 41.21 3.35
CA THR D 24 -33.10 42.56 3.51
C THR D 24 -33.11 42.96 4.96
N GLY D 25 -33.97 42.32 5.75
CA GLY D 25 -34.24 42.74 7.10
C GLY D 25 -35.24 43.88 7.13
N GLU D 26 -35.76 44.25 5.95
CA GLU D 26 -36.70 45.37 5.82
C GLU D 26 -38.05 44.95 5.22
N GLU D 27 -38.28 43.65 5.07
CA GLU D 27 -39.48 43.17 4.37
C GLU D 27 -40.81 43.62 5.02
N SER D 28 -41.83 43.80 4.17
CA SER D 28 -43.14 44.25 4.60
C SER D 28 -43.93 43.12 5.22
N ALA D 29 -44.97 43.48 5.95
CA ALA D 29 -45.81 42.50 6.66
C ALA D 29 -46.41 41.48 5.71
N GLU D 30 -46.67 41.90 4.47
CA GLU D 30 -47.27 41.01 3.48
C GLU D 30 -46.23 40.26 2.69
N GLU D 31 -45.02 40.82 2.60
CA GLU D 31 -43.92 40.12 1.96
C GLU D 31 -43.58 38.85 2.73
N LEU D 32 -43.81 38.89 4.04
CA LEU D 32 -43.50 37.74 4.87
C LEU D 32 -44.75 37.14 5.54
N ASN D 33 -45.87 37.20 4.83
CA ASN D 33 -47.11 36.58 5.29
C ASN D 33 -47.28 35.20 4.69
N TYR D 34 -47.10 34.16 5.50
CA TYR D 34 -47.30 32.78 5.04
C TYR D 34 -48.29 32.05 5.93
N SER D 35 -49.25 32.81 6.47
CA SER D 35 -50.22 32.27 7.41
C SER D 35 -51.13 31.19 6.81
N GLY D 36 -51.53 30.24 7.63
CA GLY D 36 -52.46 29.18 7.24
C GLY D 36 -52.06 28.33 6.05
N CYS D 37 -50.82 28.48 5.59
CA CYS D 37 -50.34 27.72 4.44
C CYS D 37 -50.05 26.26 4.77
N ASP D 38 -50.27 25.39 3.78
CA ASP D 38 -49.85 24.00 3.88
C ASP D 38 -48.41 23.88 3.38
N LEU D 39 -47.48 23.70 4.31
CA LEU D 39 -46.08 23.62 3.94
C LEU D 39 -45.50 22.24 4.22
N SER D 40 -46.37 21.24 4.23
CA SER D 40 -45.99 19.90 4.67
C SER D 40 -45.18 19.11 3.64
N GLY D 41 -44.38 18.18 4.15
CA GLY D 41 -43.63 17.25 3.33
C GLY D 41 -42.51 17.87 2.50
N LEU D 42 -42.03 19.04 2.92
CA LEU D 42 -41.00 19.76 2.16
C LEU D 42 -39.59 19.66 2.77
N SER D 43 -38.58 19.97 1.96
CA SER D 43 -37.25 20.23 2.48
C SER D 43 -37.05 21.73 2.56
N LEU D 44 -37.03 22.25 3.78
CA LEU D 44 -36.80 23.68 4.00
C LEU D 44 -35.57 23.83 4.88
N VAL D 45 -34.41 23.47 4.33
CA VAL D 45 -33.16 23.31 5.07
C VAL D 45 -32.28 24.55 5.00
N GLY D 46 -31.84 25.01 6.17
CA GLY D 46 -30.93 26.14 6.26
C GLY D 46 -31.47 27.42 5.64
N LEU D 47 -32.77 27.66 5.77
CA LEU D 47 -33.38 28.86 5.21
C LEU D 47 -33.39 30.02 6.20
N ASN D 48 -33.24 31.23 5.67
CA ASN D 48 -33.27 32.43 6.48
C ASN D 48 -34.70 32.92 6.57
N LEU D 49 -35.40 32.49 7.61
CA LEU D 49 -36.83 32.76 7.76
C LEU D 49 -37.15 33.57 8.99
N SER D 50 -36.18 34.37 9.42
CA SER D 50 -36.38 35.28 10.55
C SER D 50 -37.61 36.20 10.36
N SER D 51 -38.39 36.37 11.43
CA SER D 51 -39.59 37.22 11.44
C SER D 51 -40.71 36.79 10.49
N VAL D 52 -40.55 35.68 9.78
CA VAL D 52 -41.62 35.26 8.87
C VAL D 52 -42.87 34.85 9.64
N ASN D 53 -44.04 35.09 9.06
CA ASN D 53 -45.30 34.76 9.72
C ASN D 53 -45.89 33.47 9.18
N PHE D 54 -45.95 32.44 10.02
CA PHE D 54 -46.44 31.13 9.59
C PHE D 54 -47.66 30.71 10.40
N SER D 55 -48.20 31.62 11.19
CA SER D 55 -49.28 31.27 12.10
C SER D 55 -50.37 30.47 11.40
N GLY D 56 -50.75 29.35 12.01
CA GLY D 56 -51.80 28.51 11.48
C GLY D 56 -51.36 27.56 10.37
N ALA D 57 -50.09 27.63 10.01
CA ALA D 57 -49.56 26.80 8.93
C ALA D 57 -49.38 25.33 9.34
N VAL D 58 -49.15 24.48 8.33
CA VAL D 58 -48.93 23.07 8.57
C VAL D 58 -47.53 22.69 8.09
N LEU D 59 -46.68 22.26 9.02
CA LEU D 59 -45.31 21.88 8.68
C LEU D 59 -45.01 20.41 8.97
N ASP D 60 -46.06 19.60 8.98
CA ASP D 60 -45.91 18.16 9.21
C ASP D 60 -44.94 17.57 8.19
N ASP D 61 -44.11 16.62 8.64
CA ASP D 61 -43.22 15.85 7.77
C ASP D 61 -42.21 16.69 7.00
N THR D 62 -41.97 17.91 7.49
CA THR D 62 -41.05 18.83 6.82
C THR D 62 -39.70 18.91 7.52
N ASP D 63 -38.64 18.79 6.73
CA ASP D 63 -37.26 18.93 7.20
C ASP D 63 -36.90 20.41 7.28
N LEU D 64 -36.92 20.95 8.50
CA LEU D 64 -36.64 22.36 8.73
C LEU D 64 -35.21 22.60 9.23
N ARG D 65 -34.39 21.56 9.20
CA ARG D 65 -33.06 21.60 9.83
C ARG D 65 -32.23 22.83 9.50
N MET D 66 -31.65 23.43 10.54
CA MET D 66 -30.72 24.56 10.42
C MET D 66 -31.37 25.85 9.95
N SER D 67 -32.69 25.86 9.85
CA SER D 67 -33.37 27.07 9.43
C SER D 67 -33.44 28.09 10.55
N ASP D 68 -33.36 29.35 10.17
CA ASP D 68 -33.44 30.45 11.11
C ASP D 68 -34.87 30.95 11.15
N LEU D 69 -35.54 30.67 12.26
CA LEU D 69 -36.90 31.14 12.48
C LEU D 69 -36.93 32.07 13.68
N SER D 70 -35.82 32.74 13.95
CA SER D 70 -35.82 33.70 15.04
C SER D 70 -36.92 34.73 14.81
N GLN D 71 -37.69 35.00 15.87
CA GLN D 71 -38.68 36.07 15.86
C GLN D 71 -39.89 35.74 15.00
N ALA D 72 -39.91 34.54 14.42
CA ALA D 72 -41.02 34.15 13.57
C ALA D 72 -42.29 34.02 14.38
N VAL D 73 -43.43 34.18 13.72
CA VAL D 73 -44.73 33.91 14.32
C VAL D 73 -45.16 32.52 13.88
N LEU D 74 -45.33 31.62 14.83
CA LEU D 74 -45.61 30.23 14.50
C LEU D 74 -46.77 29.72 15.31
N GLU D 75 -47.53 30.64 15.88
CA GLU D 75 -48.66 30.28 16.73
C GLU D 75 -49.62 29.33 16.03
N ASN D 76 -50.02 28.27 16.73
CA ASN D 76 -50.97 27.28 16.21
C ASN D 76 -50.46 26.37 15.11
N CYS D 77 -49.18 26.52 14.75
CA CYS D 77 -48.57 25.65 13.75
C CYS D 77 -48.64 24.19 14.17
N SER D 78 -48.40 23.30 13.21
CA SER D 78 -48.35 21.88 13.49
C SER D 78 -47.06 21.30 12.93
N PHE D 79 -46.26 20.69 13.81
CA PHE D 79 -44.98 20.10 13.39
C PHE D 79 -44.97 18.59 13.60
N LYS D 80 -45.90 17.87 12.95
CA LYS D 80 -46.00 16.43 13.14
C LYS D 80 -45.00 15.70 12.26
N ASN D 81 -44.13 14.91 12.91
CA ASN D 81 -43.08 14.17 12.23
C ASN D 81 -42.09 15.09 11.52
N SER D 82 -41.91 16.28 12.07
CA SER D 82 -40.97 17.24 11.52
C SER D 82 -39.57 17.05 12.04
N ILE D 83 -38.62 17.64 11.32
CA ILE D 83 -37.21 17.60 11.70
C ILE D 83 -36.77 19.03 11.99
N LEU D 84 -36.53 19.32 13.27
CA LEU D 84 -36.25 20.68 13.73
C LEU D 84 -34.81 20.84 14.23
N ASN D 85 -33.98 19.83 13.99
CA ASN D 85 -32.60 19.82 14.44
C ASN D 85 -31.84 21.11 14.13
N GLU D 86 -31.29 21.71 15.17
CA GLU D 86 -30.37 22.83 14.99
C GLU D 86 -31.06 24.08 14.42
N CYS D 87 -32.40 24.12 14.52
CA CYS D 87 -33.17 25.29 14.14
C CYS D 87 -33.07 26.39 15.19
N ASN D 88 -33.02 27.62 14.72
CA ASN D 88 -33.05 28.79 15.57
C ASN D 88 -34.51 29.24 15.76
N PHE D 89 -35.02 29.12 16.99
CA PHE D 89 -36.36 29.62 17.28
C PHE D 89 -36.31 30.70 18.35
N CYS D 90 -35.15 31.35 18.49
CA CYS D 90 -34.97 32.40 19.49
C CYS D 90 -36.03 33.51 19.37
N TYR D 91 -36.66 33.83 20.50
CA TYR D 91 -37.66 34.89 20.57
C TYR D 91 -38.84 34.66 19.64
N ALA D 92 -38.96 33.44 19.13
CA ALA D 92 -40.08 33.10 18.27
C ALA D 92 -41.33 32.80 19.10
N ASN D 93 -42.50 32.91 18.47
CA ASN D 93 -43.75 32.59 19.13
C ASN D 93 -44.30 31.27 18.63
N LEU D 94 -44.33 30.26 19.50
CA LEU D 94 -44.85 28.93 19.15
C LEU D 94 -46.01 28.48 20.06
N SER D 95 -46.86 29.44 20.47
CA SER D 95 -48.03 29.15 21.28
C SER D 95 -48.93 28.09 20.64
N ASN D 96 -49.41 27.14 21.45
CA ASN D 96 -50.34 26.12 20.99
C ASN D 96 -49.83 25.21 19.89
N CYS D 97 -48.54 25.27 19.61
CA CYS D 97 -47.98 24.42 18.57
C CYS D 97 -47.97 22.97 18.96
N ILE D 98 -48.17 22.09 17.98
CA ILE D 98 -48.00 20.67 18.20
C ILE D 98 -46.66 20.30 17.62
N ILE D 99 -45.76 19.80 18.47
CA ILE D 99 -44.38 19.51 18.07
C ILE D 99 -44.00 18.06 18.33
N ARG D 100 -44.16 17.22 17.31
CA ARG D 100 -43.77 15.83 17.41
C ARG D 100 -42.57 15.65 16.50
N ALA D 101 -41.39 16.06 16.97
CA ALA D 101 -40.27 16.22 16.07
C ALA D 101 -38.95 15.82 16.70
N LEU D 102 -37.98 15.56 15.83
CA LEU D 102 -36.59 15.53 16.25
C LEU D 102 -36.20 16.98 16.58
N PHE D 103 -35.69 17.21 17.79
CA PHE D 103 -35.29 18.56 18.14
C PHE D 103 -33.87 18.69 18.72
N GLU D 104 -32.94 17.97 18.10
CA GLU D 104 -31.52 17.96 18.45
C GLU D 104 -30.94 19.38 18.39
N ASN D 105 -30.44 19.88 19.53
CA ASN D 105 -29.90 21.23 19.61
C ASN D 105 -30.83 22.32 19.05
N SER D 106 -32.13 22.10 19.11
CA SER D 106 -33.07 23.13 18.66
C SER D 106 -33.08 24.26 19.66
N ASN D 107 -32.88 25.49 19.20
CA ASN D 107 -32.76 26.61 20.13
C ASN D 107 -34.06 27.38 20.34
N PHE D 108 -34.72 27.13 21.46
CA PHE D 108 -35.95 27.81 21.81
C PHE D 108 -35.74 28.93 22.82
N SER D 109 -34.52 29.48 22.89
CA SER D 109 -34.24 30.56 23.83
C SER D 109 -35.24 31.71 23.73
N ASN D 110 -35.82 32.09 24.87
CA ASN D 110 -36.73 33.23 24.96
C ASN D 110 -37.97 33.09 24.10
N SER D 111 -38.19 31.90 23.55
CA SER D 111 -39.37 31.69 22.73
C SER D 111 -40.65 31.64 23.58
N ASN D 112 -41.80 31.68 22.90
CA ASN D 112 -43.09 31.56 23.56
C ASN D 112 -43.69 30.20 23.24
N LEU D 113 -43.75 29.34 24.26
CA LEU D 113 -44.25 27.98 24.05
C LEU D 113 -45.48 27.68 24.91
N LYS D 114 -46.21 28.72 25.31
CA LYS D 114 -47.43 28.55 26.08
C LYS D 114 -48.33 27.53 25.42
N ASN D 115 -48.74 26.52 26.18
CA ASN D 115 -49.68 25.52 25.69
C ASN D 115 -49.20 24.71 24.50
N ALA D 116 -47.91 24.80 24.18
CA ALA D 116 -47.35 23.92 23.15
C ALA D 116 -47.34 22.49 23.69
N SER D 117 -47.23 21.51 22.80
CA SER D 117 -47.14 20.11 23.23
C SER D 117 -45.97 19.43 22.51
N PHE D 118 -45.11 18.79 23.29
CA PHE D 118 -43.91 18.19 22.72
C PHE D 118 -44.01 16.68 22.59
N LYS D 119 -45.22 16.15 22.80
CA LYS D 119 -45.45 14.71 22.75
C LYS D 119 -44.87 14.07 21.49
N GLY D 120 -44.12 12.99 21.68
CA GLY D 120 -43.58 12.22 20.57
C GLY D 120 -42.25 12.72 20.06
N SER D 121 -41.74 13.80 20.64
CA SER D 121 -40.47 14.34 20.20
C SER D 121 -39.31 13.53 20.76
N SER D 122 -38.09 13.84 20.33
CA SER D 122 -36.92 13.15 20.85
C SER D 122 -35.64 13.81 20.36
N TYR D 123 -34.59 13.62 21.14
CA TYR D 123 -33.25 13.94 20.71
C TYR D 123 -32.34 12.78 21.11
N ILE D 124 -31.19 12.69 20.43
CA ILE D 124 -30.23 11.64 20.68
C ILE D 124 -29.21 12.04 21.74
N GLN D 125 -28.57 13.20 21.57
CA GLN D 125 -27.49 13.57 22.48
C GLN D 125 -27.53 15.00 23.00
N TYR D 126 -27.90 15.94 22.14
CA TYR D 126 -27.93 17.37 22.49
C TYR D 126 -29.38 17.81 22.58
N PRO D 127 -29.82 18.17 23.78
CA PRO D 127 -31.24 18.50 24.00
C PRO D 127 -31.59 19.88 23.43
N PRO D 128 -32.88 20.18 23.30
CA PRO D 128 -33.30 21.53 22.92
C PRO D 128 -32.84 22.51 23.98
N ILE D 129 -32.72 23.77 23.61
CA ILE D 129 -32.39 24.84 24.54
C ILE D 129 -33.67 25.61 24.90
N LEU D 130 -33.99 25.67 26.18
CA LEU D 130 -35.23 26.31 26.62
C LEU D 130 -35.02 27.48 27.58
N ASN D 131 -33.80 28.00 27.64
CA ASN D 131 -33.50 29.10 28.56
C ASN D 131 -34.38 30.33 28.31
N GLU D 132 -35.19 30.67 29.31
CA GLU D 132 -36.10 31.81 29.27
C GLU D 132 -37.24 31.65 28.27
N ALA D 133 -37.45 30.41 27.82
CA ALA D 133 -38.67 30.08 27.09
C ALA D 133 -39.81 29.95 28.08
N ASP D 134 -41.01 30.36 27.65
CA ASP D 134 -42.18 30.26 28.51
C ASP D 134 -42.95 28.99 28.19
N LEU D 135 -42.90 28.05 29.13
CA LEU D 135 -43.51 26.74 28.94
C LEU D 135 -44.83 26.58 29.66
N THR D 136 -45.35 27.67 30.20
CA THR D 136 -46.60 27.63 30.95
C THR D 136 -47.72 26.92 30.18
N GLY D 137 -48.29 25.89 30.79
CA GLY D 137 -49.36 25.12 30.17
C GLY D 137 -48.86 24.16 29.11
N ALA D 138 -47.55 24.16 28.88
CA ALA D 138 -46.97 23.30 27.86
C ALA D 138 -46.91 21.85 28.32
N ILE D 139 -47.01 20.93 27.36
CA ILE D 139 -46.79 19.52 27.65
C ILE D 139 -45.37 19.13 27.23
N ILE D 140 -44.54 18.79 28.21
CA ILE D 140 -43.17 18.42 27.92
C ILE D 140 -42.99 16.90 28.08
N ILE D 141 -41.80 16.41 27.75
CA ILE D 141 -41.53 14.98 27.82
C ILE D 141 -40.24 14.72 28.57
N PRO D 142 -40.10 13.51 29.15
CA PRO D 142 -38.88 13.16 29.88
C PRO D 142 -37.66 13.37 28.98
N GLY D 143 -36.58 13.92 29.54
CA GLY D 143 -35.35 14.12 28.79
C GLY D 143 -35.12 15.58 28.45
N MET D 144 -36.20 16.33 28.30
CA MET D 144 -36.05 17.76 28.02
C MET D 144 -35.40 18.47 29.19
N VAL D 145 -34.40 19.29 28.90
CA VAL D 145 -33.69 20.04 29.92
C VAL D 145 -34.37 21.40 30.12
N LEU D 146 -34.67 21.72 31.38
CA LEU D 146 -35.52 22.86 31.68
C LEU D 146 -34.77 24.02 32.28
N SER D 147 -33.44 23.98 32.20
CA SER D 147 -32.62 25.05 32.74
C SER D 147 -33.09 26.41 32.23
N GLY D 148 -33.55 27.26 33.14
CA GLY D 148 -33.87 28.64 32.81
C GLY D 148 -35.28 28.83 32.24
N ALA D 149 -36.01 27.75 32.09
CA ALA D 149 -37.36 27.83 31.55
C ALA D 149 -38.39 28.36 32.55
N ILE D 150 -39.41 29.02 32.02
CA ILE D 150 -40.56 29.43 32.82
C ILE D 150 -41.59 28.33 32.75
N LEU D 151 -41.92 27.73 33.90
CA LEU D 151 -42.88 26.63 33.93
C LEU D 151 -44.26 27.15 34.30
N GLY D 152 -44.31 28.31 34.94
CA GLY D 152 -45.55 28.87 35.41
C GLY D 152 -45.91 28.31 36.77
N ASP D 153 -46.63 29.11 37.55
CA ASP D 153 -47.08 28.69 38.87
C ASP D 153 -48.08 27.54 38.73
N VAL D 154 -48.24 26.78 39.81
CA VAL D 154 -49.09 25.60 39.79
C VAL D 154 -50.55 25.96 39.57
N LYS D 155 -51.16 25.36 38.55
CA LYS D 155 -52.61 25.47 38.39
C LYS D 155 -53.21 24.43 39.31
N GLU D 156 -53.27 23.18 38.85
CA GLU D 156 -53.69 22.08 39.71
C GLU D 156 -52.48 21.42 40.37
N LEU D 157 -52.66 20.99 41.62
CA LEU D 157 -51.55 20.46 42.41
C LEU D 157 -51.07 19.10 41.90
N PHE D 158 -52.02 18.18 41.71
CA PHE D 158 -51.69 16.85 41.20
C PHE D 158 -52.54 16.51 39.99
N SER D 159 -51.92 15.88 38.99
CA SER D 159 -52.62 15.46 37.78
C SER D 159 -53.67 14.41 38.11
N GLU D 160 -54.55 14.12 37.15
CA GLU D 160 -55.59 13.13 37.34
C GLU D 160 -55.46 11.99 36.33
N LYS D 161 -54.70 12.24 35.27
CA LYS D 161 -54.45 11.21 34.27
C LYS D 161 -53.18 10.45 34.63
N SER D 162 -53.24 9.12 34.51
CA SER D 162 -52.13 8.26 34.90
C SER D 162 -50.83 8.54 34.14
N ASN D 163 -50.95 8.91 32.87
CA ASN D 163 -49.76 9.15 32.04
C ASN D 163 -49.29 10.59 32.05
N THR D 164 -49.51 11.30 33.14
CA THR D 164 -49.04 12.68 33.24
C THR D 164 -48.57 12.98 34.66
N ILE D 165 -47.52 13.79 34.79
CA ILE D 165 -47.08 14.26 36.09
C ILE D 165 -46.92 15.76 36.01
N ASN D 166 -47.63 16.49 36.87
CA ASN D 166 -47.53 17.93 36.84
C ASN D 166 -46.18 18.38 37.36
N LEU D 167 -45.65 19.44 36.76
CA LEU D 167 -44.46 20.11 37.26
C LEU D 167 -44.70 21.61 37.15
N GLY D 168 -45.06 22.22 38.28
CA GLY D 168 -45.47 23.62 38.26
C GLY D 168 -46.57 23.82 37.24
N GLY D 169 -46.36 24.78 36.33
CA GLY D 169 -47.38 25.18 35.38
C GLY D 169 -47.43 24.36 34.11
N CYS D 170 -46.59 23.33 34.01
CA CYS D 170 -46.56 22.51 32.80
C CYS D 170 -46.76 21.03 33.11
N TYR D 171 -46.79 20.19 32.07
CA TYR D 171 -47.12 18.78 32.23
C TYR D 171 -46.07 17.87 31.60
N ILE D 172 -45.63 16.87 32.35
CA ILE D 172 -44.70 15.88 31.81
C ILE D 172 -45.50 14.68 31.32
N ASP D 173 -45.42 14.41 30.02
CA ASP D 173 -46.18 13.31 29.44
C ASP D 173 -45.44 11.97 29.43
N LEU D 174 -46.12 10.90 29.84
CA LEU D 174 -45.50 9.58 29.93
C LEU D 174 -46.13 8.53 29.00
N SER D 175 -46.65 8.96 27.86
CA SER D 175 -47.30 8.03 26.94
C SER D 175 -46.36 7.39 25.92
N ASP D 176 -45.17 7.98 25.73
CA ASP D 176 -44.18 7.40 24.83
C ASP D 176 -42.91 7.01 25.59
N ILE D 177 -43.03 6.14 26.59
CA ILE D 177 -41.86 5.71 27.34
C ILE D 177 -41.70 4.20 27.29
N GLN D 178 -42.07 3.62 26.15
CA GLN D 178 -41.94 2.18 25.93
C GLN D 178 -42.69 1.38 26.99
N GLU D 179 -43.67 2.02 27.64
CA GLU D 179 -44.53 1.36 28.63
C GLU D 179 -43.73 0.79 29.80
N ASN D 180 -42.57 1.38 30.06
CA ASN D 180 -41.66 0.90 31.09
C ASN D 180 -41.03 2.07 31.83
N ILE D 181 -41.55 2.36 33.02
CA ILE D 181 -41.08 3.52 33.79
C ILE D 181 -39.56 3.49 34.01
N LEU D 182 -38.94 2.30 34.00
CA LEU D 182 -37.49 2.24 34.20
C LEU D 182 -36.71 2.93 33.07
N SER D 183 -37.29 3.01 31.88
CA SER D 183 -36.60 3.62 30.74
C SER D 183 -36.40 5.13 30.95
N VAL D 184 -37.01 5.63 32.02
CA VAL D 184 -37.10 7.06 32.25
C VAL D 184 -36.25 7.45 33.47
N LEU D 185 -35.50 6.48 33.98
CA LEU D 185 -34.82 6.65 35.27
C LEU D 185 -33.32 6.42 35.21
N ASP D 186 -32.73 6.59 34.03
CA ASP D 186 -31.32 6.28 33.83
C ASP D 186 -30.57 7.51 33.29
N ASN D 187 -29.92 8.23 34.19
CA ASN D 187 -29.18 9.44 33.83
C ASN D 187 -27.86 9.13 33.15
N TYR D 188 -27.45 7.87 33.18
CA TYR D 188 -26.10 7.48 32.75
C TYR D 188 -26.02 6.97 31.32
N THR D 189 -27.01 6.17 30.92
CA THR D 189 -26.97 5.56 29.59
C THR D 189 -28.22 5.90 28.78
N LYS D 190 -29.18 6.60 29.41
CA LYS D 190 -30.38 7.04 28.70
C LYS D 190 -30.76 8.46 29.09
N SER D 191 -29.75 9.32 29.19
CA SER D 191 -29.94 10.68 29.65
C SER D 191 -31.00 11.41 28.83
N ASN D 192 -31.06 11.10 27.53
CA ASN D 192 -31.95 11.80 26.61
C ASN D 192 -33.42 11.43 26.83
N LYS D 193 -33.65 10.44 27.69
CA LYS D 193 -35.02 9.99 28.01
C LYS D 193 -35.35 10.16 29.49
N SER D 194 -34.47 10.81 30.23
CA SER D 194 -34.58 10.80 31.69
C SER D 194 -35.51 11.86 32.26
N ILE D 195 -36.54 11.42 32.97
CA ILE D 195 -37.42 12.34 33.70
C ILE D 195 -36.70 12.97 34.89
N LEU D 196 -35.66 12.29 35.39
CA LEU D 196 -34.88 12.82 36.50
C LEU D 196 -34.07 14.04 36.05
N LEU D 197 -33.54 13.97 34.84
CA LEU D 197 -32.87 15.13 34.25
C LEU D 197 -33.87 16.29 34.16
N THR D 198 -35.06 15.98 33.66
CA THR D 198 -36.09 16.98 33.43
C THR D 198 -36.48 17.71 34.71
N MET D 199 -36.74 16.94 35.76
CA MET D 199 -37.14 17.52 37.04
C MET D 199 -36.01 18.33 37.67
N ASN D 200 -34.79 17.80 37.60
CA ASN D 200 -33.70 18.42 38.32
C ASN D 200 -33.05 19.60 37.61
N THR D 201 -33.37 19.78 36.33
CA THR D 201 -32.88 20.95 35.61
C THR D 201 -33.82 22.16 35.69
N SER D 202 -35.03 21.96 36.20
CA SER D 202 -35.94 23.09 36.41
C SER D 202 -35.37 24.03 37.46
N ASP D 203 -35.68 25.32 37.36
CA ASP D 203 -35.08 26.29 38.27
C ASP D 203 -35.54 26.11 39.73
N ASP D 204 -34.80 26.70 40.65
CA ASP D 204 -35.03 26.53 42.07
C ASP D 204 -36.46 26.89 42.51
N LYS D 205 -37.01 27.93 41.89
CA LYS D 205 -38.33 28.40 42.29
CA LYS D 205 -38.34 28.42 42.21
C LYS D 205 -39.36 27.29 42.16
N TYR D 206 -39.00 26.21 41.47
CA TYR D 206 -39.91 25.09 41.33
C TYR D 206 -39.52 23.91 42.23
N ASN D 207 -38.66 24.17 43.22
CA ASN D 207 -38.26 23.11 44.16
C ASN D 207 -39.44 22.37 44.79
N HIS D 208 -40.43 23.12 45.25
CA HIS D 208 -41.64 22.51 45.80
C HIS D 208 -42.33 21.63 44.76
N ASP D 209 -42.26 22.06 43.50
CA ASP D 209 -42.84 21.27 42.42
C ASP D 209 -42.05 19.99 42.18
N LYS D 210 -40.72 20.08 42.24
CA LYS D 210 -39.86 18.90 42.07
C LYS D 210 -40.32 17.79 43.03
N VAL D 211 -40.49 18.16 44.30
CA VAL D 211 -40.85 17.22 45.37
C VAL D 211 -42.14 16.47 45.07
N ARG D 212 -43.21 17.21 44.79
CA ARG D 212 -44.50 16.60 44.45
C ARG D 212 -44.39 15.72 43.22
N ALA D 213 -43.68 16.20 42.21
CA ALA D 213 -43.46 15.37 41.03
C ALA D 213 -42.76 14.08 41.46
N ALA D 214 -41.76 14.21 42.33
CA ALA D 214 -41.01 13.04 42.82
C ALA D 214 -41.91 12.05 43.54
N GLU D 215 -42.76 12.57 44.43
CA GLU D 215 -43.68 11.71 45.17
C GLU D 215 -44.65 11.00 44.23
N GLU D 216 -45.07 11.70 43.18
CA GLU D 216 -45.93 11.09 42.18
C GLU D 216 -45.16 10.06 41.32
N LEU D 217 -43.90 10.35 41.03
CA LEU D 217 -43.10 9.44 40.24
C LEU D 217 -42.93 8.10 40.94
N ILE D 218 -42.61 8.12 42.23
CA ILE D 218 -42.31 6.89 42.94
C ILE D 218 -43.51 5.92 43.10
N LYS D 219 -44.72 6.43 43.02
CA LYS D 219 -45.89 5.55 43.01
C LYS D 219 -45.96 4.72 41.73
N LYS D 220 -45.20 5.13 40.72
CA LYS D 220 -45.24 4.45 39.45
C LYS D 220 -44.18 3.35 39.37
N ILE D 221 -43.30 3.30 40.36
CA ILE D 221 -42.21 2.35 40.36
C ILE D 221 -42.52 1.17 41.27
N SER D 222 -42.70 0.00 40.67
CA SER D 222 -42.98 -1.20 41.46
C SER D 222 -41.71 -1.75 42.07
N LEU D 223 -41.85 -2.40 43.22
CA LEU D 223 -40.71 -2.92 43.96
C LEU D 223 -39.98 -4.03 43.21
N ASP D 224 -40.74 -4.91 42.56
CA ASP D 224 -40.15 -6.05 41.86
C ASP D 224 -39.25 -5.57 40.71
N GLU D 225 -39.65 -4.46 40.09
CA GLU D 225 -38.85 -3.86 39.03
C GLU D 225 -37.45 -3.50 39.56
N LEU D 226 -37.37 -3.15 40.84
CA LEU D 226 -36.10 -2.77 41.44
C LEU D 226 -35.38 -3.92 42.18
N ALA D 227 -35.93 -5.13 42.11
CA ALA D 227 -35.32 -6.27 42.80
C ALA D 227 -33.98 -6.73 42.19
N ALA D 228 -33.83 -6.62 40.87
CA ALA D 228 -32.53 -6.94 40.26
C ALA D 228 -31.56 -5.78 40.49
N PHE D 229 -30.28 -6.04 40.25
CA PHE D 229 -29.20 -5.07 40.47
C PHE D 229 -29.52 -3.69 39.88
N ARG D 230 -29.79 -3.64 38.58
CA ARG D 230 -30.12 -2.41 37.85
C ARG D 230 -29.36 -1.17 38.34
N PRO D 231 -28.03 -1.24 38.29
CA PRO D 231 -27.18 -0.22 38.92
C PRO D 231 -27.35 1.18 38.33
N TYR D 232 -27.66 1.32 37.05
CA TYR D 232 -27.75 2.65 36.45
C TYR D 232 -29.00 3.37 36.94
N VAL D 233 -30.09 2.64 37.08
CA VAL D 233 -31.30 3.22 37.63
C VAL D 233 -31.13 3.62 39.10
N LYS D 234 -30.54 2.74 39.90
CA LYS D 234 -30.38 2.99 41.33
C LYS D 234 -29.43 4.14 41.62
N MET D 235 -28.35 4.21 40.86
CA MET D 235 -27.42 5.30 41.04
C MET D 235 -28.08 6.63 40.65
N SER D 236 -28.85 6.61 39.56
CA SER D 236 -29.61 7.79 39.14
C SER D 236 -30.59 8.23 40.21
N LEU D 237 -31.35 7.27 40.71
CA LEU D 237 -32.31 7.51 41.80
C LEU D 237 -31.59 8.12 43.00
N ALA D 238 -30.46 7.53 43.37
CA ALA D 238 -29.70 8.02 44.51
C ALA D 238 -29.15 9.42 44.26
N ASP D 239 -28.63 9.63 43.05
CA ASP D 239 -28.09 10.94 42.66
C ASP D 239 -29.18 12.01 42.69
N SER D 240 -30.34 11.66 42.13
CA SER D 240 -31.37 12.65 41.86
C SER D 240 -32.15 13.05 43.09
N PHE D 241 -32.33 12.11 44.02
CA PHE D 241 -33.24 12.33 45.14
C PHE D 241 -32.56 12.41 46.53
N SER D 242 -31.23 12.39 46.57
CA SER D 242 -30.51 12.60 47.84
C SER D 242 -29.75 13.92 47.78
N ILE D 243 -30.43 14.94 47.26
CA ILE D 243 -29.88 16.28 47.25
C ILE D 243 -31.03 17.25 47.55
N HIS D 244 -30.70 18.49 47.87
CA HIS D 244 -31.73 19.51 48.02
C HIS D 244 -32.50 19.59 46.69
N PRO D 245 -33.83 19.66 46.75
CA PRO D 245 -34.63 19.83 47.97
C PRO D 245 -35.37 18.57 48.39
N TYR D 246 -34.88 17.39 48.00
CA TYR D 246 -35.58 16.16 48.33
C TYR D 246 -35.19 15.64 49.73
N LEU D 247 -34.03 16.07 50.20
CA LEU D 247 -33.45 15.56 51.45
C LEU D 247 -34.37 15.72 52.67
N ASN D 248 -35.11 16.83 52.71
CA ASN D 248 -35.98 17.11 53.85
C ASN D 248 -37.38 16.54 53.73
N ASN D 249 -37.61 15.77 52.68
CA ASN D 249 -38.89 15.10 52.53
C ASN D 249 -38.83 13.66 53.03
N ALA D 250 -39.50 13.41 54.15
CA ALA D 250 -39.40 12.12 54.82
C ALA D 250 -39.90 10.98 53.95
N ASN D 251 -40.93 11.25 53.17
CA ASN D 251 -41.54 10.22 52.33
C ASN D 251 -40.62 9.70 51.23
N ILE D 252 -39.90 10.59 50.56
CA ILE D 252 -38.97 10.21 49.53
C ILE D 252 -37.78 9.44 50.13
N GLN D 253 -37.15 10.06 51.13
CA GLN D 253 -36.01 9.45 51.80
C GLN D 253 -36.30 8.07 52.37
N GLN D 254 -37.51 7.86 52.88
CA GLN D 254 -37.87 6.58 53.49
C GLN D 254 -38.06 5.52 52.41
N TRP D 255 -38.53 5.95 51.24
CA TRP D 255 -38.65 5.08 50.10
C TRP D 255 -37.26 4.73 49.56
N LEU D 256 -36.37 5.72 49.52
CA LEU D 256 -35.01 5.54 49.01
C LEU D 256 -34.15 4.60 49.85
N GLU D 257 -34.33 4.63 51.17
CA GLU D 257 -33.39 3.97 52.07
C GLU D 257 -33.19 2.46 51.84
N PRO D 258 -34.28 1.69 51.72
CA PRO D 258 -34.08 0.24 51.52
C PRO D 258 -33.42 -0.04 50.18
N ILE D 259 -33.78 0.72 49.16
CA ILE D 259 -33.16 0.58 47.86
C ILE D 259 -31.64 0.83 47.96
N CYS D 260 -31.26 1.95 48.55
CA CYS D 260 -29.86 2.28 48.65
C CYS D 260 -29.10 1.39 49.62
N ASP D 261 -29.77 0.92 50.65
CA ASP D 261 -29.13 0.04 51.59
C ASP D 261 -28.64 -1.21 50.87
N ASP D 262 -29.50 -1.83 50.11
CA ASP D 262 -29.11 -2.98 49.30
C ASP D 262 -28.10 -2.62 48.23
N PHE D 263 -28.35 -1.55 47.52
CA PHE D 263 -27.48 -1.18 46.41
C PHE D 263 -26.06 -0.86 46.88
N PHE D 264 -25.94 0.05 47.84
CA PHE D 264 -24.61 0.43 48.29
C PHE D 264 -23.92 -0.69 49.06
N ASP D 265 -24.70 -1.57 49.68
CA ASP D 265 -24.08 -2.75 50.28
C ASP D 265 -23.35 -3.56 49.20
N THR D 266 -24.00 -3.75 48.07
CA THR D 266 -23.40 -4.49 46.98
C THR D 266 -22.18 -3.72 46.40
N ILE D 267 -22.31 -2.42 46.28
CA ILE D 267 -21.22 -1.57 45.76
C ILE D 267 -19.96 -1.65 46.62
N MET D 268 -20.12 -1.40 47.92
CA MET D 268 -18.97 -1.36 48.82
C MET D 268 -18.29 -2.73 48.81
N SER D 269 -19.11 -3.77 48.74
CA SER D 269 -18.59 -5.11 48.75
C SER D 269 -17.90 -5.45 47.41
N TRP D 270 -18.52 -5.07 46.30
CA TRP D 270 -17.94 -5.38 44.99
C TRP D 270 -16.60 -4.65 44.77
N PHE D 271 -16.55 -3.39 45.20
CA PHE D 271 -15.35 -2.57 45.00
C PHE D 271 -14.28 -2.72 46.07
N ASN D 272 -14.55 -3.54 47.08
CA ASN D 272 -13.59 -3.65 48.18
C ASN D 272 -12.23 -4.16 47.70
N ASN D 273 -11.18 -3.53 48.21
CA ASN D 273 -9.82 -3.73 47.72
C ASN D 273 -9.59 -3.33 46.26
N SER D 274 -10.54 -2.59 45.69
CA SER D 274 -10.36 -1.96 44.39
C SER D 274 -10.48 -0.43 44.54
N ILE D 275 -10.11 0.31 43.49
CA ILE D 275 -10.31 1.75 43.53
C ILE D 275 -11.81 2.08 43.37
N MET D 276 -12.32 2.93 44.25
CA MET D 276 -13.74 3.22 44.30
C MET D 276 -14.20 4.11 43.13
N MET D 277 -15.33 3.77 42.53
CA MET D 277 -15.91 4.58 41.46
C MET D 277 -16.23 5.99 41.92
N TYR D 278 -16.15 6.94 40.99
CA TYR D 278 -16.58 8.31 41.23
C TYR D 278 -18.09 8.34 41.43
N MET D 279 -18.55 9.15 42.37
CA MET D 279 -19.98 9.31 42.63
C MET D 279 -20.39 10.77 42.61
N GLU D 280 -21.52 11.06 41.98
CA GLU D 280 -22.15 12.36 42.10
C GLU D 280 -22.54 12.60 43.56
N ASN D 281 -22.87 13.84 43.88
CA ASN D 281 -23.22 14.22 45.22
C ASN D 281 -24.23 13.33 45.91
N GLY D 282 -25.32 13.00 45.22
CA GLY D 282 -26.40 12.25 45.85
C GLY D 282 -26.00 10.82 46.23
N SER D 283 -25.32 10.13 45.33
CA SER D 283 -24.85 8.78 45.62
C SER D 283 -23.75 8.79 46.70
N LEU D 284 -22.84 9.77 46.64
CA LEU D 284 -21.80 9.84 47.65
C LEU D 284 -22.39 9.99 49.08
N LEU D 285 -23.37 10.86 49.23
CA LEU D 285 -24.08 10.98 50.53
C LEU D 285 -24.70 9.64 50.98
N GLN D 286 -25.41 8.97 50.07
CA GLN D 286 -26.02 7.67 50.38
C GLN D 286 -24.96 6.63 50.80
N ALA D 287 -23.80 6.66 50.15
CA ALA D 287 -22.72 5.76 50.55
C ALA D 287 -22.27 6.09 51.98
N GLY D 288 -22.16 7.38 52.28
CA GLY D 288 -21.77 7.82 53.61
C GLY D 288 -22.79 7.36 54.63
N MET D 289 -24.06 7.58 54.31
CA MET D 289 -25.16 7.16 55.16
C MET D 289 -25.22 5.65 55.38
N TYR D 290 -24.80 4.89 54.38
CA TYR D 290 -24.67 3.45 54.51
C TYR D 290 -23.71 3.13 55.66
N PHE D 291 -22.59 3.84 55.68
CA PHE D 291 -21.60 3.56 56.71
C PHE D 291 -22.08 4.03 58.09
N GLU D 292 -22.83 5.12 58.14
CA GLU D 292 -23.47 5.55 59.40
C GLU D 292 -24.34 4.42 59.97
N ARG D 293 -25.07 3.72 59.09
CA ARG D 293 -26.01 2.71 59.54
C ARG D 293 -25.34 1.38 59.79
N HIS D 294 -24.15 1.19 59.20
CA HIS D 294 -23.40 -0.05 59.31
C HIS D 294 -21.96 0.20 59.79
N PRO D 295 -21.78 0.53 61.08
CA PRO D 295 -20.46 0.77 61.67
C PRO D 295 -19.49 -0.34 61.36
N GLY D 296 -19.99 -1.57 61.35
CA GLY D 296 -19.21 -2.76 61.11
C GLY D 296 -18.57 -2.77 59.74
N ALA D 297 -19.29 -2.24 58.76
CA ALA D 297 -18.82 -2.20 57.39
C ALA D 297 -17.52 -1.42 57.28
N MET D 298 -17.39 -0.35 58.05
CA MET D 298 -16.17 0.44 58.00
C MET D 298 -14.95 -0.49 58.12
N VAL D 299 -15.06 -1.54 58.92
CA VAL D 299 -13.97 -2.49 59.03
C VAL D 299 -14.06 -3.58 57.97
N SER D 300 -15.24 -4.17 57.81
CA SER D 300 -15.46 -5.22 56.80
C SER D 300 -15.09 -4.84 55.36
N TYR D 301 -15.40 -3.61 54.97
CA TYR D 301 -15.05 -3.12 53.64
C TYR D 301 -14.18 -1.88 53.80
N ASN D 302 -13.06 -2.08 54.46
CA ASN D 302 -12.22 -0.97 54.89
C ASN D 302 -11.75 -0.08 53.75
N SER D 303 -11.27 -0.71 52.68
CA SER D 303 -10.71 0.02 51.56
C SER D 303 -11.78 0.86 50.85
N SER D 304 -12.99 0.31 50.74
CA SER D 304 -14.12 1.08 50.21
C SER D 304 -14.47 2.21 51.18
N PHE D 305 -14.51 1.92 52.48
CA PHE D 305 -14.86 2.96 53.45
C PHE D 305 -13.90 4.14 53.40
N ILE D 306 -12.60 3.85 53.34
CA ILE D 306 -11.59 4.90 53.37
C ILE D 306 -11.72 5.84 52.19
N GLN D 307 -11.85 5.29 51.00
CA GLN D 307 -11.98 6.10 49.81
C GLN D 307 -13.26 6.91 49.83
N ILE D 308 -14.36 6.26 50.22
CA ILE D 308 -15.64 6.94 50.32
C ILE D 308 -15.56 8.13 51.28
N VAL D 309 -14.94 7.95 52.44
CA VAL D 309 -14.76 9.04 53.39
C VAL D 309 -13.79 10.12 52.89
N MET D 310 -12.72 9.72 52.21
CA MET D 310 -11.83 10.71 51.60
C MET D 310 -12.59 11.57 50.60
N ASN D 311 -13.42 10.95 49.77
CA ASN D 311 -14.22 11.69 48.78
C ASN D 311 -15.25 12.61 49.46
N GLY D 312 -15.97 12.07 50.43
CA GLY D 312 -17.02 12.83 51.10
C GLY D 312 -16.47 13.99 51.91
N SER D 313 -15.31 13.79 52.53
CA SER D 313 -14.74 14.83 53.37
C SER D 313 -14.34 16.07 52.56
N ARG D 314 -14.17 15.90 51.25
CA ARG D 314 -13.77 17.01 50.39
C ARG D 314 -14.93 17.54 49.54
N ARG D 315 -16.10 16.93 49.67
CA ARG D 315 -17.23 17.27 48.83
C ARG D 315 -18.07 18.36 49.48
N ASP D 316 -18.16 19.52 48.83
CA ASP D 316 -18.89 20.65 49.39
C ASP D 316 -20.35 20.28 49.63
N GLY D 317 -20.84 20.57 50.84
CA GLY D 317 -22.20 20.25 51.20
C GLY D 317 -22.34 19.06 52.16
N MET D 318 -21.27 18.30 52.33
CA MET D 318 -21.32 17.10 53.17
C MET D 318 -20.01 16.83 53.89
N GLN D 319 -19.09 17.79 53.84
CA GLN D 319 -17.77 17.63 54.43
C GLN D 319 -17.84 17.34 55.93
N GLU D 320 -18.64 18.12 56.66
CA GLU D 320 -18.70 17.97 58.11
C GLU D 320 -19.29 16.62 58.50
N ARG D 321 -20.37 16.23 57.83
CA ARG D 321 -20.98 14.94 58.04
C ARG D 321 -19.97 13.78 57.85
N PHE D 322 -19.16 13.86 56.80
CA PHE D 322 -18.14 12.82 56.59
C PHE D 322 -17.01 12.81 57.62
N ARG D 323 -16.64 13.98 58.13
CA ARG D 323 -15.60 14.06 59.15
C ARG D 323 -16.04 13.46 60.47
N GLU D 324 -17.30 13.70 60.84
CA GLU D 324 -17.85 13.10 62.04
C GLU D 324 -17.90 11.60 61.87
N LEU D 325 -18.31 11.16 60.68
CA LEU D 325 -18.33 9.73 60.39
C LEU D 325 -16.92 9.15 60.58
N TYR D 326 -15.93 9.81 59.99
CA TYR D 326 -14.57 9.32 60.10
C TYR D 326 -14.13 9.31 61.56
N GLU D 327 -14.55 10.34 62.30
CA GLU D 327 -14.20 10.42 63.71
C GLU D 327 -14.82 9.28 64.53
N VAL D 328 -15.96 8.76 64.09
CA VAL D 328 -16.52 7.57 64.72
C VAL D 328 -15.63 6.36 64.50
N TYR D 329 -15.12 6.24 63.28
CA TYR D 329 -14.21 5.16 62.94
C TYR D 329 -12.92 5.23 63.76
N LEU D 330 -12.42 6.44 63.97
CA LEU D 330 -11.21 6.63 64.75
C LEU D 330 -11.29 6.00 66.14
N LYS D 331 -12.50 5.91 66.69
CA LYS D 331 -12.68 5.38 68.03
C LYS D 331 -12.61 3.87 68.03
N ASN D 332 -12.60 3.29 66.85
CA ASN D 332 -12.58 1.84 66.73
C ASN D 332 -11.38 1.21 67.46
N GLU D 333 -11.61 0.02 68.01
CA GLU D 333 -10.62 -0.70 68.82
C GLU D 333 -9.27 -0.91 68.13
N LYS D 334 -9.28 -1.38 66.88
CA LYS D 334 -8.02 -1.64 66.19
C LYS D 334 -7.47 -0.39 65.51
N VAL D 335 -8.14 0.74 65.67
CA VAL D 335 -7.69 1.98 65.05
C VAL D 335 -7.20 2.99 66.08
N TYR D 336 -7.83 2.99 67.25
CA TYR D 336 -7.48 3.96 68.29
C TYR D 336 -5.97 4.09 68.56
N PRO D 337 -5.27 2.96 68.75
CA PRO D 337 -3.81 3.00 68.99
C PRO D 337 -3.07 3.89 68.00
N VAL D 338 -3.40 3.78 66.71
CA VAL D 338 -2.69 4.55 65.69
C VAL D 338 -2.92 6.05 65.88
N THR D 339 -4.13 6.42 66.26
CA THR D 339 -4.45 7.84 66.45
C THR D 339 -3.68 8.39 67.63
N GLN D 340 -3.13 7.50 68.46
CA GLN D 340 -2.37 7.91 69.65
C GLN D 340 -0.87 8.15 69.38
N GLN D 341 -0.33 7.55 68.33
CA GLN D 341 1.06 7.78 67.96
C GLN D 341 1.28 9.25 67.65
N SER D 342 2.50 9.73 67.83
CA SER D 342 2.78 11.16 67.71
C SER D 342 2.58 11.71 66.30
N ASP D 343 2.69 10.83 65.31
CA ASP D 343 2.64 11.24 63.90
C ASP D 343 1.21 11.53 63.38
N PHE D 344 0.20 11.17 64.15
CA PHE D 344 -1.17 11.19 63.65
C PHE D 344 -1.82 12.58 63.54
N GLY D 345 -2.39 12.85 62.37
CA GLY D 345 -3.24 14.02 62.16
C GLY D 345 -2.57 15.33 62.49
N LEU D 346 -3.10 16.02 63.50
CA LEU D 346 -2.61 17.32 63.93
C LEU D 346 -1.21 17.23 64.54
N CYS D 347 -0.95 16.13 65.24
CA CYS D 347 0.30 15.93 65.97
C CYS D 347 0.30 16.74 67.27
N ASP D 348 -0.89 17.01 67.78
CA ASP D 348 -1.04 17.74 69.03
C ASP D 348 -1.42 16.78 70.14
N GLY D 349 -1.11 15.50 69.94
CA GLY D 349 -1.41 14.47 70.92
C GLY D 349 -2.89 14.21 71.15
N SER D 350 -3.74 15.04 70.54
CA SER D 350 -5.19 14.95 70.74
C SER D 350 -5.84 13.77 70.01
N GLY D 351 -5.10 13.19 69.06
CA GLY D 351 -5.60 12.05 68.30
C GLY D 351 -6.72 12.42 67.34
N LYS D 352 -6.85 13.72 67.07
CA LYS D 352 -7.80 14.21 66.08
C LYS D 352 -7.06 14.48 64.79
N PRO D 353 -7.71 14.21 63.65
CA PRO D 353 -7.11 14.48 62.32
C PRO D 353 -7.02 15.97 62.04
N ASP D 354 -6.15 16.36 61.10
CA ASP D 354 -6.04 17.75 60.68
C ASP D 354 -6.92 17.98 59.47
N TRP D 355 -8.11 18.54 59.69
CA TRP D 355 -9.08 18.70 58.61
C TRP D 355 -8.82 19.96 57.76
N ASP D 356 -7.82 20.73 58.15
CA ASP D 356 -7.52 21.97 57.43
C ASP D 356 -6.08 21.99 56.92
N ASP D 357 -5.78 21.05 56.04
CA ASP D 357 -4.48 20.98 55.38
C ASP D 357 -4.67 20.90 53.88
N ASP D 358 -4.60 22.05 53.22
CA ASP D 358 -4.79 22.12 51.78
C ASP D 358 -3.74 21.33 51.01
N SER D 359 -2.61 21.05 51.67
CA SER D 359 -1.54 20.29 51.06
C SER D 359 -1.86 18.79 50.96
N ASP D 360 -2.84 18.34 51.73
CA ASP D 360 -3.25 16.94 51.73
C ASP D 360 -2.13 16.04 52.24
N LEU D 361 -1.29 16.59 53.12
CA LEU D 361 -0.11 15.87 53.60
C LEU D 361 -0.22 15.36 55.03
N ALA D 362 -1.26 15.79 55.73
CA ALA D 362 -1.47 15.31 57.10
C ALA D 362 -1.68 13.80 57.06
N TYR D 363 -1.15 13.12 58.07
CA TYR D 363 -1.34 11.67 58.19
C TYR D 363 -2.66 11.32 58.88
N ASN D 364 -3.76 11.60 58.19
CA ASN D 364 -5.11 11.42 58.70
C ASN D 364 -5.66 10.00 58.54
N TRP D 365 -5.16 9.27 57.54
CA TRP D 365 -5.86 8.08 57.10
C TRP D 365 -5.26 6.77 57.57
N VAL D 366 -6.10 5.98 58.21
CA VAL D 366 -5.67 4.71 58.79
C VAL D 366 -6.39 3.56 58.10
N LEU D 367 -5.62 2.71 57.42
CA LEU D 367 -6.12 1.50 56.75
C LEU D 367 -5.84 0.26 57.59
N LEU D 368 -6.80 -0.66 57.61
CA LEU D 368 -6.67 -1.90 58.38
C LEU D 368 -6.34 -3.08 57.48
N SER D 369 -5.61 -4.05 58.02
CA SER D 369 -5.19 -5.20 57.25
C SER D 369 -6.37 -6.06 56.83
N SER D 370 -6.25 -6.69 55.67
CA SER D 370 -7.28 -7.59 55.17
C SER D 370 -7.20 -8.99 55.80
N GLN D 371 -6.14 -9.23 56.57
CA GLN D 371 -6.05 -10.48 57.31
C GLN D 371 -5.86 -10.19 58.79
N ASP D 372 -6.12 -11.19 59.63
CA ASP D 372 -5.97 -11.04 61.06
C ASP D 372 -4.49 -11.14 61.47
N ASP D 373 -3.79 -10.01 61.42
CA ASP D 373 -2.37 -9.96 61.79
C ASP D 373 -2.00 -8.65 62.46
N GLY D 374 -3.01 -7.93 62.95
CA GLY D 374 -2.80 -6.67 63.65
C GLY D 374 -2.19 -5.54 62.85
N MET D 375 -1.99 -5.75 61.54
CA MET D 375 -1.39 -4.71 60.70
C MET D 375 -2.31 -3.50 60.44
N ALA D 376 -1.71 -2.31 60.45
CA ALA D 376 -2.42 -1.07 60.15
C ALA D 376 -1.47 -0.05 59.50
N MET D 377 -1.95 0.56 58.42
CA MET D 377 -1.17 1.54 57.68
C MET D 377 -1.73 2.93 57.95
N MET D 378 -0.86 3.91 58.13
CA MET D 378 -1.31 5.29 58.33
C MET D 378 -0.69 6.17 57.26
N CYS D 379 -1.48 7.05 56.65
CA CYS D 379 -0.96 7.91 55.59
C CYS D 379 -1.79 9.13 55.26
N SER D 380 -1.27 9.91 54.33
CA SER D 380 -1.88 11.15 53.88
C SER D 380 -2.69 10.92 52.62
N LEU D 381 -3.62 11.81 52.35
CA LEU D 381 -4.39 11.74 51.12
C LEU D 381 -3.47 11.74 49.90
N SER D 382 -2.54 12.69 49.86
CA SER D 382 -1.62 12.86 48.73
C SER D 382 -0.91 11.57 48.34
N HIS D 383 -0.29 10.90 49.31
CA HIS D 383 0.44 9.67 49.01
C HIS D 383 -0.50 8.51 48.69
N MET D 384 -1.65 8.46 49.35
CA MET D 384 -2.67 7.46 49.04
C MET D 384 -3.03 7.55 47.57
N VAL D 385 -3.45 8.74 47.15
CA VAL D 385 -3.87 8.98 45.78
C VAL D 385 -2.74 8.64 44.82
N ASP D 386 -1.54 9.07 45.20
CA ASP D 386 -0.33 8.77 44.45
C ASP D 386 -0.12 7.26 44.26
N MET D 387 -0.32 6.49 45.33
CA MET D 387 -0.09 5.05 45.29
C MET D 387 -1.16 4.30 44.51
N LEU D 388 -2.37 4.86 44.47
CA LEU D 388 -3.47 4.21 43.78
C LEU D 388 -3.30 4.37 42.27
N SER D 389 -2.86 5.56 41.87
CA SER D 389 -2.62 5.84 40.45
C SER D 389 -1.18 6.29 40.23
N PRO D 390 -0.22 5.37 40.39
CA PRO D 390 1.18 5.76 40.45
C PRO D 390 1.74 6.17 39.11
N ASN D 391 2.88 6.83 39.15
CA ASN D 391 3.69 7.00 37.94
C ASN D 391 5.14 6.67 38.24
N THR D 392 6.01 6.97 37.29
CA THR D 392 7.42 6.64 37.42
C THR D 392 8.09 7.29 38.66
N SER D 393 7.47 8.34 39.19
CA SER D 393 8.05 9.13 40.29
C SER D 393 7.35 8.96 41.65
N THR D 394 6.48 7.96 41.75
CA THR D 394 5.76 7.71 42.99
C THR D 394 6.65 7.22 44.14
N ASN D 395 6.48 7.79 45.33
CA ASN D 395 7.18 7.28 46.49
C ASN D 395 6.35 6.21 47.20
N TRP D 396 6.89 5.00 47.23
CA TRP D 396 6.17 3.86 47.80
C TRP D 396 6.46 3.61 49.28
N MET D 397 7.14 4.56 49.93
CA MET D 397 7.59 4.36 51.31
C MET D 397 7.09 5.42 52.29
N SER D 398 6.17 6.26 51.84
CA SER D 398 5.77 7.47 52.57
C SER D 398 4.66 7.26 53.61
N PHE D 399 4.44 6.00 54.00
CA PHE D 399 3.40 5.67 54.97
C PHE D 399 4.02 5.09 56.24
N PHE D 400 3.24 5.02 57.32
CA PHE D 400 3.69 4.36 58.54
C PHE D 400 3.01 3.02 58.69
N LEU D 401 3.77 2.02 59.11
CA LEU D 401 3.22 0.69 59.30
C LEU D 401 3.12 0.44 60.80
N TYR D 402 2.10 -0.29 61.22
CA TYR D 402 1.92 -0.62 62.63
C TYR D 402 1.50 -2.08 62.77
N LYS D 403 2.03 -2.76 63.80
CA LYS D 403 1.50 -4.06 64.19
C LYS D 403 0.94 -3.98 65.62
N ASP D 404 -0.32 -4.39 65.77
CA ASP D 404 -1.01 -4.34 67.04
C ASP D 404 -0.79 -3.02 67.77
N GLY D 405 -0.65 -1.94 67.02
CA GLY D 405 -0.52 -0.61 67.59
C GLY D 405 0.90 -0.12 67.61
N GLU D 406 1.85 -1.04 67.57
CA GLU D 406 3.27 -0.70 67.67
C GLU D 406 3.89 -0.38 66.31
N VAL D 407 4.57 0.76 66.21
CA VAL D 407 5.35 1.09 65.03
C VAL D 407 6.17 -0.12 64.56
N GLN D 408 6.24 -0.33 63.26
CA GLN D 408 6.88 -1.52 62.71
C GLN D 408 8.07 -1.17 61.82
N ASN D 409 9.10 -2.02 61.87
CA ASN D 409 10.31 -1.85 61.06
C ASN D 409 10.05 -2.20 59.57
N THR D 410 9.99 -1.17 58.72
CA THR D 410 9.68 -1.35 57.30
C THR D 410 10.85 -1.91 56.46
N PHE D 411 12.06 -1.80 57.00
CA PHE D 411 13.23 -2.37 56.33
C PHE D 411 13.10 -3.89 56.23
N GLY D 412 12.44 -4.50 57.20
CA GLY D 412 12.19 -5.92 57.19
C GLY D 412 10.81 -6.26 56.65
N TYR D 413 10.45 -5.66 55.52
CA TYR D 413 9.16 -5.90 54.89
C TYR D 413 9.21 -5.74 53.38
N SER D 414 8.87 -6.81 52.67
CA SER D 414 8.69 -6.74 51.23
C SER D 414 7.39 -6.02 50.91
N LEU D 415 7.48 -4.92 50.17
CA LEU D 415 6.27 -4.18 49.78
C LEU D 415 5.32 -5.11 49.03
N SER D 416 5.86 -5.87 48.09
CA SER D 416 5.02 -6.80 47.35
C SER D 416 4.19 -7.66 48.30
N ASN D 417 4.85 -8.19 49.32
CA ASN D 417 4.17 -9.06 50.28
C ASN D 417 3.22 -8.30 51.18
N LEU D 418 3.64 -7.11 51.62
CA LEU D 418 2.79 -6.28 52.47
C LEU D 418 1.44 -6.05 51.79
N PHE D 419 1.49 -5.54 50.57
CA PHE D 419 0.28 -5.29 49.78
C PHE D 419 -0.53 -6.53 49.51
N SER D 420 0.08 -7.54 48.90
CA SER D 420 -0.66 -8.73 48.51
C SER D 420 -1.24 -9.47 49.71
N GLU D 421 -0.67 -9.26 50.89
CA GLU D 421 -1.11 -9.97 52.09
C GLU D 421 -2.07 -9.18 52.97
N SER D 422 -1.75 -7.91 53.21
CA SER D 422 -2.46 -7.13 54.21
C SER D 422 -3.19 -5.91 53.66
N PHE D 423 -2.70 -5.36 52.56
CA PHE D 423 -3.35 -4.21 51.91
C PHE D 423 -3.43 -4.38 50.39
N PRO D 424 -4.28 -5.33 49.95
CA PRO D 424 -4.35 -5.75 48.54
C PRO D 424 -4.71 -4.61 47.59
N ILE D 425 -5.26 -3.53 48.11
CA ILE D 425 -5.67 -2.43 47.23
C ILE D 425 -4.48 -1.83 46.48
N PHE D 426 -3.29 -1.86 47.09
CA PHE D 426 -2.11 -1.32 46.45
C PHE D 426 -1.38 -2.34 45.59
N SER D 427 -1.84 -3.58 45.65
CA SER D 427 -1.05 -4.67 45.10
C SER D 427 -0.90 -4.56 43.58
N ILE D 428 -2.02 -4.45 42.88
CA ILE D 428 -1.99 -4.33 41.43
C ILE D 428 -1.37 -3.02 40.95
N PRO D 429 -1.81 -1.88 41.50
CA PRO D 429 -1.19 -0.61 41.10
C PRO D 429 0.32 -0.66 41.28
N TYR D 430 0.75 -1.24 42.41
CA TYR D 430 2.17 -1.34 42.69
C TYR D 430 2.90 -2.22 41.68
N HIS D 431 2.41 -3.43 41.46
CA HIS D 431 3.05 -4.33 40.50
C HIS D 431 2.95 -3.84 39.07
N LYS D 432 1.86 -3.13 38.77
CA LYS D 432 1.70 -2.58 37.44
C LYS D 432 2.75 -1.50 37.17
N ALA D 433 3.02 -0.67 38.18
CA ALA D 433 4.00 0.39 38.00
C ALA D 433 5.38 -0.21 37.75
N PHE D 434 5.75 -1.18 38.59
CA PHE D 434 7.05 -1.83 38.45
C PHE D 434 7.18 -2.60 37.13
N SER D 435 6.05 -3.00 36.55
CA SER D 435 6.08 -3.79 35.32
C SER D 435 6.26 -2.93 34.08
N GLN D 436 6.11 -1.61 34.24
CA GLN D 436 6.23 -0.67 33.11
C GLN D 436 7.58 -0.72 32.41
N ASN D 437 7.56 -0.72 31.09
CA ASN D 437 8.82 -0.76 30.33
C ASN D 437 9.76 -1.88 30.79
N PHE D 438 9.19 -2.95 31.35
CA PHE D 438 10.02 -4.02 31.89
C PHE D 438 10.91 -4.62 30.81
N VAL D 439 10.31 -5.00 29.69
CA VAL D 439 11.07 -5.63 28.61
C VAL D 439 11.96 -4.60 27.92
N SER D 440 11.39 -3.45 27.58
CA SER D 440 12.18 -2.41 26.94
C SER D 440 13.37 -2.03 27.83
N GLY D 441 13.18 -2.09 29.14
CA GLY D 441 14.25 -1.85 30.09
C GLY D 441 15.42 -2.82 29.94
N ILE D 442 15.14 -4.11 29.86
CA ILE D 442 16.19 -5.11 29.67
C ILE D 442 16.85 -4.89 28.33
N LEU D 443 16.03 -4.57 27.32
CA LEU D 443 16.51 -4.33 25.96
C LEU D 443 17.48 -3.15 25.91
N ASP D 444 17.21 -2.12 26.71
CA ASP D 444 18.08 -0.93 26.75
C ASP D 444 19.48 -1.33 27.19
N ILE D 445 19.54 -2.12 28.26
CA ILE D 445 20.79 -2.67 28.78
C ILE D 445 21.49 -3.55 27.74
N LEU D 446 20.75 -4.49 27.16
CA LEU D 446 21.33 -5.42 26.21
C LEU D 446 21.86 -4.76 24.93
N ILE D 447 21.05 -3.90 24.32
CA ILE D 447 21.32 -3.45 22.96
C ILE D 447 21.69 -1.97 22.81
N SER D 448 22.83 -1.71 22.18
CA SER D 448 23.34 -0.35 22.00
C SER D 448 22.97 0.26 20.65
N ASP D 449 23.05 -0.53 19.59
CA ASP D 449 22.59 -0.06 18.28
C ASP D 449 21.12 0.34 18.40
N ASN D 450 20.84 1.62 18.17
CA ASN D 450 19.48 2.12 18.26
C ASN D 450 18.51 1.53 17.24
N GLU D 451 18.97 1.30 16.02
CA GLU D 451 18.10 0.73 14.98
C GLU D 451 17.74 -0.73 15.28
N LEU D 452 18.67 -1.47 15.88
CA LEU D 452 18.40 -2.88 16.22
C LEU D 452 17.45 -2.96 17.41
N LYS D 453 17.77 -2.22 18.47
CA LYS D 453 16.91 -2.19 19.64
C LYS D 453 15.46 -1.88 19.29
N GLU D 454 15.25 -0.97 18.33
CA GLU D 454 13.90 -0.61 17.95
C GLU D 454 13.20 -1.73 17.18
N ARG D 455 13.99 -2.58 16.54
CA ARG D 455 13.45 -3.81 15.97
C ARG D 455 12.78 -4.62 17.08
N PHE D 456 13.51 -4.84 18.18
CA PHE D 456 12.97 -5.58 19.32
C PHE D 456 11.78 -4.86 19.95
N ILE D 457 11.89 -3.54 20.09
CA ILE D 457 10.86 -2.75 20.75
C ILE D 457 9.54 -2.73 19.98
N GLU D 458 9.59 -2.51 18.68
CA GLU D 458 8.40 -2.49 17.84
C GLU D 458 7.70 -3.85 17.80
N ALA D 459 8.49 -4.91 17.83
CA ALA D 459 7.95 -6.27 17.77
C ALA D 459 7.02 -6.55 18.95
N LEU D 460 7.25 -5.89 20.08
CA LEU D 460 6.39 -6.04 21.26
C LEU D 460 4.92 -5.67 21.00
N ASN D 461 4.67 -4.93 19.93
CA ASN D 461 3.34 -4.35 19.66
C ASN D 461 2.43 -5.22 18.83
N SER D 462 2.96 -6.35 18.35
CA SER D 462 2.17 -7.27 17.57
C SER D 462 2.54 -8.72 17.90
N ASN D 463 1.59 -9.61 17.72
CA ASN D 463 1.78 -11.02 17.98
C ASN D 463 2.63 -11.72 16.91
N LYS D 464 2.83 -11.05 15.78
CA LYS D 464 3.54 -11.61 14.63
C LYS D 464 4.54 -10.61 14.07
N SER D 465 5.60 -11.12 13.45
CA SER D 465 6.57 -10.25 12.78
C SER D 465 7.02 -10.79 11.41
N ASP D 466 7.07 -9.91 10.42
CA ASP D 466 7.57 -10.27 9.10
C ASP D 466 9.07 -10.07 8.99
N TYR D 467 9.62 -9.22 9.87
CA TYR D 467 11.07 -9.02 9.95
C TYR D 467 11.72 -10.20 10.67
N LYS D 468 12.70 -10.82 10.03
CA LYS D 468 13.35 -12.01 10.59
C LYS D 468 14.85 -11.79 10.82
N MET D 469 15.45 -12.65 11.63
CA MET D 469 16.86 -12.53 11.98
C MET D 469 17.57 -13.87 11.89
N ILE D 470 17.31 -14.61 10.82
CA ILE D 470 18.01 -15.88 10.61
C ILE D 470 19.15 -15.77 9.61
N ALA D 471 19.26 -14.59 8.97
CA ALA D 471 20.34 -14.30 8.02
C ALA D 471 21.70 -14.36 8.68
N ASP D 472 22.68 -14.92 7.98
CA ASP D 472 24.04 -15.07 8.50
C ASP D 472 24.55 -13.78 9.12
N ASP D 473 24.39 -12.67 8.41
CA ASP D 473 24.78 -11.36 8.92
C ASP D 473 24.05 -11.01 10.22
N GLN D 474 22.74 -11.23 10.24
CA GLN D 474 21.92 -10.95 11.41
C GLN D 474 22.29 -11.81 12.62
N GLN D 475 22.55 -13.10 12.38
CA GLN D 475 22.96 -13.96 13.47
C GLN D 475 24.27 -13.44 14.06
N ARG D 476 25.13 -12.93 13.17
CA ARG D 476 26.43 -12.40 13.59
C ARG D 476 26.24 -11.12 14.38
N LYS D 477 25.34 -10.27 13.91
CA LYS D 477 25.00 -9.05 14.63
C LYS D 477 24.49 -9.38 16.04
N LEU D 478 23.65 -10.42 16.14
CA LEU D 478 23.09 -10.89 17.42
C LEU D 478 24.17 -11.44 18.34
N ALA D 479 25.10 -12.19 17.76
CA ALA D 479 26.18 -12.77 18.54
C ALA D 479 27.06 -11.67 19.13
N CYS D 480 27.31 -10.62 18.34
CA CYS D 480 28.13 -9.52 18.82
C CYS D 480 27.52 -8.88 20.06
N VAL D 481 26.24 -8.53 19.98
CA VAL D 481 25.58 -7.86 21.09
C VAL D 481 25.41 -8.75 22.34
N TRP D 482 25.09 -10.03 22.13
CA TRP D 482 24.74 -10.90 23.25
C TRP D 482 25.92 -11.66 23.87
N ASN D 483 26.97 -11.90 23.09
CA ASN D 483 28.07 -12.71 23.61
C ASN D 483 28.71 -12.22 24.92
N PRO D 484 28.81 -10.90 25.10
CA PRO D 484 29.32 -10.38 26.38
C PRO D 484 28.39 -10.68 27.55
N PHE D 485 27.19 -11.18 27.27
CA PHE D 485 26.22 -11.42 28.34
C PHE D 485 26.01 -12.91 28.60
N LEU D 486 26.66 -13.74 27.80
CA LEU D 486 26.45 -15.17 27.86
C LEU D 486 27.71 -15.94 28.24
N ASP D 487 27.56 -16.93 29.12
CA ASP D 487 28.57 -17.96 29.33
C ASP D 487 27.99 -19.28 28.84
N GLY D 488 28.06 -19.51 27.54
CA GLY D 488 27.47 -20.70 26.95
C GLY D 488 25.95 -20.56 26.90
N TRP D 489 25.26 -21.48 27.57
CA TRP D 489 23.80 -21.45 27.61
C TRP D 489 23.33 -20.87 28.92
N GLU D 490 24.28 -20.36 29.70
CA GLU D 490 23.96 -19.72 30.95
C GLU D 490 24.22 -18.23 30.86
N LEU D 491 23.64 -17.48 31.78
CA LEU D 491 23.87 -16.05 31.86
C LEU D 491 25.24 -15.73 32.44
N ASN D 492 25.93 -14.76 31.83
CA ASN D 492 27.14 -14.19 32.38
C ASN D 492 26.90 -13.76 33.83
N ALA D 493 27.78 -14.18 34.72
CA ALA D 493 27.57 -13.96 36.16
C ALA D 493 27.34 -12.49 36.51
N GLN D 494 28.06 -11.61 35.83
CA GLN D 494 27.99 -10.18 36.13
C GLN D 494 26.67 -9.64 35.66
N HIS D 495 26.19 -10.16 34.53
CA HIS D 495 24.90 -9.77 33.98
C HIS D 495 23.78 -10.14 34.95
N VAL D 496 23.90 -11.31 35.57
CA VAL D 496 22.92 -11.77 36.52
C VAL D 496 22.84 -10.81 37.71
N ASP D 497 24.00 -10.40 38.23
CA ASP D 497 24.04 -9.45 39.33
C ASP D 497 23.34 -8.17 38.92
N MET D 498 23.57 -7.74 37.69
CA MET D 498 22.95 -6.52 37.17
C MET D 498 21.43 -6.65 37.13
N ILE D 499 20.93 -7.77 36.59
CA ILE D 499 19.50 -8.00 36.47
C ILE D 499 18.82 -8.13 37.83
N MET D 500 19.43 -8.91 38.70
CA MET D 500 18.85 -9.17 40.01
C MET D 500 18.90 -7.91 40.89
N GLY D 501 19.74 -6.96 40.48
CA GLY D 501 19.93 -5.72 41.22
C GLY D 501 19.09 -4.57 40.69
N SER D 502 18.41 -4.79 39.57
CA SER D 502 17.56 -3.75 38.96
C SER D 502 16.51 -3.24 39.94
N HIS D 503 15.90 -2.10 39.62
CA HIS D 503 14.84 -1.56 40.45
C HIS D 503 13.63 -2.48 40.39
N VAL D 504 13.37 -3.05 39.22
CA VAL D 504 12.19 -3.88 39.02
C VAL D 504 12.23 -5.17 39.84
N LEU D 505 13.43 -5.63 40.16
CA LEU D 505 13.57 -6.95 40.80
C LEU D 505 14.15 -6.92 42.21
N LYS D 506 15.03 -5.96 42.47
CA LYS D 506 15.77 -5.91 43.74
C LYS D 506 14.92 -6.18 44.97
N ASP D 507 13.79 -5.50 45.07
CA ASP D 507 13.01 -5.55 46.30
C ASP D 507 11.84 -6.51 46.22
N MET D 508 11.76 -7.21 45.09
CA MET D 508 10.75 -8.24 44.88
C MET D 508 11.12 -9.49 45.69
N PRO D 509 10.11 -10.21 46.21
CA PRO D 509 10.34 -11.45 46.96
C PRO D 509 10.85 -12.57 46.03
N LEU D 510 11.53 -13.57 46.58
CA LEU D 510 12.08 -14.66 45.78
C LEU D 510 11.11 -15.22 44.73
N ARG D 511 9.95 -15.69 45.17
CA ARG D 511 9.01 -16.32 44.25
C ARG D 511 8.59 -15.40 43.09
N LYS D 512 8.46 -14.11 43.38
CA LYS D 512 8.05 -13.14 42.37
C LYS D 512 9.22 -12.88 41.43
N GLN D 513 10.42 -12.86 41.98
CA GLN D 513 11.62 -12.73 41.17
C GLN D 513 11.69 -13.88 40.16
N ALA D 514 11.48 -15.10 40.65
CA ALA D 514 11.46 -16.28 39.79
C ALA D 514 10.37 -16.22 38.71
N GLU D 515 9.17 -15.76 39.08
CA GLU D 515 8.05 -15.70 38.15
C GLU D 515 8.28 -14.66 37.07
N ILE D 516 8.78 -13.50 37.48
CA ILE D 516 9.17 -12.47 36.54
C ILE D 516 10.29 -12.95 35.60
N LEU D 517 11.29 -13.65 36.16
CA LEU D 517 12.36 -14.19 35.34
C LEU D 517 11.81 -15.22 34.36
N PHE D 518 10.85 -16.02 34.82
CA PHE D 518 10.16 -16.99 33.97
C PHE D 518 9.52 -16.28 32.77
N CYS D 519 8.86 -15.16 33.02
CA CYS D 519 8.22 -14.39 31.95
C CYS D 519 9.19 -13.79 30.91
N LEU D 520 10.30 -13.23 31.39
CA LEU D 520 11.32 -12.69 30.50
C LEU D 520 11.93 -13.83 29.64
N GLY D 521 12.20 -14.96 30.26
CA GLY D 521 12.63 -16.15 29.53
C GLY D 521 11.64 -16.51 28.45
N GLY D 522 10.34 -16.41 28.79
CA GLY D 522 9.29 -16.64 27.82
C GLY D 522 9.29 -15.61 26.71
N VAL D 523 9.63 -14.36 27.04
CA VAL D 523 9.72 -13.30 26.03
C VAL D 523 10.78 -13.63 24.94
N PHE D 524 11.94 -14.10 25.39
CA PHE D 524 13.02 -14.40 24.46
C PHE D 524 12.81 -15.72 23.73
N CYS D 525 12.09 -16.64 24.38
CA CYS D 525 11.60 -17.81 23.67
C CYS D 525 10.71 -17.34 22.52
N LYS D 526 9.77 -16.44 22.82
CA LYS D 526 8.87 -15.91 21.79
C LYS D 526 9.60 -15.16 20.65
N TYR D 527 10.58 -14.34 21.02
CA TYR D 527 11.40 -13.64 20.01
C TYR D 527 12.04 -14.64 19.04
N SER D 528 12.54 -15.74 19.59
CA SER D 528 13.24 -16.76 18.79
C SER D 528 12.29 -17.54 17.88
N SER D 529 10.98 -17.41 18.11
CA SER D 529 10.04 -18.32 17.46
C SER D 529 9.64 -17.94 16.03
N SER D 530 8.97 -18.87 15.36
CA SER D 530 8.54 -18.67 13.98
C SER D 530 7.48 -17.56 13.87
N ASP D 531 6.88 -17.20 15.00
CA ASP D 531 5.97 -16.06 15.04
C ASP D 531 6.72 -14.75 14.82
N MET D 532 7.90 -14.67 15.44
CA MET D 532 8.61 -13.41 15.57
C MET D 532 9.87 -13.39 14.70
N PHE D 533 11.06 -13.42 15.29
CA PHE D 533 12.26 -13.21 14.50
C PHE D 533 12.80 -14.49 13.89
N GLY D 534 12.21 -15.62 14.28
CA GLY D 534 12.59 -16.89 13.69
C GLY D 534 11.64 -17.27 12.57
N THR D 535 11.89 -18.43 11.98
CA THR D 535 11.02 -18.99 10.96
C THR D 535 10.68 -20.40 11.39
N GLU D 536 9.84 -21.07 10.63
CA GLU D 536 9.42 -22.43 10.95
C GLU D 536 10.61 -23.33 11.28
N TYR D 537 11.60 -23.34 10.39
CA TYR D 537 12.71 -24.29 10.52
C TYR D 537 14.02 -23.68 11.00
N ASP D 538 14.02 -22.37 11.30
CA ASP D 538 15.24 -21.70 11.74
C ASP D 538 14.99 -20.73 12.91
N SER D 539 15.67 -20.95 14.02
CA SER D 539 15.43 -20.20 15.25
C SER D 539 16.75 -19.68 15.81
N PRO D 540 16.98 -18.35 15.73
CA PRO D 540 18.23 -17.67 16.15
C PRO D 540 18.76 -18.17 17.48
N GLU D 541 19.86 -18.93 17.42
CA GLU D 541 20.37 -19.62 18.59
C GLU D 541 20.67 -18.70 19.76
N ILE D 542 21.03 -17.46 19.42
CA ILE D 542 21.43 -16.50 20.45
C ILE D 542 20.25 -16.14 21.36
N LEU D 543 19.09 -15.92 20.78
CA LEU D 543 17.89 -15.62 21.58
C LEU D 543 17.48 -16.82 22.45
N ARG D 544 17.68 -18.03 21.92
CA ARG D 544 17.44 -19.23 22.68
C ARG D 544 18.39 -19.38 23.85
N ARG D 545 19.65 -19.03 23.64
CA ARG D 545 20.62 -19.16 24.73
C ARG D 545 20.27 -18.18 25.80
N TYR D 546 19.86 -16.98 25.40
CA TYR D 546 19.52 -15.97 26.37
C TYR D 546 18.31 -16.43 27.18
N ALA D 547 17.31 -16.97 26.49
CA ALA D 547 16.09 -17.48 27.14
C ALA D 547 16.42 -18.62 28.11
N ASN D 548 17.28 -19.53 27.64
CA ASN D 548 17.79 -20.62 28.47
C ASN D 548 18.44 -20.11 29.75
N GLY D 549 19.28 -19.09 29.64
CA GLY D 549 19.96 -18.60 30.82
C GLY D 549 18.99 -17.95 31.81
N LEU D 550 17.98 -17.27 31.27
CA LEU D 550 16.97 -16.63 32.11
C LEU D 550 16.19 -17.68 32.89
N ILE D 551 15.85 -18.76 32.23
CA ILE D 551 15.11 -19.83 32.80
C ILE D 551 15.89 -20.58 33.87
N GLU D 552 17.16 -20.86 33.63
CA GLU D 552 18.04 -21.45 34.62
C GLU D 552 18.17 -20.57 35.85
N GLN D 553 18.27 -19.29 35.63
CA GLN D 553 18.29 -18.34 36.70
C GLN D 553 16.98 -18.28 37.45
N ALA D 554 15.85 -18.38 36.77
CA ALA D 554 14.57 -18.46 37.46
C ALA D 554 14.51 -19.68 38.37
N TYR D 555 14.96 -20.82 37.85
CA TYR D 555 14.97 -22.06 38.63
C TYR D 555 15.89 -21.95 39.85
N LYS D 556 17.01 -21.27 39.67
CA LYS D 556 17.97 -21.06 40.75
C LYS D 556 17.30 -20.20 41.84
N THR D 557 16.53 -19.21 41.40
CA THR D 557 15.94 -18.25 42.31
C THR D 557 14.81 -18.88 43.11
N ASP D 558 13.89 -19.57 42.43
CA ASP D 558 12.86 -20.33 43.12
C ASP D 558 12.31 -21.46 42.24
N PRO D 559 12.75 -22.69 42.50
CA PRO D 559 12.39 -23.85 41.69
C PRO D 559 10.91 -24.17 41.71
N GLN D 560 10.21 -23.84 42.80
CA GLN D 560 8.78 -24.16 42.90
C GLN D 560 7.96 -23.53 41.76
N VAL D 561 8.44 -22.41 41.23
CA VAL D 561 7.70 -21.72 40.17
C VAL D 561 7.47 -22.62 38.94
N PHE D 562 8.31 -23.66 38.84
CA PHE D 562 8.26 -24.58 37.71
C PHE D 562 7.35 -25.79 37.93
N GLY D 563 7.00 -26.06 39.20
CA GLY D 563 6.14 -27.20 39.49
C GLY D 563 6.92 -28.48 39.69
N SER D 564 7.69 -28.89 38.69
CA SER D 564 8.54 -30.07 38.79
C SER D 564 9.88 -29.86 38.08
N VAL D 565 10.90 -30.60 38.48
CA VAL D 565 12.20 -30.50 37.84
C VAL D 565 12.08 -30.99 36.41
N TYR D 566 11.14 -31.90 36.16
CA TYR D 566 10.97 -32.49 34.83
C TYR D 566 10.53 -31.44 33.81
N TYR D 567 9.65 -30.54 34.24
CA TYR D 567 9.18 -29.45 33.38
C TYR D 567 10.31 -28.47 33.11
N TYR D 568 11.02 -28.09 34.16
CA TYR D 568 12.24 -27.28 34.04
C TYR D 568 13.20 -27.88 33.02
N ASN D 569 13.52 -29.15 33.21
CA ASN D 569 14.44 -29.83 32.31
C ASN D 569 13.95 -29.83 30.88
N ASP D 570 12.65 -29.97 30.69
CA ASP D 570 12.10 -30.05 29.34
C ASP D 570 12.13 -28.70 28.61
N ILE D 571 11.92 -27.61 29.35
CA ILE D 571 12.04 -26.28 28.77
C ILE D 571 13.46 -26.08 28.21
N LEU D 572 14.45 -26.43 29.03
CA LEU D 572 15.85 -26.33 28.62
C LEU D 572 16.12 -27.21 27.41
N ASP D 573 15.64 -28.45 27.48
CA ASP D 573 15.83 -29.38 26.37
C ASP D 573 15.26 -28.79 25.09
N ARG D 574 14.06 -28.22 25.16
CA ARG D 574 13.44 -27.70 23.94
C ARG D 574 14.18 -26.46 23.39
N LEU D 575 14.65 -25.61 24.29
CA LEU D 575 15.41 -24.42 23.90
C LEU D 575 16.66 -24.85 23.10
N GLN D 576 17.23 -25.98 23.49
CA GLN D 576 18.45 -26.50 22.87
C GLN D 576 18.16 -27.49 21.75
N GLY D 577 16.87 -27.75 21.50
CA GLY D 577 16.47 -28.69 20.44
C GLY D 577 16.93 -30.12 20.72
N ARG D 578 17.16 -30.43 21.99
CA ARG D 578 17.71 -31.73 22.37
C ARG D 578 16.75 -32.85 22.00
N ASN D 579 17.23 -33.78 21.16
CA ASN D 579 16.41 -34.89 20.67
C ASN D 579 15.19 -34.46 19.84
N ASN D 580 15.23 -33.26 19.28
CA ASN D 580 14.17 -32.80 18.41
C ASN D 580 14.58 -32.88 16.95
N VAL D 581 13.63 -33.25 16.09
CA VAL D 581 13.86 -33.26 14.66
C VAL D 581 14.00 -31.81 14.23
N PHE D 582 13.08 -30.96 14.67
CA PHE D 582 13.23 -29.52 14.48
C PHE D 582 13.14 -28.76 15.80
N THR D 583 14.03 -27.80 15.97
CA THR D 583 13.95 -26.93 17.13
C THR D 583 12.67 -26.08 17.00
N CYS D 584 11.77 -26.19 17.98
CA CYS D 584 10.47 -25.53 17.84
C CYS D 584 10.07 -24.66 19.05
N THR D 585 10.48 -23.39 19.03
CA THR D 585 10.20 -22.55 20.18
C THR D 585 8.77 -22.01 20.18
N ALA D 586 8.09 -22.08 19.04
CA ALA D 586 6.67 -21.68 18.97
C ALA D 586 5.85 -22.55 19.92
N VAL D 587 6.00 -23.87 19.79
CA VAL D 587 5.34 -24.79 20.70
C VAL D 587 5.78 -24.54 22.15
N LEU D 588 7.06 -24.30 22.38
CA LEU D 588 7.54 -24.02 23.74
C LEU D 588 6.92 -22.74 24.32
N THR D 589 6.78 -21.71 23.48
CA THR D 589 6.21 -20.45 23.92
C THR D 589 4.82 -20.70 24.54
N ASP D 590 4.00 -21.49 23.84
CA ASP D 590 2.66 -21.80 24.30
C ASP D 590 2.69 -22.58 25.61
N MET D 591 3.61 -23.54 25.71
CA MET D 591 3.82 -24.26 26.95
C MET D 591 4.18 -23.34 28.13
N LEU D 592 5.04 -22.36 27.87
CA LEU D 592 5.43 -21.41 28.91
C LEU D 592 4.26 -20.50 29.34
N THR D 593 3.52 -19.97 28.38
CA THR D 593 2.45 -19.02 28.72
C THR D 593 1.26 -19.77 29.35
N GLU D 594 1.01 -20.99 28.89
CA GLU D 594 0.01 -21.85 29.49
C GLU D 594 0.33 -22.05 30.96
N HIS D 595 1.57 -22.42 31.23
CA HIS D 595 2.00 -22.64 32.60
C HIS D 595 1.89 -21.38 33.46
N ALA D 596 2.35 -20.25 32.94
CA ALA D 596 2.37 -19.02 33.72
C ALA D 596 0.96 -18.53 34.06
N LYS D 597 0.05 -18.63 33.10
CA LYS D 597 -1.35 -18.27 33.34
C LYS D 597 -1.95 -19.14 34.44
N GLU D 598 -1.60 -20.42 34.43
CA GLU D 598 -2.10 -21.37 35.41
C GLU D 598 -1.53 -21.18 36.83
N SER D 599 -0.23 -20.90 36.92
CA SER D 599 0.45 -20.85 38.21
C SER D 599 0.65 -19.45 38.79
N PHE D 600 0.73 -18.44 37.93
CA PHE D 600 0.88 -17.05 38.38
C PHE D 600 0.31 -16.05 37.38
N PRO D 601 -1.01 -16.12 37.16
CA PRO D 601 -1.70 -15.32 36.13
C PRO D 601 -1.53 -13.83 36.35
N GLU D 602 -1.41 -13.43 37.61
CA GLU D 602 -1.30 -12.00 37.94
C GLU D 602 0.00 -11.41 37.45
N ILE D 603 1.12 -12.02 37.84
CA ILE D 603 2.43 -11.63 37.31
C ILE D 603 2.45 -11.76 35.79
N PHE D 604 1.94 -12.87 35.26
CA PHE D 604 1.93 -13.08 33.82
C PHE D 604 1.18 -11.97 33.06
N SER D 605 0.04 -11.56 33.58
CA SER D 605 -0.74 -10.52 32.92
C SER D 605 -0.01 -9.17 32.95
N LEU D 606 0.90 -8.98 33.90
CA LEU D 606 1.61 -7.70 34.03
C LEU D 606 2.95 -7.62 33.31
N TYR D 607 3.70 -8.71 33.32
CA TYR D 607 5.08 -8.69 32.81
C TYR D 607 5.26 -9.24 31.39
N TYR D 608 4.31 -10.04 30.94
CA TYR D 608 4.39 -10.55 29.57
C TYR D 608 3.66 -9.56 28.66
N PRO D 609 4.25 -9.22 27.49
CA PRO D 609 3.70 -8.16 26.63
C PRO D 609 2.26 -8.45 26.25
N VAL D 610 1.38 -7.47 26.44
CA VAL D 610 -0.04 -7.69 26.24
C VAL D 610 -0.39 -8.13 24.83
N ALA D 611 0.29 -7.58 23.82
CA ALA D 611 -0.03 -7.96 22.44
C ALA D 611 0.33 -9.43 22.17
N TRP D 612 1.05 -10.04 23.09
CA TRP D 612 1.54 -11.42 22.91
C TRP D 612 0.67 -12.46 23.61
N ARG D 613 -0.30 -12.03 24.40
CA ARG D 613 -1.18 -13.00 25.06
C ARG D 613 -2.63 -12.78 24.67
C1 GOL E . 22.51 -6.43 -34.08
O1 GOL E . 22.54 -7.83 -34.01
C2 GOL E . 23.76 -5.93 -34.80
O2 GOL E . 23.37 -5.12 -35.91
C3 GOL E . 24.65 -5.05 -33.90
O3 GOL E . 25.41 -5.74 -32.92
C1 GOL F . 16.82 -10.16 -34.28
O1 GOL F . 17.02 -10.87 -35.49
C2 GOL F . 17.54 -8.83 -34.34
O2 GOL F . 16.91 -7.92 -33.44
C3 GOL F . 19.03 -9.03 -34.01
O3 GOL F . 19.82 -8.54 -35.08
C1 GOL G . 13.94 2.18 -33.86
O1 GOL G . 12.84 2.87 -33.28
C2 GOL G . 14.53 3.00 -35.02
O2 GOL G . 15.02 4.23 -34.54
C3 GOL G . 15.66 2.23 -35.72
O3 GOL G . 16.94 2.56 -35.22
C1 GOL H . 52.71 -8.82 -42.69
O1 GOL H . 52.69 -10.22 -42.78
C2 GOL H . 53.92 -8.43 -41.83
O2 GOL H . 55.03 -9.24 -42.16
C3 GOL H . 54.23 -6.95 -42.02
O3 GOL H . 55.41 -6.58 -41.32
C1 GOL I . 12.07 8.78 -20.37
O1 GOL I . 12.02 7.91 -19.25
C2 GOL I . 13.43 8.70 -21.06
O2 GOL I . 13.84 7.34 -21.17
C3 GOL I . 13.36 9.34 -22.44
O3 GOL I . 13.13 8.38 -23.45
C1 GOL J . 46.34 4.44 -25.73
O1 GOL J . 45.51 3.44 -25.18
C2 GOL J . 47.68 4.44 -25.00
O2 GOL J . 47.76 3.34 -24.12
C3 GOL J . 48.84 4.48 -25.99
O3 GOL J . 49.39 3.20 -26.16
C1 GOL K . 61.50 -3.97 -50.82
O1 GOL K . 60.11 -3.95 -50.60
C2 GOL K . 61.99 -5.42 -50.96
O2 GOL K . 62.34 -5.73 -52.30
C3 GOL K . 63.16 -5.67 -50.01
O3 GOL K . 62.67 -5.91 -48.70
C1 GOL L . 30.58 -10.52 -32.76
O1 GOL L . 31.35 -9.75 -31.85
C2 GOL L . 31.54 -11.23 -33.71
O2 GOL L . 31.16 -12.57 -33.90
C3 GOL L . 31.55 -10.52 -35.04
O3 GOL L . 32.57 -11.10 -35.82
C1 GOL M . 40.06 -25.00 -35.13
O1 GOL M . 38.72 -25.46 -35.09
C2 GOL M . 40.19 -23.77 -36.01
O2 GOL M . 39.00 -23.02 -36.04
C3 GOL M . 41.33 -22.87 -35.55
O3 GOL M . 41.62 -21.97 -36.60
C1 GOL N . -4.51 18.53 -22.27
O1 GOL N . -3.67 18.51 -21.15
C2 GOL N . -5.10 17.14 -22.54
O2 GOL N . -6.33 16.99 -21.87
C3 GOL N . -5.27 16.94 -24.04
O3 GOL N . -6.08 15.82 -24.33
C1 GOL O . 15.97 1.97 -39.07
O1 GOL O . 15.69 0.68 -38.56
C2 GOL O . 16.58 1.87 -40.47
O2 GOL O . 15.58 2.12 -41.44
C3 GOL O . 17.76 2.84 -40.62
O3 GOL O . 18.09 2.98 -41.99
C1 GOL P . 59.02 -35.10 -44.26
O1 GOL P . 59.49 -35.68 -45.45
C2 GOL P . 60.10 -35.14 -43.18
O2 GOL P . 60.49 -33.84 -42.79
C3 GOL P . 59.63 -35.96 -41.98
O3 GOL P . 58.75 -35.21 -41.17
C1 GOL Q . 32.89 -20.35 -46.45
O1 GOL Q . 32.57 -21.36 -47.39
C2 GOL Q . 34.41 -20.25 -46.38
O2 GOL Q . 34.81 -18.98 -46.84
C3 GOL Q . 34.90 -20.47 -44.95
O3 GOL Q . 35.04 -19.24 -44.28
O1 MES R . 12.20 12.84 -55.27
C2 MES R . 11.99 11.56 -54.67
C3 MES R . 10.53 11.28 -54.37
N4 MES R . 9.80 11.54 -55.60
C5 MES R . 10.03 12.78 -56.33
C6 MES R . 10.98 13.58 -55.46
C7 MES R . 8.85 10.57 -56.14
C8 MES R . 7.75 10.38 -55.09
S MES R . 6.78 9.10 -55.52
O1S MES R . 7.33 8.41 -56.71
O2S MES R . 6.72 8.11 -54.42
O3S MES R . 5.39 9.60 -55.75
S SO4 S . 18.94 -16.30 -11.83
O1 SO4 S . 19.22 -17.71 -11.53
O2 SO4 S . 19.17 -15.47 -10.67
O3 SO4 S . 19.85 -15.88 -12.90
O4 SO4 S . 17.56 -16.17 -12.28
S SO4 T . 4.56 -3.93 -44.82
O1 SO4 T . 5.26 -5.21 -44.81
O2 SO4 T . 4.30 -3.50 -43.45
O3 SO4 T . 5.37 -2.93 -45.50
O4 SO4 T . 3.29 -4.07 -45.53
S SO4 U . 52.97 -4.30 -66.36
O1 SO4 U . 53.59 -5.59 -66.64
O2 SO4 U . 52.44 -4.28 -65.00
O3 SO4 U . 53.99 -3.26 -66.51
O4 SO4 U . 51.89 -4.07 -67.32
S SO4 V . 20.27 9.58 -13.71
O1 SO4 V . 20.82 9.34 -15.06
O2 SO4 V . 20.51 8.46 -12.81
O3 SO4 V . 20.89 10.78 -13.19
O4 SO4 V . 18.83 9.81 -13.79
S1 DTT W . 17.58 -14.44 -30.30
C1 DTT W . 19.00 -13.31 -30.41
C2 DTT W . 19.27 -12.95 -31.86
O2 DTT W . 18.56 -11.75 -32.07
C3 DTT W . 18.83 -14.05 -32.84
O3 DTT W . 19.40 -13.89 -34.11
C4 DTT W . 19.26 -15.44 -32.39
S4 DTT W . 18.12 -16.75 -32.93
C1 GOL X . -22.74 11.52 28.89
O1 GOL X . -23.23 11.03 27.66
C2 GOL X . -21.29 11.06 29.09
O2 GOL X . -21.30 9.71 29.50
C3 GOL X . -20.53 11.20 27.78
O3 GOL X . -19.21 10.74 27.95
C1 GOL Y . -16.09 1.22 37.17
O1 GOL Y . -17.26 1.84 37.67
C2 GOL Y . -14.96 2.24 36.96
O2 GOL Y . -15.20 3.02 35.81
C3 GOL Y . -14.82 3.19 38.15
O3 GOL Y . -13.61 2.97 38.83
C1 GOL Z . -41.30 -20.43 52.14
O1 GOL Z . -40.81 -21.11 53.28
C2 GOL Z . -41.29 -18.94 52.43
O2 GOL Z . -42.49 -18.40 51.93
C3 GOL Z . -40.12 -18.33 51.70
O3 GOL Z . -40.13 -16.93 51.84
C1 GOL AA . -24.73 11.15 35.27
O1 GOL AA . -25.52 12.22 35.75
C2 GOL AA . -23.54 11.68 34.47
O2 GOL AA . -22.95 12.76 35.16
C3 GOL AA . -22.51 10.56 34.29
O3 GOL AA . -21.20 11.07 34.18
S SO4 BA . -23.80 -1.37 10.52
O1 SO4 BA . -23.04 -2.60 10.43
O2 SO4 BA . -24.17 -1.07 11.91
O3 SO4 BA . -23.00 -0.29 9.97
O4 SO4 BA . -25.04 -1.50 9.76
S SO4 CA . -9.26 8.55 36.10
O1 SO4 CA . -8.73 8.46 34.76
O2 SO4 CA . -8.23 8.22 37.09
O3 SO4 CA . -9.72 9.92 36.34
O4 SO4 CA . -10.37 7.62 36.24
S SO4 DA . -41.64 -24.09 38.79
O1 SO4 DA . -41.34 -25.32 38.07
O2 SO4 DA . -40.92 -24.09 40.07
O3 SO4 DA . -41.24 -22.94 37.99
O4 SO4 DA . -43.07 -24.01 39.07
C1 GOL EA . 11.86 16.60 -42.19
O1 GOL EA . 11.39 15.37 -41.66
C2 GOL EA . 11.77 16.63 -43.71
O2 GOL EA . 10.43 16.52 -44.16
C3 GOL EA . 12.44 17.93 -44.17
O3 GOL EA . 12.77 17.96 -45.55
C1 GOL FA . 19.31 -40.37 -21.44
O1 GOL FA . 18.53 -39.20 -21.39
C2 GOL FA . 20.59 -40.07 -22.20
O2 GOL FA . 20.67 -38.67 -22.44
C3 GOL FA . 21.80 -40.56 -21.42
O3 GOL FA . 23.00 -40.11 -22.03
C1 GOL GA . 17.03 2.82 -46.70
O1 GOL GA . 17.26 1.85 -45.70
C2 GOL GA . 17.98 3.99 -46.47
O2 GOL GA . 19.08 3.54 -45.72
C3 GOL GA . 18.47 4.55 -47.80
O3 GOL GA . 19.53 5.45 -47.55
C1 GOL HA . 12.38 -10.19 -44.75
O1 GOL HA . 11.10 -9.62 -44.57
C2 GOL HA . 13.29 -9.89 -43.55
O2 GOL HA . 13.05 -10.78 -42.45
C3 GOL HA . 14.77 -9.95 -43.94
O3 GOL HA . 15.23 -8.85 -44.71
C1 GOL IA . 8.24 -4.81 -45.11
O1 GOL IA . 8.90 -3.74 -44.46
C2 GOL IA . 9.19 -5.65 -45.96
O2 GOL IA . 10.44 -5.01 -46.12
C3 GOL IA . 9.36 -7.03 -45.31
O3 GOL IA . 9.65 -8.02 -46.28
C1 GOL JA . 19.46 -29.30 -24.94
O1 GOL JA . 20.47 -30.03 -25.60
C2 GOL JA . 19.41 -27.88 -25.48
O2 GOL JA . 20.11 -27.81 -26.71
C3 GOL JA . 17.97 -27.46 -25.71
O3 GOL JA . 17.95 -26.10 -26.08
C1 GOL KA . 12.97 -18.22 -29.42
O1 GOL KA . 12.29 -19.39 -29.04
C2 GOL KA . 14.28 -18.63 -30.09
O2 GOL KA . 15.38 -18.07 -29.42
C3 GOL KA . 14.29 -18.19 -31.55
O3 GOL KA . 14.45 -19.35 -32.35
O1 MES LA . 20.73 -28.19 8.30
C2 MES LA . 21.77 -27.19 8.21
C3 MES LA . 22.84 -27.57 7.20
N4 MES LA . 22.14 -27.96 5.98
C5 MES LA . 21.07 -28.93 6.03
C6 MES LA . 20.94 -29.35 7.49
C7 MES LA . 22.48 -27.34 4.72
C8 MES LA . 22.78 -28.52 3.80
S MES LA . 22.94 -27.98 2.23
O1S MES LA . 21.66 -27.35 1.82
O2S MES LA . 24.02 -26.98 2.15
O3S MES LA . 23.26 -29.18 1.39
O1 MES MA . 6.17 18.34 -27.19
C2 MES MA . 6.31 19.76 -26.99
C3 MES MA . 7.54 20.13 -26.16
N4 MES MA . 8.65 19.47 -26.83
C5 MES MA . 8.59 18.04 -27.14
C6 MES MA . 7.23 17.57 -26.63
C7 MES MA . 9.81 20.22 -27.26
C8 MES MA . 10.74 20.30 -26.06
S MES MA . 12.21 20.82 -26.63
O1S MES MA . 12.70 19.88 -27.67
O2S MES MA . 12.07 22.15 -27.27
O3S MES MA . 13.17 20.87 -25.51
S SO4 NA . -5.95 -16.16 -7.92
O1 SO4 NA . -5.30 -17.09 -8.86
O2 SO4 NA . -5.11 -15.98 -6.74
O3 SO4 NA . -6.15 -14.88 -8.58
O4 SO4 NA . -7.25 -16.70 -7.54
S SO4 OA . -2.10 -10.90 -10.06
O1 SO4 OA . -1.35 -11.61 -11.09
O2 SO4 OA . -1.74 -11.42 -8.74
O3 SO4 OA . -1.76 -9.47 -10.11
O4 SO4 OA . -3.53 -11.07 -10.27
S SO4 PA . 11.50 -8.49 -59.40
O1 SO4 PA . 12.22 -9.70 -59.79
O2 SO4 PA . 11.37 -8.44 -57.95
O3 SO4 PA . 12.24 -7.33 -59.87
O4 SO4 PA . 10.17 -8.54 -59.99
S SO4 QA . 21.05 46.79 -22.92
O1 SO4 QA . 22.00 45.69 -22.73
O2 SO4 QA . 19.70 46.30 -22.67
O3 SO4 QA . 21.35 47.86 -21.97
O4 SO4 QA . 21.14 47.29 -24.28
S SO4 RA . 29.08 0.28 -35.00
O1 SO4 RA . 29.24 0.83 -36.34
O2 SO4 RA . 30.38 -0.06 -34.42
O3 SO4 RA . 28.42 1.30 -34.16
O4 SO4 RA . 28.25 -0.91 -35.09
S1 DTT SA . 26.77 -37.45 -3.91
C1 DTT SA . 26.75 -38.38 -2.35
C2 DTT SA . 25.89 -39.64 -2.40
O2 DTT SA . 24.83 -39.52 -1.50
C3 DTT SA . 26.68 -40.87 -2.01
O3 DTT SA . 25.89 -41.98 -2.33
C4 DTT SA . 27.92 -40.96 -2.87
S4 DTT SA . 27.69 -40.15 -4.47
C1 GOL TA . -21.71 -1.12 36.73
O1 GOL TA . -22.40 -1.56 35.58
C2 GOL TA . -21.14 0.27 36.45
O2 GOL TA . -21.52 1.14 37.50
C3 GOL TA . -19.63 0.23 36.26
O3 GOL TA . -18.97 -0.40 37.34
C1 GOL UA . 2.49 -29.01 32.34
O1 GOL UA . 3.49 -30.01 32.30
C2 GOL UA . 2.71 -28.12 33.56
O2 GOL UA . 2.41 -26.77 33.22
C3 GOL UA . 4.15 -28.23 34.06
O3 GOL UA . 4.22 -28.87 35.32
C1 GOL VA . -20.88 -5.66 56.16
O1 GOL VA . -22.13 -5.22 55.67
C2 GOL VA . -20.89 -7.16 56.43
O2 GOL VA . -21.99 -7.77 55.78
C3 GOL VA . -19.58 -7.75 55.92
O3 GOL VA . -19.48 -9.11 56.31
C1 GOL WA . 17.39 -2.63 9.49
O1 GOL WA . 17.40 -2.67 10.90
C2 GOL WA . 18.26 -3.76 8.92
O2 GOL WA . 18.69 -4.62 9.93
C3 GOL WA . 17.45 -4.54 7.88
O3 GOL WA . 18.00 -5.82 7.70
C1 GOL XA . -28.60 14.93 37.05
O1 GOL XA . -29.70 15.08 36.18
C2 GOL XA . -29.06 14.93 38.50
O2 GOL XA . -30.44 14.65 38.57
C3 GOL XA . -28.27 13.90 39.29
O3 GOL XA . -26.89 14.06 39.06
O1 MES YA . -22.57 19.52 13.09
C2 MES YA . -22.90 18.32 13.78
C3 MES YA . -24.41 18.08 13.86
N4 MES YA . -24.94 18.20 12.51
C5 MES YA . -24.50 19.30 11.66
C6 MES YA . -23.70 20.22 12.57
C7 MES YA . -25.89 17.22 11.99
C8 MES YA . -27.14 17.34 12.85
S MES YA . -28.44 16.52 12.18
O1S MES YA . -28.17 16.12 10.78
O2S MES YA . -28.71 15.32 13.00
O3S MES YA . -29.63 17.41 12.19
O1 MES ZA . -32.39 28.18 39.17
C2 MES ZA . -32.19 29.59 39.12
C3 MES ZA . -31.16 30.03 40.15
N4 MES ZA . -29.93 29.38 39.73
C5 MES ZA . -29.95 27.96 39.44
C6 MES ZA . -31.34 27.48 39.85
C7 MES ZA . -28.71 30.17 39.52
C8 MES ZA . -27.81 29.97 40.73
S MES ZA . -26.32 30.66 40.41
O1S MES ZA . -25.62 29.90 39.35
O2S MES ZA . -26.51 32.05 39.96
O3S MES ZA . -25.49 30.63 41.63
S SO4 AB . -20.09 21.34 54.46
O1 SO4 AB . -19.46 20.73 53.30
O2 SO4 AB . -19.64 20.68 55.68
O3 SO4 AB . -19.69 22.75 54.51
O4 SO4 AB . -21.55 21.23 54.39
S SO4 BB . -29.74 -0.82 34.67
O1 SO4 BB . -28.38 -1.09 35.11
O2 SO4 BB . -30.51 -2.06 34.65
O3 SO4 BB . -30.33 0.17 35.56
O4 SO4 BB . -29.70 -0.27 33.30
S SO4 CB . -22.58 -7.55 41.32
O1 SO4 CB . -22.09 -8.53 40.36
O2 SO4 CB . -22.11 -7.89 42.66
O3 SO4 CB . -22.10 -6.22 40.96
O4 SO4 CB . -24.05 -7.56 41.32
S SO4 DB . -28.86 14.06 5.87
O1 SO4 DB . -27.76 13.12 5.65
O2 SO4 DB . -29.85 13.45 6.76
O3 SO4 DB . -28.35 15.29 6.47
O4 SO4 DB . -29.49 14.36 4.58
#